data_6IGW
# 
_entry.id   6IGW 
# 
_audit_conform.dict_name       mmcif_pdbx.dic 
_audit_conform.dict_version    5.380 
_audit_conform.dict_location   http://mmcif.pdb.org/dictionaries/ascii/mmcif_pdbx.dic 
# 
loop_
_database_2.database_id 
_database_2.database_code 
_database_2.pdbx_database_accession 
_database_2.pdbx_DOI 
PDB   6IGW         pdb_00006igw 10.2210/pdb6igw/pdb 
WWPDB D_1300009168 ?            ?                   
# 
_pdbx_database_status.status_code                     REL 
_pdbx_database_status.status_code_sf                  REL 
_pdbx_database_status.status_code_mr                  ? 
_pdbx_database_status.entry_id                        6IGW 
_pdbx_database_status.recvd_initial_deposition_date   2018-09-26 
_pdbx_database_status.SG_entry                        N 
_pdbx_database_status.deposit_site                    PDBJ 
_pdbx_database_status.process_site                    PDBJ 
_pdbx_database_status.status_code_cs                  ? 
_pdbx_database_status.methods_development_category    ? 
_pdbx_database_status.pdb_format_compatible           Y 
_pdbx_database_status.status_code_nmr_data            ? 
# 
_audit_author.name               'Yu, T.' 
_audit_author.pdbx_ordinal       1 
_audit_author.identifier_ORCID   0000-0001-7468-3260 
# 
_citation.abstract                  ? 
_citation.abstract_id_CAS           ? 
_citation.book_id_ISBN              ? 
_citation.book_publisher            ? 
_citation.book_publisher_city       ? 
_citation.book_title                ? 
_citation.coordinate_linkage        ? 
_citation.country                   US 
_citation.database_id_Medline       ? 
_citation.details                   ? 
_citation.id                        primary 
_citation.journal_abbrev            'Biochem. Biophys. Res. Commun.' 
_citation.journal_id_ASTM           BBRCA9 
_citation.journal_id_CSD            0146 
_citation.journal_id_ISSN           1090-2104 
_citation.journal_full              ? 
_citation.journal_issue             ? 
_citation.journal_volume            506 
_citation.language                  ? 
_citation.page_first                883 
_citation.page_last                 890 
_citation.title                     
'Structural and biochemical studies of the extracellular domain of Myelin protein zero-like protein 1' 
_citation.year                      2018 
_citation.database_id_CSD           ? 
_citation.pdbx_database_id_DOI      10.1016/j.bbrc.2018.10.161 
_citation.pdbx_database_id_PubMed   30392906 
_citation.unpublished_flag          ? 
# 
loop_
_citation_author.citation_id 
_citation_author.name 
_citation_author.ordinal 
_citation_author.identifier_ORCID 
primary 'Yu, T.'    1 ? 
primary 'Liang, L.' 2 ? 
primary 'Zhao, X.'  3 ? 
primary 'Yin, Y.'   4 ? 
# 
_cell.angle_alpha                  90.00 
_cell.angle_alpha_esd              ? 
_cell.angle_beta                   90.00 
_cell.angle_beta_esd               ? 
_cell.angle_gamma                  90.00 
_cell.angle_gamma_esd              ? 
_cell.entry_id                     6IGW 
_cell.details                      ? 
_cell.formula_units_Z              ? 
_cell.length_a                     39.991 
_cell.length_a_esd                 ? 
_cell.length_b                     39.991 
_cell.length_b_esd                 ? 
_cell.length_c                     193.370 
_cell.length_c_esd                 ? 
_cell.volume                       ? 
_cell.volume_esd                   ? 
_cell.Z_PDB                        8 
_cell.reciprocal_angle_alpha       ? 
_cell.reciprocal_angle_beta        ? 
_cell.reciprocal_angle_gamma       ? 
_cell.reciprocal_angle_alpha_esd   ? 
_cell.reciprocal_angle_beta_esd    ? 
_cell.reciprocal_angle_gamma_esd   ? 
_cell.reciprocal_length_a          ? 
_cell.reciprocal_length_b          ? 
_cell.reciprocal_length_c          ? 
_cell.reciprocal_length_a_esd      ? 
_cell.reciprocal_length_b_esd      ? 
_cell.reciprocal_length_c_esd      ? 
_cell.pdbx_unique_axis             ? 
# 
_symmetry.entry_id                         6IGW 
_symmetry.cell_setting                     ? 
_symmetry.Int_Tables_number                92 
_symmetry.space_group_name_Hall            ? 
_symmetry.space_group_name_H-M             'P 41 21 2' 
_symmetry.pdbx_full_space_group_name_H-M   ? 
# 
loop_
_entity.id 
_entity.type 
_entity.src_method 
_entity.pdbx_description 
_entity.formula_weight 
_entity.pdbx_number_of_molecules 
_entity.pdbx_ec 
_entity.pdbx_mutation 
_entity.pdbx_fragment 
_entity.details 
1 polymer man 'Myelin protein zero-like protein 1' 15182.973 1  ? S86G,V145G,Q146K,P147T,G148S 'UNP residues 36-162' ? 
2 water   nat water                                18.015    44 ? ?                            ?                     ? 
# 
_entity_name_com.entity_id   1 
_entity_name_com.name        'Protein zero-related' 
# 
_entity_poly.entity_id                      1 
_entity_poly.type                           'polypeptide(L)' 
_entity_poly.nstd_linkage                   no 
_entity_poly.nstd_monomer                   no 
_entity_poly.pdbx_seq_one_letter_code       
;SALEVYTPKEIFVANGTQGKLTCKFKSTSTTGGLTSVSWSFQPEGADTTVGFFHYSQGQVYLGNYPPFKDRISWAGDLDK
KDASINIENMQFIHNGTYICDVKNPPDIVGKTSHIRLYVVEKENLPVLEHHHHHH
;
_entity_poly.pdbx_seq_one_letter_code_can   
;SALEVYTPKEIFVANGTQGKLTCKFKSTSTTGGLTSVSWSFQPEGADTTVGFFHYSQGQVYLGNYPPFKDRISWAGDLDK
KDASINIENMQFIHNGTYICDVKNPPDIVGKTSHIRLYVVEKENLPVLEHHHHHH
;
_entity_poly.pdbx_strand_id                 A 
_entity_poly.pdbx_target_identifier         ? 
# 
loop_
_entity_poly_seq.entity_id 
_entity_poly_seq.num 
_entity_poly_seq.mon_id 
_entity_poly_seq.hetero 
1 1   SER n 
1 2   ALA n 
1 3   LEU n 
1 4   GLU n 
1 5   VAL n 
1 6   TYR n 
1 7   THR n 
1 8   PRO n 
1 9   LYS n 
1 10  GLU n 
1 11  ILE n 
1 12  PHE n 
1 13  VAL n 
1 14  ALA n 
1 15  ASN n 
1 16  GLY n 
1 17  THR n 
1 18  GLN n 
1 19  GLY n 
1 20  LYS n 
1 21  LEU n 
1 22  THR n 
1 23  CYS n 
1 24  LYS n 
1 25  PHE n 
1 26  LYS n 
1 27  SER n 
1 28  THR n 
1 29  SER n 
1 30  THR n 
1 31  THR n 
1 32  GLY n 
1 33  GLY n 
1 34  LEU n 
1 35  THR n 
1 36  SER n 
1 37  VAL n 
1 38  SER n 
1 39  TRP n 
1 40  SER n 
1 41  PHE n 
1 42  GLN n 
1 43  PRO n 
1 44  GLU n 
1 45  GLY n 
1 46  ALA n 
1 47  ASP n 
1 48  THR n 
1 49  THR n 
1 50  VAL n 
1 51  GLY n 
1 52  PHE n 
1 53  PHE n 
1 54  HIS n 
1 55  TYR n 
1 56  SER n 
1 57  GLN n 
1 58  GLY n 
1 59  GLN n 
1 60  VAL n 
1 61  TYR n 
1 62  LEU n 
1 63  GLY n 
1 64  ASN n 
1 65  TYR n 
1 66  PRO n 
1 67  PRO n 
1 68  PHE n 
1 69  LYS n 
1 70  ASP n 
1 71  ARG n 
1 72  ILE n 
1 73  SER n 
1 74  TRP n 
1 75  ALA n 
1 76  GLY n 
1 77  ASP n 
1 78  LEU n 
1 79  ASP n 
1 80  LYS n 
1 81  LYS n 
1 82  ASP n 
1 83  ALA n 
1 84  SER n 
1 85  ILE n 
1 86  ASN n 
1 87  ILE n 
1 88  GLU n 
1 89  ASN n 
1 90  MET n 
1 91  GLN n 
1 92  PHE n 
1 93  ILE n 
1 94  HIS n 
1 95  ASN n 
1 96  GLY n 
1 97  THR n 
1 98  TYR n 
1 99  ILE n 
1 100 CYS n 
1 101 ASP n 
1 102 VAL n 
1 103 LYS n 
1 104 ASN n 
1 105 PRO n 
1 106 PRO n 
1 107 ASP n 
1 108 ILE n 
1 109 VAL n 
1 110 GLY n 
1 111 LYS n 
1 112 THR n 
1 113 SER n 
1 114 HIS n 
1 115 ILE n 
1 116 ARG n 
1 117 LEU n 
1 118 TYR n 
1 119 VAL n 
1 120 VAL n 
1 121 GLU n 
1 122 LYS n 
1 123 GLU n 
1 124 ASN n 
1 125 LEU n 
1 126 PRO n 
1 127 VAL n 
1 128 LEU n 
1 129 GLU n 
1 130 HIS n 
1 131 HIS n 
1 132 HIS n 
1 133 HIS n 
1 134 HIS n 
1 135 HIS n 
# 
_entity_src_gen.entity_id                          1 
_entity_src_gen.pdbx_src_id                        1 
_entity_src_gen.pdbx_alt_source_flag               sample 
_entity_src_gen.pdbx_seq_type                      'Biological sequence' 
_entity_src_gen.pdbx_beg_seq_num                   1 
_entity_src_gen.pdbx_end_seq_num                   135 
_entity_src_gen.gene_src_common_name               Human 
_entity_src_gen.gene_src_genus                     ? 
_entity_src_gen.pdbx_gene_src_gene                 MPZL1 
_entity_src_gen.gene_src_species                   ? 
_entity_src_gen.gene_src_strain                    ? 
_entity_src_gen.gene_src_tissue                    ? 
_entity_src_gen.gene_src_tissue_fraction           ? 
_entity_src_gen.gene_src_details                   ? 
_entity_src_gen.pdbx_gene_src_fragment             ? 
_entity_src_gen.pdbx_gene_src_scientific_name      'Homo sapiens' 
_entity_src_gen.pdbx_gene_src_ncbi_taxonomy_id     9606 
_entity_src_gen.pdbx_gene_src_variant              ? 
_entity_src_gen.pdbx_gene_src_cell_line            ? 
_entity_src_gen.pdbx_gene_src_atcc                 ? 
_entity_src_gen.pdbx_gene_src_organ                ? 
_entity_src_gen.pdbx_gene_src_organelle            ? 
_entity_src_gen.pdbx_gene_src_cell                 ? 
_entity_src_gen.pdbx_gene_src_cellular_location    ? 
_entity_src_gen.host_org_common_name               ? 
_entity_src_gen.pdbx_host_org_scientific_name      'Escherichia coli BL21(DE3)' 
_entity_src_gen.pdbx_host_org_ncbi_taxonomy_id     469008 
_entity_src_gen.host_org_genus                     ? 
_entity_src_gen.pdbx_host_org_gene                 ? 
_entity_src_gen.pdbx_host_org_organ                ? 
_entity_src_gen.host_org_species                   ? 
_entity_src_gen.pdbx_host_org_tissue               ? 
_entity_src_gen.pdbx_host_org_tissue_fraction      ? 
_entity_src_gen.pdbx_host_org_strain               'BL21(DE3)' 
_entity_src_gen.pdbx_host_org_variant              ? 
_entity_src_gen.pdbx_host_org_cell_line            ? 
_entity_src_gen.pdbx_host_org_atcc                 ? 
_entity_src_gen.pdbx_host_org_culture_collection   ? 
_entity_src_gen.pdbx_host_org_cell                 ? 
_entity_src_gen.pdbx_host_org_organelle            ? 
_entity_src_gen.pdbx_host_org_cellular_location    ? 
_entity_src_gen.pdbx_host_org_vector_type          ? 
_entity_src_gen.pdbx_host_org_vector               ? 
_entity_src_gen.host_org_details                   ? 
_entity_src_gen.expression_system_id               ? 
_entity_src_gen.plasmid_name                       ? 
_entity_src_gen.plasmid_details                    ? 
_entity_src_gen.pdbx_description                   ? 
# 
_struct_ref.id                         1 
_struct_ref.db_name                    UNP 
_struct_ref.db_code                    MPZL1_HUMAN 
_struct_ref.pdbx_db_accession          O95297 
_struct_ref.pdbx_db_isoform            ? 
_struct_ref.entity_id                  1 
_struct_ref.pdbx_seq_one_letter_code   
;SALEVYTPKEIFVANGTQGKLTCKFKSTSTTGGLTSVSWSFQPEGADTTVSFFHYSQGQVYLGNYPPFKDRISWAGDLDK
KDASINIENMQFIHNGTYICDVKNPPDIVVQPGHIRLYVVEKENLPV
;
_struct_ref.pdbx_align_begin           36 
# 
_struct_ref_seq.align_id                      1 
_struct_ref_seq.ref_id                        1 
_struct_ref_seq.pdbx_PDB_id_code              6IGW 
_struct_ref_seq.pdbx_strand_id                A 
_struct_ref_seq.seq_align_beg                 1 
_struct_ref_seq.pdbx_seq_align_beg_ins_code   ? 
_struct_ref_seq.seq_align_end                 127 
_struct_ref_seq.pdbx_seq_align_end_ins_code   ? 
_struct_ref_seq.pdbx_db_accession             O95297 
_struct_ref_seq.db_align_beg                  36 
_struct_ref_seq.pdbx_db_align_beg_ins_code    ? 
_struct_ref_seq.db_align_end                  162 
_struct_ref_seq.pdbx_db_align_end_ins_code    ? 
_struct_ref_seq.pdbx_auth_seq_align_beg       36 
_struct_ref_seq.pdbx_auth_seq_align_end       162 
# 
loop_
_struct_ref_seq_dif.align_id 
_struct_ref_seq_dif.pdbx_pdb_id_code 
_struct_ref_seq_dif.mon_id 
_struct_ref_seq_dif.pdbx_pdb_strand_id 
_struct_ref_seq_dif.seq_num 
_struct_ref_seq_dif.pdbx_pdb_ins_code 
_struct_ref_seq_dif.pdbx_seq_db_name 
_struct_ref_seq_dif.pdbx_seq_db_accession_code 
_struct_ref_seq_dif.db_mon_id 
_struct_ref_seq_dif.pdbx_seq_db_seq_num 
_struct_ref_seq_dif.details 
_struct_ref_seq_dif.pdbx_auth_seq_num 
_struct_ref_seq_dif.pdbx_ordinal 
1 6IGW GLY A 51  ? UNP O95297 SER 86  'engineered mutation' 86  1  
1 6IGW GLY A 110 ? UNP O95297 VAL 145 'engineered mutation' 145 2  
1 6IGW LYS A 111 ? UNP O95297 GLN 146 'engineered mutation' 146 3  
1 6IGW THR A 112 ? UNP O95297 PRO 147 'engineered mutation' 147 4  
1 6IGW SER A 113 ? UNP O95297 GLY 148 'engineered mutation' 148 5  
1 6IGW LEU A 128 ? UNP O95297 ?   ?   'expression tag'      163 6  
1 6IGW GLU A 129 ? UNP O95297 ?   ?   'expression tag'      164 7  
1 6IGW HIS A 130 ? UNP O95297 ?   ?   'expression tag'      165 8  
1 6IGW HIS A 131 ? UNP O95297 ?   ?   'expression tag'      166 9  
1 6IGW HIS A 132 ? UNP O95297 ?   ?   'expression tag'      167 10 
1 6IGW HIS A 133 ? UNP O95297 ?   ?   'expression tag'      168 11 
1 6IGW HIS A 134 ? UNP O95297 ?   ?   'expression tag'      169 12 
1 6IGW HIS A 135 ? UNP O95297 ?   ?   'expression tag'      170 13 
# 
loop_
_chem_comp.id 
_chem_comp.type 
_chem_comp.mon_nstd_flag 
_chem_comp.name 
_chem_comp.pdbx_synonyms 
_chem_comp.formula 
_chem_comp.formula_weight 
ALA 'L-peptide linking' y ALANINE         ? 'C3 H7 N O2'     89.093  
ARG 'L-peptide linking' y ARGININE        ? 'C6 H15 N4 O2 1' 175.209 
ASN 'L-peptide linking' y ASPARAGINE      ? 'C4 H8 N2 O3'    132.118 
ASP 'L-peptide linking' y 'ASPARTIC ACID' ? 'C4 H7 N O4'     133.103 
CYS 'L-peptide linking' y CYSTEINE        ? 'C3 H7 N O2 S'   121.158 
GLN 'L-peptide linking' y GLUTAMINE       ? 'C5 H10 N2 O3'   146.144 
GLU 'L-peptide linking' y 'GLUTAMIC ACID' ? 'C5 H9 N O4'     147.129 
GLY 'peptide linking'   y GLYCINE         ? 'C2 H5 N O2'     75.067  
HIS 'L-peptide linking' y HISTIDINE       ? 'C6 H10 N3 O2 1' 156.162 
HOH non-polymer         . WATER           ? 'H2 O'           18.015  
ILE 'L-peptide linking' y ISOLEUCINE      ? 'C6 H13 N O2'    131.173 
LEU 'L-peptide linking' y LEUCINE         ? 'C6 H13 N O2'    131.173 
LYS 'L-peptide linking' y LYSINE          ? 'C6 H15 N2 O2 1' 147.195 
MET 'L-peptide linking' y METHIONINE      ? 'C5 H11 N O2 S'  149.211 
PHE 'L-peptide linking' y PHENYLALANINE   ? 'C9 H11 N O2'    165.189 
PRO 'L-peptide linking' y PROLINE         ? 'C5 H9 N O2'     115.130 
SER 'L-peptide linking' y SERINE          ? 'C3 H7 N O3'     105.093 
THR 'L-peptide linking' y THREONINE       ? 'C4 H9 N O3'     119.119 
TRP 'L-peptide linking' y TRYPTOPHAN      ? 'C11 H12 N2 O2'  204.225 
TYR 'L-peptide linking' y TYROSINE        ? 'C9 H11 N O3'    181.189 
VAL 'L-peptide linking' y VALINE          ? 'C5 H11 N O2'    117.146 
# 
_exptl.absorpt_coefficient_mu     ? 
_exptl.absorpt_correction_T_max   ? 
_exptl.absorpt_correction_T_min   ? 
_exptl.absorpt_correction_type    ? 
_exptl.absorpt_process_details    ? 
_exptl.entry_id                   6IGW 
_exptl.crystals_number            1 
_exptl.details                    ? 
_exptl.method                     'X-RAY DIFFRACTION' 
_exptl.method_details             ? 
# 
_exptl_crystal.colour                      ? 
_exptl_crystal.density_diffrn              ? 
_exptl_crystal.density_Matthews            2.55 
_exptl_crystal.density_method              ? 
_exptl_crystal.density_percent_sol         56.45 
_exptl_crystal.description                 ? 
_exptl_crystal.F_000                       ? 
_exptl_crystal.id                          1 
_exptl_crystal.preparation                 ? 
_exptl_crystal.size_max                    ? 
_exptl_crystal.size_mid                    ? 
_exptl_crystal.size_min                    ? 
_exptl_crystal.size_rad                    ? 
_exptl_crystal.colour_lustre               ? 
_exptl_crystal.colour_modifier             ? 
_exptl_crystal.colour_primary              ? 
_exptl_crystal.density_meas                ? 
_exptl_crystal.density_meas_esd            ? 
_exptl_crystal.density_meas_gt             ? 
_exptl_crystal.density_meas_lt             ? 
_exptl_crystal.density_meas_temp           ? 
_exptl_crystal.density_meas_temp_esd       ? 
_exptl_crystal.density_meas_temp_gt        ? 
_exptl_crystal.density_meas_temp_lt        ? 
_exptl_crystal.pdbx_crystal_image_url      ? 
_exptl_crystal.pdbx_crystal_image_format   ? 
_exptl_crystal.pdbx_mosaicity              ? 
_exptl_crystal.pdbx_mosaicity_esd          ? 
# 
_exptl_crystal_grow.apparatus       ? 
_exptl_crystal_grow.atmosphere      ? 
_exptl_crystal_grow.crystal_id      1 
_exptl_crystal_grow.details         ? 
_exptl_crystal_grow.method          'VAPOR DIFFUSION' 
_exptl_crystal_grow.method_ref      ? 
_exptl_crystal_grow.pH              ? 
_exptl_crystal_grow.pressure        ? 
_exptl_crystal_grow.pressure_esd    ? 
_exptl_crystal_grow.seeding         ? 
_exptl_crystal_grow.seeding_ref     ? 
_exptl_crystal_grow.temp            293 
_exptl_crystal_grow.temp_details    ? 
_exptl_crystal_grow.temp_esd        ? 
_exptl_crystal_grow.time            ? 
_exptl_crystal_grow.pdbx_details    '20mM Tris-HCl pH 8.5, 1M Li2SO4, 1.8%(w/v) PEG8000' 
_exptl_crystal_grow.pdbx_pH_range   ? 
# 
_diffrn.ambient_environment              ? 
_diffrn.ambient_temp                     100 
_diffrn.ambient_temp_details             ? 
_diffrn.ambient_temp_esd                 ? 
_diffrn.crystal_id                       1 
_diffrn.crystal_support                  ? 
_diffrn.crystal_treatment                ? 
_diffrn.details                          ? 
_diffrn.id                               1 
_diffrn.ambient_pressure                 ? 
_diffrn.ambient_pressure_esd             ? 
_diffrn.ambient_pressure_gt              ? 
_diffrn.ambient_pressure_lt              ? 
_diffrn.ambient_temp_gt                  ? 
_diffrn.ambient_temp_lt                  ? 
_diffrn.pdbx_serial_crystal_experiment   N 
# 
_diffrn_detector.details                      ? 
_diffrn_detector.detector                     PIXEL 
_diffrn_detector.diffrn_id                    1 
_diffrn_detector.type                         'DECTRIS PILATUS 6M' 
_diffrn_detector.area_resol_mean              ? 
_diffrn_detector.dtime                        ? 
_diffrn_detector.pdbx_frames_total            ? 
_diffrn_detector.pdbx_collection_time_total   ? 
_diffrn_detector.pdbx_collection_date         2017-11-04 
_diffrn_detector.pdbx_frequency               ? 
# 
_diffrn_radiation.collimation                      ? 
_diffrn_radiation.diffrn_id                        1 
_diffrn_radiation.filter_edge                      ? 
_diffrn_radiation.inhomogeneity                    ? 
_diffrn_radiation.monochromator                    ? 
_diffrn_radiation.polarisn_norm                    ? 
_diffrn_radiation.polarisn_ratio                   ? 
_diffrn_radiation.probe                            ? 
_diffrn_radiation.type                             ? 
_diffrn_radiation.xray_symbol                      ? 
_diffrn_radiation.wavelength_id                    1 
_diffrn_radiation.pdbx_monochromatic_or_laue_m_l   M 
_diffrn_radiation.pdbx_wavelength_list             ? 
_diffrn_radiation.pdbx_wavelength                  ? 
_diffrn_radiation.pdbx_diffrn_protocol             'SINGLE WAVELENGTH' 
_diffrn_radiation.pdbx_analyzer                    ? 
_diffrn_radiation.pdbx_scattering_type             x-ray 
# 
_diffrn_radiation_wavelength.id           1 
_diffrn_radiation_wavelength.wavelength   0.9785 
_diffrn_radiation_wavelength.wt           1.0 
# 
_diffrn_source.current                     ? 
_diffrn_source.details                     ? 
_diffrn_source.diffrn_id                   1 
_diffrn_source.power                       ? 
_diffrn_source.size                        ? 
_diffrn_source.source                      SYNCHROTRON 
_diffrn_source.target                      ? 
_diffrn_source.type                        'SSRF BEAMLINE BL19U1' 
_diffrn_source.voltage                     ? 
_diffrn_source.take-off_angle              ? 
_diffrn_source.pdbx_wavelength_list        0.9785 
_diffrn_source.pdbx_wavelength             ? 
_diffrn_source.pdbx_synchrotron_beamline   BL19U1 
_diffrn_source.pdbx_synchrotron_site       SSRF 
# 
_reflns.B_iso_Wilson_estimate            ? 
_reflns.entry_id                         6IGW 
_reflns.data_reduction_details           ? 
_reflns.data_reduction_method            ? 
_reflns.d_resolution_high                1.979 
_reflns.d_resolution_low                 50 
_reflns.details                          ? 
_reflns.limit_h_max                      ? 
_reflns.limit_h_min                      ? 
_reflns.limit_k_max                      ? 
_reflns.limit_k_min                      ? 
_reflns.limit_l_max                      ? 
_reflns.limit_l_min                      ? 
_reflns.number_all                       ? 
_reflns.number_obs                       10881 
_reflns.observed_criterion               ? 
_reflns.observed_criterion_F_max         ? 
_reflns.observed_criterion_F_min         ? 
_reflns.observed_criterion_I_max         ? 
_reflns.observed_criterion_I_min         ? 
_reflns.observed_criterion_sigma_F       ? 
_reflns.observed_criterion_sigma_I       ? 
_reflns.percent_possible_obs             99.8 
_reflns.R_free_details                   ? 
_reflns.Rmerge_F_all                     ? 
_reflns.Rmerge_F_obs                     ? 
_reflns.Friedel_coverage                 ? 
_reflns.number_gt                        ? 
_reflns.threshold_expression             ? 
_reflns.pdbx_redundancy                  11.7 
_reflns.pdbx_Rmerge_I_obs                ? 
_reflns.pdbx_Rmerge_I_all                ? 
_reflns.pdbx_Rsym_value                  ? 
_reflns.pdbx_netI_over_av_sigmaI         ? 
_reflns.pdbx_netI_over_sigmaI            20.28 
_reflns.pdbx_res_netI_over_av_sigmaI_2   ? 
_reflns.pdbx_res_netI_over_sigmaI_2      ? 
_reflns.pdbx_chi_squared                 ? 
_reflns.pdbx_scaling_rejects             ? 
_reflns.pdbx_d_res_high_opt              ? 
_reflns.pdbx_d_res_low_opt               ? 
_reflns.pdbx_d_res_opt_method            ? 
_reflns.phase_calculation_details        ? 
_reflns.pdbx_Rrim_I_all                  ? 
_reflns.pdbx_Rpim_I_all                  0.028 
_reflns.pdbx_d_opt                       ? 
_reflns.pdbx_number_measured_all         ? 
_reflns.pdbx_diffrn_id                   1 
_reflns.pdbx_ordinal                     1 
_reflns.pdbx_CC_half                     ? 
_reflns.pdbx_R_split                     ? 
# 
_reflns_shell.d_res_high                  1.979 
_reflns_shell.d_res_low                   2.03 
_reflns_shell.meanI_over_sigI_all         ? 
_reflns_shell.meanI_over_sigI_obs         ? 
_reflns_shell.number_measured_all         ? 
_reflns_shell.number_measured_obs         ? 
_reflns_shell.number_possible             ? 
_reflns_shell.number_unique_all           ? 
_reflns_shell.number_unique_obs           561 
_reflns_shell.percent_possible_all        ? 
_reflns_shell.percent_possible_obs        ? 
_reflns_shell.Rmerge_F_all                ? 
_reflns_shell.Rmerge_F_obs                ? 
_reflns_shell.Rmerge_I_all                ? 
_reflns_shell.Rmerge_I_obs                ? 
_reflns_shell.meanI_over_sigI_gt          ? 
_reflns_shell.meanI_over_uI_all           ? 
_reflns_shell.meanI_over_uI_gt            ? 
_reflns_shell.number_measured_gt          ? 
_reflns_shell.number_unique_gt            ? 
_reflns_shell.percent_possible_gt         ? 
_reflns_shell.Rmerge_F_gt                 ? 
_reflns_shell.Rmerge_I_gt                 ? 
_reflns_shell.pdbx_redundancy             ? 
_reflns_shell.pdbx_Rsym_value             ? 
_reflns_shell.pdbx_chi_squared            ? 
_reflns_shell.pdbx_netI_over_sigmaI_all   ? 
_reflns_shell.pdbx_netI_over_sigmaI_obs   ? 
_reflns_shell.pdbx_Rrim_I_all             ? 
_reflns_shell.pdbx_Rpim_I_all             0.209 
_reflns_shell.pdbx_rejects                ? 
_reflns_shell.pdbx_ordinal                1 
_reflns_shell.pdbx_diffrn_id              1 
_reflns_shell.pdbx_CC_half                ? 
_reflns_shell.pdbx_R_split                ? 
# 
_refine.aniso_B[1][1]                            ? 
_refine.aniso_B[1][2]                            ? 
_refine.aniso_B[1][3]                            ? 
_refine.aniso_B[2][2]                            ? 
_refine.aniso_B[2][3]                            ? 
_refine.aniso_B[3][3]                            ? 
_refine.B_iso_max                                ? 
_refine.B_iso_mean                               ? 
_refine.B_iso_min                                ? 
_refine.correlation_coeff_Fo_to_Fc               ? 
_refine.correlation_coeff_Fo_to_Fc_free          ? 
_refine.details                                  ? 
_refine.diff_density_max                         ? 
_refine.diff_density_max_esd                     ? 
_refine.diff_density_min                         ? 
_refine.diff_density_min_esd                     ? 
_refine.diff_density_rms                         ? 
_refine.diff_density_rms_esd                     ? 
_refine.entry_id                                 6IGW 
_refine.pdbx_refine_id                           'X-RAY DIFFRACTION' 
_refine.ls_abs_structure_details                 ? 
_refine.ls_abs_structure_Flack                   ? 
_refine.ls_abs_structure_Flack_esd               ? 
_refine.ls_abs_structure_Rogers                  ? 
_refine.ls_abs_structure_Rogers_esd              ? 
_refine.ls_d_res_high                            1.979 
_refine.ls_d_res_low                             36.955 
_refine.ls_extinction_coef                       ? 
_refine.ls_extinction_coef_esd                   ? 
_refine.ls_extinction_expression                 ? 
_refine.ls_extinction_method                     ? 
_refine.ls_goodness_of_fit_all                   ? 
_refine.ls_goodness_of_fit_all_esd               ? 
_refine.ls_goodness_of_fit_obs                   ? 
_refine.ls_goodness_of_fit_obs_esd               ? 
_refine.ls_hydrogen_treatment                    ? 
_refine.ls_matrix_type                           ? 
_refine.ls_number_constraints                    ? 
_refine.ls_number_parameters                     ? 
_refine.ls_number_reflns_all                     ? 
_refine.ls_number_reflns_obs                     10880 
_refine.ls_number_reflns_R_free                  541 
_refine.ls_number_reflns_R_work                  ? 
_refine.ls_number_restraints                     ? 
_refine.ls_percent_reflns_obs                    92.20 
_refine.ls_percent_reflns_R_free                 4.97 
_refine.ls_R_factor_all                          ? 
_refine.ls_R_factor_obs                          0.2413 
_refine.ls_R_factor_R_free                       0.2472 
_refine.ls_R_factor_R_free_error                 ? 
_refine.ls_R_factor_R_free_error_details         ? 
_refine.ls_R_factor_R_work                       0.2410 
_refine.ls_R_Fsqd_factor_obs                     ? 
_refine.ls_R_I_factor_obs                        ? 
_refine.ls_redundancy_reflns_all                 ? 
_refine.ls_redundancy_reflns_obs                 ? 
_refine.ls_restrained_S_all                      ? 
_refine.ls_restrained_S_obs                      ? 
_refine.ls_shift_over_esd_max                    ? 
_refine.ls_shift_over_esd_mean                   ? 
_refine.ls_structure_factor_coef                 ? 
_refine.ls_weighting_details                     ? 
_refine.ls_weighting_scheme                      ? 
_refine.ls_wR_factor_all                         ? 
_refine.ls_wR_factor_obs                         ? 
_refine.ls_wR_factor_R_free                      ? 
_refine.ls_wR_factor_R_work                      ? 
_refine.occupancy_max                            ? 
_refine.occupancy_min                            ? 
_refine.solvent_model_details                    ? 
_refine.solvent_model_param_bsol                 ? 
_refine.solvent_model_param_ksol                 ? 
_refine.ls_R_factor_gt                           ? 
_refine.ls_goodness_of_fit_gt                    ? 
_refine.ls_goodness_of_fit_ref                   ? 
_refine.ls_shift_over_su_max                     ? 
_refine.ls_shift_over_su_max_lt                  ? 
_refine.ls_shift_over_su_mean                    ? 
_refine.ls_shift_over_su_mean_lt                 ? 
_refine.pdbx_ls_sigma_I                          ? 
_refine.pdbx_ls_sigma_F                          1.37 
_refine.pdbx_ls_sigma_Fsqd                       ? 
_refine.pdbx_data_cutoff_high_absF               ? 
_refine.pdbx_data_cutoff_high_rms_absF           ? 
_refine.pdbx_data_cutoff_low_absF                ? 
_refine.pdbx_isotropic_thermal_model             ? 
_refine.pdbx_ls_cross_valid_method               'FREE R-VALUE' 
_refine.pdbx_method_to_determine_struct          'MOLECULAR REPLACEMENT' 
_refine.pdbx_starting_model                      3OAI 
_refine.pdbx_stereochemistry_target_values       ? 
_refine.pdbx_R_Free_selection_details            ? 
_refine.pdbx_stereochem_target_val_spec_case     ? 
_refine.pdbx_overall_ESU_R                       ? 
_refine.pdbx_overall_ESU_R_Free                  ? 
_refine.pdbx_solvent_vdw_probe_radii             1.11 
_refine.pdbx_solvent_ion_probe_radii             ? 
_refine.pdbx_solvent_shrinkage_radii             0.90 
_refine.pdbx_real_space_R                        ? 
_refine.pdbx_density_correlation                 ? 
_refine.pdbx_pd_number_of_powder_patterns        ? 
_refine.pdbx_pd_number_of_points                 ? 
_refine.pdbx_pd_meas_number_of_points            ? 
_refine.pdbx_pd_proc_ls_prof_R_factor            ? 
_refine.pdbx_pd_proc_ls_prof_wR_factor           ? 
_refine.pdbx_pd_Marquardt_correlation_coeff      ? 
_refine.pdbx_pd_Fsqrd_R_factor                   ? 
_refine.pdbx_pd_ls_matrix_band_width             ? 
_refine.pdbx_overall_phase_error                 28.60 
_refine.pdbx_overall_SU_R_free_Cruickshank_DPI   ? 
_refine.pdbx_overall_SU_R_free_Blow_DPI          ? 
_refine.pdbx_overall_SU_R_Blow_DPI               ? 
_refine.pdbx_TLS_residual_ADP_flag               ? 
_refine.pdbx_diffrn_id                           1 
_refine.overall_SU_B                             ? 
_refine.overall_SU_ML                            0.27 
_refine.overall_SU_R_Cruickshank_DPI             ? 
_refine.overall_SU_R_free                        ? 
_refine.overall_FOM_free_R_set                   ? 
_refine.overall_FOM_work_R_set                   ? 
_refine.pdbx_average_fsc_overall                 ? 
_refine.pdbx_average_fsc_work                    ? 
_refine.pdbx_average_fsc_free                    ? 
# 
_refine_hist.pdbx_refine_id                   'X-RAY DIFFRACTION' 
_refine_hist.cycle_id                         LAST 
_refine_hist.pdbx_number_atoms_protein        941 
_refine_hist.pdbx_number_atoms_nucleic_acid   0 
_refine_hist.pdbx_number_atoms_ligand         0 
_refine_hist.number_atoms_solvent             44 
_refine_hist.number_atoms_total               985 
_refine_hist.d_res_high                       1.979 
_refine_hist.d_res_low                        36.955 
# 
loop_
_refine_ls_restr.pdbx_refine_id 
_refine_ls_restr.criterion 
_refine_ls_restr.dev_ideal 
_refine_ls_restr.dev_ideal_target 
_refine_ls_restr.number 
_refine_ls_restr.rejects 
_refine_ls_restr.type 
_refine_ls_restr.weight 
_refine_ls_restr.pdbx_restraint_function 
'X-RAY DIFFRACTION' ? 0.011  ? 965  ? f_bond_d           ? ? 
'X-RAY DIFFRACTION' ? 1.209  ? 1307 ? f_angle_d          ? ? 
'X-RAY DIFFRACTION' ? 22.715 ? 346  ? f_dihedral_angle_d ? ? 
'X-RAY DIFFRACTION' ? 0.095  ? 141  ? f_chiral_restr     ? ? 
'X-RAY DIFFRACTION' ? 0.016  ? 167  ? f_plane_restr      ? ? 
# 
loop_
_refine_ls_shell.pdbx_refine_id 
_refine_ls_shell.d_res_high 
_refine_ls_shell.d_res_low 
_refine_ls_shell.number_reflns_all 
_refine_ls_shell.number_reflns_obs 
_refine_ls_shell.number_reflns_R_free 
_refine_ls_shell.number_reflns_R_work 
_refine_ls_shell.percent_reflns_obs 
_refine_ls_shell.percent_reflns_R_free 
_refine_ls_shell.R_factor_all 
_refine_ls_shell.R_factor_obs 
_refine_ls_shell.R_factor_R_free 
_refine_ls_shell.R_factor_R_free_error 
_refine_ls_shell.R_factor_R_work 
_refine_ls_shell.redundancy_reflns_all 
_refine_ls_shell.redundancy_reflns_obs 
_refine_ls_shell.wR_factor_all 
_refine_ls_shell.wR_factor_obs 
_refine_ls_shell.wR_factor_R_free 
_refine_ls_shell.wR_factor_R_work 
_refine_ls_shell.pdbx_total_number_of_bins_used 
_refine_ls_shell.pdbx_phase_error 
_refine_ls_shell.pdbx_fsc_work 
_refine_ls_shell.pdbx_fsc_free 
'X-RAY DIFFRACTION' 1.9793 2.1785  . . 89  1879 69.00  . . . 0.3289 . 0.2805 . . . . . . . . . . 
'X-RAY DIFFRACTION' 2.1785 2.4937  . . 146 2717 100.00 . . . 0.2997 . 0.2759 . . . . . . . . . . 
'X-RAY DIFFRACTION' 2.4937 3.1415  . . 140 2786 100.00 . . . 0.2864 . 0.2575 . . . . . . . . . . 
'X-RAY DIFFRACTION' 3.1415 36.9610 . . 166 2957 99.00  . . . 0.2063 . 0.2156 . . . . . . . . . . 
# 
_struct.entry_id                     6IGW 
_struct.title                        'MPZL1 mutant - S86G, V145G, Q146K,P147T,G148S' 
_struct.pdbx_model_details           ? 
_struct.pdbx_formula_weight          ? 
_struct.pdbx_formula_weight_method   ? 
_struct.pdbx_model_type_details      ? 
_struct.pdbx_CASP_flag               N 
# 
_struct_keywords.entry_id        6IGW 
_struct_keywords.text            'receptor, glycoprotein, transmembrane, immunoglobulin, MEMBRANE PROTEIN' 
_struct_keywords.pdbx_keywords   'MEMBRANE PROTEIN' 
# 
loop_
_struct_asym.id 
_struct_asym.pdbx_blank_PDB_chainid_flag 
_struct_asym.pdbx_modified 
_struct_asym.entity_id 
_struct_asym.details 
A N N 1 ? 
B N N 2 ? 
# 
loop_
_struct_conf.conf_type_id 
_struct_conf.id 
_struct_conf.pdbx_PDB_helix_id 
_struct_conf.beg_label_comp_id 
_struct_conf.beg_label_asym_id 
_struct_conf.beg_label_seq_id 
_struct_conf.pdbx_beg_PDB_ins_code 
_struct_conf.end_label_comp_id 
_struct_conf.end_label_asym_id 
_struct_conf.end_label_seq_id 
_struct_conf.pdbx_end_PDB_ins_code 
_struct_conf.beg_auth_comp_id 
_struct_conf.beg_auth_asym_id 
_struct_conf.beg_auth_seq_id 
_struct_conf.end_auth_comp_id 
_struct_conf.end_auth_asym_id 
_struct_conf.end_auth_seq_id 
_struct_conf.pdbx_PDB_helix_class 
_struct_conf.details 
_struct_conf.pdbx_PDB_helix_length 
HELX_P HELX_P1 AA1 TYR A 65 ? LYS A 69 ? TYR A 100 LYS A 104 5 ? 5 
HELX_P HELX_P2 AA2 ASP A 77 ? LYS A 81 ? ASP A 112 LYS A 116 5 ? 5 
HELX_P HELX_P3 AA3 GLN A 91 ? HIS A 94 ? GLN A 126 HIS A 129 5 ? 4 
# 
_struct_conf_type.id          HELX_P 
_struct_conf_type.criteria    ? 
_struct_conf_type.reference   ? 
# 
_struct_mon_prot_cis.pdbx_id                1 
_struct_mon_prot_cis.label_comp_id          PRO 
_struct_mon_prot_cis.label_seq_id           105 
_struct_mon_prot_cis.label_asym_id          A 
_struct_mon_prot_cis.label_alt_id           . 
_struct_mon_prot_cis.pdbx_PDB_ins_code      ? 
_struct_mon_prot_cis.auth_comp_id           PRO 
_struct_mon_prot_cis.auth_seq_id            140 
_struct_mon_prot_cis.auth_asym_id           A 
_struct_mon_prot_cis.pdbx_label_comp_id_2   PRO 
_struct_mon_prot_cis.pdbx_label_seq_id_2    106 
_struct_mon_prot_cis.pdbx_label_asym_id_2   A 
_struct_mon_prot_cis.pdbx_PDB_ins_code_2    ? 
_struct_mon_prot_cis.pdbx_auth_comp_id_2    PRO 
_struct_mon_prot_cis.pdbx_auth_seq_id_2     141 
_struct_mon_prot_cis.pdbx_auth_asym_id_2    A 
_struct_mon_prot_cis.pdbx_PDB_model_num     1 
_struct_mon_prot_cis.pdbx_omega_angle       3.33 
# 
loop_
_struct_sheet.id 
_struct_sheet.type 
_struct_sheet.number_strands 
_struct_sheet.details 
AA1 ? 2 ? 
AA2 ? 6 ? 
AA3 ? 3 ? 
# 
loop_
_struct_sheet_order.sheet_id 
_struct_sheet_order.range_id_1 
_struct_sheet_order.range_id_2 
_struct_sheet_order.offset 
_struct_sheet_order.sense 
AA1 1 2 ? anti-parallel 
AA2 1 2 ? parallel      
AA2 2 3 ? anti-parallel 
AA2 3 4 ? anti-parallel 
AA2 4 5 ? anti-parallel 
AA2 5 6 ? anti-parallel 
AA3 1 2 ? anti-parallel 
AA3 2 3 ? anti-parallel 
# 
loop_
_struct_sheet_range.sheet_id 
_struct_sheet_range.id 
_struct_sheet_range.beg_label_comp_id 
_struct_sheet_range.beg_label_asym_id 
_struct_sheet_range.beg_label_seq_id 
_struct_sheet_range.pdbx_beg_PDB_ins_code 
_struct_sheet_range.end_label_comp_id 
_struct_sheet_range.end_label_asym_id 
_struct_sheet_range.end_label_seq_id 
_struct_sheet_range.pdbx_end_PDB_ins_code 
_struct_sheet_range.beg_auth_comp_id 
_struct_sheet_range.beg_auth_asym_id 
_struct_sheet_range.beg_auth_seq_id 
_struct_sheet_range.end_auth_comp_id 
_struct_sheet_range.end_auth_asym_id 
_struct_sheet_range.end_auth_seq_id 
AA1 1 GLU A 4   ? TYR A 6   ? GLU A 39  TYR A 41  
AA1 2 LYS A 24  ? LYS A 26  ? LYS A 59  LYS A 61  
AA2 1 GLU A 10  ? ALA A 14  ? GLU A 45  ALA A 49  
AA2 2 LYS A 111 ? VAL A 120 ? LYS A 146 VAL A 155 
AA2 3 GLY A 96  ? LYS A 103 ? GLY A 131 LYS A 138 
AA2 4 SER A 36  ? PRO A 43  ? SER A 71  PRO A 78  
AA2 5 VAL A 50  ? SER A 56  ? VAL A 85  SER A 91  
AA2 6 GLN A 59  ? LEU A 62  ? GLN A 94  LEU A 97  
AA3 1 GLY A 19  ? LEU A 21  ? GLY A 54  LEU A 56  
AA3 2 ILE A 85  ? ILE A 87  ? ILE A 120 ILE A 122 
AA3 3 ILE A 72  ? TRP A 74  ? ILE A 107 TRP A 109 
# 
loop_
_pdbx_struct_sheet_hbond.sheet_id 
_pdbx_struct_sheet_hbond.range_id_1 
_pdbx_struct_sheet_hbond.range_id_2 
_pdbx_struct_sheet_hbond.range_1_label_atom_id 
_pdbx_struct_sheet_hbond.range_1_label_comp_id 
_pdbx_struct_sheet_hbond.range_1_label_asym_id 
_pdbx_struct_sheet_hbond.range_1_label_seq_id 
_pdbx_struct_sheet_hbond.range_1_PDB_ins_code 
_pdbx_struct_sheet_hbond.range_1_auth_atom_id 
_pdbx_struct_sheet_hbond.range_1_auth_comp_id 
_pdbx_struct_sheet_hbond.range_1_auth_asym_id 
_pdbx_struct_sheet_hbond.range_1_auth_seq_id 
_pdbx_struct_sheet_hbond.range_2_label_atom_id 
_pdbx_struct_sheet_hbond.range_2_label_comp_id 
_pdbx_struct_sheet_hbond.range_2_label_asym_id 
_pdbx_struct_sheet_hbond.range_2_label_seq_id 
_pdbx_struct_sheet_hbond.range_2_PDB_ins_code 
_pdbx_struct_sheet_hbond.range_2_auth_atom_id 
_pdbx_struct_sheet_hbond.range_2_auth_comp_id 
_pdbx_struct_sheet_hbond.range_2_auth_asym_id 
_pdbx_struct_sheet_hbond.range_2_auth_seq_id 
AA1 1 2 N TYR A 6   ? N TYR A 41  O LYS A 24  ? O LYS A 59  
AA2 1 2 N VAL A 13  ? N VAL A 48  O VAL A 120 ? O VAL A 155 
AA2 2 3 O ILE A 115 ? O ILE A 150 N TYR A 98  ? N TYR A 133 
AA2 3 4 O ASP A 101 ? O ASP A 136 N SER A 38  ? N SER A 73  
AA2 4 5 N PHE A 41  ? N PHE A 76  O VAL A 50  ? O VAL A 85  
AA2 5 6 N HIS A 54  ? N HIS A 89  O TYR A 61  ? O TYR A 96  
AA3 1 2 N GLY A 19  ? N GLY A 54  O ILE A 87  ? O ILE A 122 
AA3 2 3 O ASN A 86  ? O ASN A 121 N SER A 73  ? N SER A 108 
# 
_atom_sites.entry_id                    6IGW 
_atom_sites.fract_transf_matrix[1][1]   -0.02480357 
_atom_sites.fract_transf_matrix[1][2]   -0.00316973 
_atom_sites.fract_transf_matrix[1][3]   -0.00018968 
_atom_sites.fract_transf_matrix[2][1]   0.00283549 
_atom_sites.fract_transf_matrix[2][2]   -0.02278128 
_atom_sites.fract_transf_matrix[2][3]   0.00991329 
_atom_sites.fract_transf_matrix[3][1]   -0.00029559 
_atom_sites.fract_transf_matrix[3][2]   0.00202893 
_atom_sites.fract_transf_matrix[3][3]   0.00474714 
_atom_sites.fract_transf_vector[1]      -0.335703 
_atom_sites.fract_transf_vector[2]      -0.324232 
_atom_sites.fract_transf_vector[3]      -0.066715 
# 
loop_
_atom_type.symbol 
C 
N 
O 
S 
# 
loop_
_atom_site.group_PDB 
_atom_site.id 
_atom_site.type_symbol 
_atom_site.label_atom_id 
_atom_site.label_alt_id 
_atom_site.label_comp_id 
_atom_site.label_asym_id 
_atom_site.label_entity_id 
_atom_site.label_seq_id 
_atom_site.pdbx_PDB_ins_code 
_atom_site.Cartn_x 
_atom_site.Cartn_y 
_atom_site.Cartn_z 
_atom_site.occupancy 
_atom_site.B_iso_or_equiv 
_atom_site.pdbx_formal_charge 
_atom_site.auth_seq_id 
_atom_site.auth_comp_id 
_atom_site.auth_asym_id 
_atom_site.auth_atom_id 
_atom_site.pdbx_PDB_model_num 
ATOM   1   N N   . LEU A 1 3   ? -14.217 -10.974 4.948   1.00 33.10 ? 38  LEU A N   1 
ATOM   2   C CA  . LEU A 1 3   ? -13.214 -10.055 4.421   1.00 31.94 ? 38  LEU A CA  1 
ATOM   3   C C   . LEU A 1 3   ? -12.247 -10.762 3.485   1.00 25.21 ? 38  LEU A C   1 
ATOM   4   O O   . LEU A 1 3   ? -11.691 -11.799 3.827   1.00 30.07 ? 38  LEU A O   1 
ATOM   5   C CB  . LEU A 1 3   ? -12.421 -9.396  5.553   1.00 32.50 ? 38  LEU A CB  1 
ATOM   6   C CG  . LEU A 1 3   ? -11.362 -8.376  5.116   1.00 29.29 ? 38  LEU A CG  1 
ATOM   7   C CD1 . LEU A 1 3   ? -12.021 -7.129  4.519   1.00 33.21 ? 38  LEU A CD1 1 
ATOM   8   C CD2 . LEU A 1 3   ? -10.462 -7.992  6.275   1.00 31.95 ? 38  LEU A CD2 1 
ATOM   9   N N   . GLU A 1 4   ? -12.050 -10.184 2.306   1.00 25.84 ? 39  GLU A N   1 
ATOM   10  C CA  . GLU A 1 4   ? -11.051 -10.644 1.346   1.00 26.58 ? 39  GLU A CA  1 
ATOM   11  C C   . GLU A 1 4   ? -10.326 -9.424  0.806   1.00 22.59 ? 39  GLU A C   1 
ATOM   12  O O   . GLU A 1 4   ? -10.954 -8.392  0.558   1.00 23.57 ? 39  GLU A O   1 
ATOM   13  C CB  . GLU A 1 4   ? -11.678 -11.419 0.169   1.00 27.15 ? 39  GLU A CB  1 
ATOM   14  C CG  . GLU A 1 4   ? -12.445 -12.671 0.557   1.00 30.25 ? 39  GLU A CG  1 
ATOM   15  C CD  . GLU A 1 4   ? -11.569 -13.717 1.202   1.00 33.90 ? 39  GLU A CD  1 
ATOM   16  O OE1 . GLU A 1 4   ? -12.115 -14.585 1.915   1.00 46.33 ? 39  GLU A OE1 1 
ATOM   17  O OE2 . GLU A 1 4   ? -10.336 -13.686 0.999   1.00 36.16 ? 39  GLU A OE2 1 
ATOM   18  N N   . VAL A 1 5   ? -9.014  -9.539  0.607   1.00 24.24 ? 40  VAL A N   1 
ATOM   19  C CA  . VAL A 1 5   ? -8.197  -8.406  0.190   1.00 21.66 ? 40  VAL A CA  1 
ATOM   20  C C   . VAL A 1 5   ? -7.479  -8.778  -1.097  1.00 23.10 ? 40  VAL A C   1 
ATOM   21  O O   . VAL A 1 5   ? -6.804  -9.811  -1.153  1.00 20.18 ? 40  VAL A O   1 
ATOM   22  C CB  . VAL A 1 5   ? -7.184  -7.996  1.278   1.00 23.43 ? 40  VAL A CB  1 
ATOM   23  C CG1 . VAL A 1 5   ? -6.304  -6.888  0.777   1.00 21.99 ? 40  VAL A CG1 1 
ATOM   24  C CG2 . VAL A 1 5   ? -7.905  -7.572  2.568   1.00 21.74 ? 40  VAL A CG2 1 
ATOM   25  N N   . TYR A 1 6   ? -7.609  -7.931  -2.117  1.00 19.57 ? 41  TYR A N   1 
ATOM   26  C CA  . TYR A 1 6   ? -6.899  -8.111  -3.374  1.00 18.16 ? 41  TYR A CA  1 
ATOM   27  C C   . TYR A 1 6   ? -5.893  -6.995  -3.594  1.00 18.34 ? 41  TYR A C   1 
ATOM   28  O O   . TYR A 1 6   ? -6.182  -5.823  -3.360  1.00 17.11 ? 41  TYR A O   1 
ATOM   29  C CB  . TYR A 1 6   ? -7.851  -8.148  -4.583  1.00 17.50 ? 41  TYR A CB  1 
ATOM   30  C CG  . TYR A 1 6   ? -7.187  -7.765  -5.912  1.00 18.01 ? 41  TYR A CG  1 
ATOM   31  C CD1 . TYR A 1 6   ? -6.582  -8.718  -6.728  1.00 19.56 ? 41  TYR A CD1 1 
ATOM   32  C CD2 . TYR A 1 6   ? -7.179  -6.448  -6.348  1.00 19.20 ? 41  TYR A CD2 1 
ATOM   33  C CE1 . TYR A 1 6   ? -5.984  -8.360  -7.949  1.00 19.82 ? 41  TYR A CE1 1 
ATOM   34  C CE2 . TYR A 1 6   ? -6.581  -6.090  -7.532  1.00 17.21 ? 41  TYR A CE2 1 
ATOM   35  C CZ  . TYR A 1 6   ? -5.995  -7.038  -8.328  1.00 21.73 ? 41  TYR A CZ  1 
ATOM   36  O OH  . TYR A 1 6   ? -5.420  -6.619  -9.513  1.00 24.93 ? 41  TYR A OH  1 
ATOM   37  N N   . THR A 1 7   ? -4.729  -7.378  -4.092  1.00 16.16 ? 42  THR A N   1 
ATOM   38  C CA  . THR A 1 7   ? -3.778  -6.507  -4.756  1.00 18.72 ? 42  THR A CA  1 
ATOM   39  C C   . THR A 1 7   ? -3.277  -7.278  -5.962  1.00 18.33 ? 42  THR A C   1 
ATOM   40  O O   . THR A 1 7   ? -3.275  -8.509  -5.939  1.00 18.96 ? 42  THR A O   1 
ATOM   41  C CB  . THR A 1 7   ? -2.586  -6.139  -3.858  1.00 14.22 ? 42  THR A CB  1 
ATOM   42  O OG1 . THR A 1 7   ? -1.946  -7.341  -3.410  1.00 18.81 ? 42  THR A OG1 1 
ATOM   43  C CG2 . THR A 1 7   ? -3.041  -5.334  -2.643  1.00 14.20 ? 42  THR A CG2 1 
ATOM   44  N N   . PRO A 1 8   ? -2.861  -6.597  -7.023  1.00 18.93 ? 43  PRO A N   1 
ATOM   45  C CA  . PRO A 1 8   ? -2.183  -7.304  -8.113  1.00 19.33 ? 43  PRO A CA  1 
ATOM   46  C C   . PRO A 1 8   ? -0.946  -8.008  -7.588  1.00 20.07 ? 43  PRO A C   1 
ATOM   47  O O   . PRO A 1 8   ? -0.347  -7.609  -6.585  1.00 14.44 ? 43  PRO A O   1 
ATOM   48  C CB  . PRO A 1 8   ? -1.820  -6.186  -9.093  1.00 16.67 ? 43  PRO A CB  1 
ATOM   49  C CG  . PRO A 1 8   ? -1.864  -4.933  -8.263  1.00 21.98 ? 43  PRO A CG  1 
ATOM   50  C CD  . PRO A 1 8   ? -2.992  -5.160  -7.306  1.00 16.25 ? 43  PRO A CD  1 
ATOM   51  N N   . LYS A 1 9   ? -0.598  -9.110  -8.226  1.00 18.96 ? 44  LYS A N   1 
ATOM   52  C CA  . LYS A 1 9   ? 0.591   -9.826  -7.831  1.00 21.07 ? 44  LYS A CA  1 
ATOM   53  C C   . LYS A 1 9   ? 1.897   -9.070  -8.111  1.00 17.27 ? 44  LYS A C   1 
ATOM   54  O O   . LYS A 1 9   ? 2.823   -9.121  -7.337  1.00 20.70 ? 44  LYS A O   1 
ATOM   55  C CB  . LYS A 1 9   ? 0.619   -11.241 -8.390  1.00 23.27 ? 44  LYS A CB  1 
ATOM   56  C CG  . LYS A 1 9   ? 1.195   -12.226 -7.396  1.00 29.02 ? 44  LYS A CG  1 
ATOM   57  C CD  . LYS A 1 9   ? 1.979   -13.322 -8.085  1.00 39.37 ? 44  LYS A CD  1 
ATOM   58  C CE  . LYS A 1 9   ? 2.962   -13.984 -7.142  1.00 39.46 ? 44  LYS A CE  1 
ATOM   59  N NZ  . LYS A 1 9   ? 2.263   -14.723 -6.065  1.00 42.50 ? 44  LYS A NZ  1 
ATOM   60  N N   . GLU A 1 10  ? 1.955   -8.408  -9.249  1.00 18.67 ? 45  GLU A N   1 
ATOM   61  C CA  . GLU A 1 10  ? 3.116   -7.647  -9.638  1.00 19.46 ? 45  GLU A CA  1 
ATOM   62  C C   . GLU A 1 10  ? 2.679   -6.387  -10.329 1.00 18.25 ? 45  GLU A C   1 
ATOM   63  O O   . GLU A 1 10  ? 1.695   -6.392  -11.035 1.00 24.78 ? 45  GLU A O   1 
ATOM   64  C CB  . GLU A 1 10  ? 3.987   -8.441  -10.620 1.00 20.59 ? 45  GLU A CB  1 
ATOM   65  C CG  . GLU A 1 10  ? 4.176   -9.903  -10.293 1.00 23.84 ? 45  GLU A CG  1 
ATOM   66  C CD  . GLU A 1 10  ? 4.892   -10.655 -11.401 1.00 29.48 ? 45  GLU A CD  1 
ATOM   67  O OE1 . GLU A 1 10  ? 4.649   -10.364 -12.580 1.00 27.43 ? 45  GLU A OE1 1 
ATOM   68  O OE2 . GLU A 1 10  ? 5.703   -11.530 -11.081 1.00 33.71 ? 45  GLU A OE2 1 
ATOM   69  N N   . ILE A 1 11  ? 3.444   -5.329  -10.160 1.00 16.22 ? 46  ILE A N   1 
ATOM   70  C CA  . ILE A 1 11  ? 3.307   -4.161  -10.985 1.00 17.70 ? 46  ILE A CA  1 
ATOM   71  C C   . ILE A 1 11  ? 4.680   -3.733  -11.473 1.00 22.25 ? 46  ILE A C   1 
ATOM   72  O O   . ILE A 1 11  ? 5.679   -3.943  -10.798 1.00 18.89 ? 46  ILE A O   1 
ATOM   73  C CB  . ILE A 1 11  ? 2.608   -2.991  -10.273 1.00 20.90 ? 46  ILE A CB  1 
ATOM   74  C CG1 . ILE A 1 11  ? 3.353   -2.609  -9.007  1.00 25.55 ? 46  ILE A CG1 1 
ATOM   75  C CG2 . ILE A 1 11  ? 1.176   -3.351  -9.951  1.00 25.44 ? 46  ILE A CG2 1 
ATOM   76  C CD1 . ILE A 1 11  ? 2.850   -1.342  -8.357  1.00 31.79 ? 46  ILE A CD1 1 
ATOM   77  N N   . PHE A 1 12  ? 4.709   -3.140  -12.654 1.00 17.60 ? 47  PHE A N   1 
ATOM   78  C CA  . PHE A 1 12  ? 5.923   -2.566  -13.199 1.00 21.46 ? 47  PHE A CA  1 
ATOM   79  C C   . PHE A 1 12  ? 5.727   -1.055  -13.315 1.00 21.72 ? 47  PHE A C   1 
ATOM   80  O O   . PHE A 1 12  ? 4.764   -0.599  -13.874 1.00 23.08 ? 47  PHE A O   1 
ATOM   81  C CB  . PHE A 1 12  ? 6.269   -3.175  -14.564 1.00 20.31 ? 47  PHE A CB  1 
ATOM   82  C CG  . PHE A 1 12  ? 6.547   -4.648  -14.524 1.00 23.59 ? 47  PHE A CG  1 
ATOM   83  C CD1 . PHE A 1 12  ? 7.816   -5.137  -14.774 1.00 20.51 ? 47  PHE A CD1 1 
ATOM   84  C CD2 . PHE A 1 12  ? 5.538   -5.548  -14.245 1.00 21.15 ? 47  PHE A CD2 1 
ATOM   85  C CE1 . PHE A 1 12  ? 8.071   -6.484  -14.734 1.00 19.86 ? 47  PHE A CE1 1 
ATOM   86  C CE2 . PHE A 1 12  ? 5.787   -6.899  -14.206 1.00 19.67 ? 47  PHE A CE2 1 
ATOM   87  C CZ  . PHE A 1 12  ? 7.059   -7.367  -14.449 1.00 22.31 ? 47  PHE A CZ  1 
ATOM   88  N N   . VAL A 1 13  ? 6.650   -0.295  -12.755 1.00 19.80 ? 48  VAL A N   1 
ATOM   89  C CA  . VAL A 1 13  ? 6.550   1.160   -12.759 1.00 21.42 ? 48  VAL A CA  1 
ATOM   90  C C   . VAL A 1 13  ? 7.798   1.733   -13.414 1.00 24.42 ? 48  VAL A C   1 
ATOM   91  O O   . VAL A 1 13  ? 8.916   1.412   -13.005 1.00 21.61 ? 48  VAL A O   1 
ATOM   92  C CB  . VAL A 1 13  ? 6.393   1.727   -11.332 1.00 20.70 ? 48  VAL A CB  1 
ATOM   93  C CG1 . VAL A 1 13  ? 6.313   3.237   -11.373 1.00 21.74 ? 48  VAL A CG1 1 
ATOM   94  C CG2 . VAL A 1 13  ? 5.154   1.168   -10.655 1.00 21.42 ? 48  VAL A CG2 1 
ATOM   95  N N   . ALA A 1 14  ? 7.611   2.594   -14.415 1.00 27.04 ? 49  ALA A N   1 
ATOM   96  C CA  . ALA A 1 14  ? 8.746   3.290   -15.016 1.00 24.39 ? 49  ALA A CA  1 
ATOM   97  C C   . ALA A 1 14  ? 9.342   4.279   -14.022 1.00 26.43 ? 49  ALA A C   1 
ATOM   98  O O   . ALA A 1 14  ? 8.619   5.079   -13.418 1.00 25.61 ? 49  ALA A O   1 
ATOM   99  C CB  . ALA A 1 14  ? 8.318   4.024   -16.288 1.00 28.56 ? 49  ALA A CB  1 
ATOM   100 N N   . ASN A 1 15  ? 10.663  4.220   -13.853 1.00 27.89 ? 50  ASN A N   1 
ATOM   101 C CA  . ASN A 1 15  ? 11.319  5.061   -12.861 1.00 26.17 ? 50  ASN A CA  1 
ATOM   102 C C   . ASN A 1 15  ? 11.101  6.534   -13.186 1.00 27.68 ? 50  ASN A C   1 
ATOM   103 O O   . ASN A 1 15  ? 11.097  6.941   -14.350 1.00 32.11 ? 50  ASN A O   1 
ATOM   104 C CB  . ASN A 1 15  ? 12.813  4.725   -12.774 1.00 29.54 ? 50  ASN A CB  1 
ATOM   105 C CG  . ASN A 1 15  ? 13.655  5.501   -13.761 1.00 34.59 ? 50  ASN A CG  1 
ATOM   106 O OD1 . ASN A 1 15  ? 13.641  5.229   -14.964 1.00 36.02 ? 50  ASN A OD1 1 
ATOM   107 N ND2 . ASN A 1 15  ? 14.402  6.466   -13.258 1.00 31.69 ? 50  ASN A ND2 1 
ATOM   108 N N   . GLY A 1 16  ? 10.879  7.329   -12.144 1.00 26.68 ? 51  GLY A N   1 
ATOM   109 C CA  . GLY A 1 16  ? 10.522  8.719   -12.294 1.00 27.42 ? 51  GLY A CA  1 
ATOM   110 C C   . GLY A 1 16  ? 9.040   8.990   -12.431 1.00 28.01 ? 51  GLY A C   1 
ATOM   111 O O   . GLY A 1 16  ? 8.649   10.159  -12.491 1.00 32.76 ? 51  GLY A O   1 
ATOM   112 N N   . THR A 1 17  ? 8.202   7.960   -12.502 1.00 23.24 ? 52  THR A N   1 
ATOM   113 C CA  . THR A 1 17  ? 6.768   8.144   -12.650 1.00 27.16 ? 52  THR A CA  1 
ATOM   114 C C   . THR A 1 17  ? 6.048   7.712   -11.370 1.00 23.46 ? 52  THR A C   1 
ATOM   115 O O   . THR A 1 17  ? 6.659   7.227   -10.404 1.00 24.62 ? 52  THR A O   1 
ATOM   116 C CB  . THR A 1 17  ? 6.246   7.382   -13.870 1.00 24.91 ? 52  THR A CB  1 
ATOM   117 O OG1 . THR A 1 17  ? 6.248   5.976   -13.605 1.00 26.12 ? 52  THR A OG1 1 
ATOM   118 C CG2 . THR A 1 17  ? 7.140   7.652   -15.083 1.00 31.37 ? 52  THR A CG2 1 
ATOM   119 N N   . GLN A 1 18  ? 4.728   7.908   -11.363 1.00 23.89 ? 53  GLN A N   1 
ATOM   120 C CA  . GLN A 1 18  ? 3.895   7.593   -10.206 1.00 25.05 ? 53  GLN A CA  1 
ATOM   121 C C   . GLN A 1 18  ? 3.471   6.126   -10.216 1.00 21.23 ? 53  GLN A C   1 
ATOM   122 O O   . GLN A 1 18  ? 2.940   5.636   -11.216 1.00 22.57 ? 53  GLN A O   1 
ATOM   123 C CB  . GLN A 1 18  ? 2.649   8.473   -10.188 1.00 25.63 ? 53  GLN A CB  1 
ATOM   124 C CG  . GLN A 1 18  ? 1.746   8.240   -8.986  1.00 21.59 ? 53  GLN A CG  1 
ATOM   125 C CD  . GLN A 1 18  ? 0.380   8.868   -9.203  1.00 28.02 ? 53  GLN A CD  1 
ATOM   126 O OE1 . GLN A 1 18  ? -0.365  8.458   -10.090 1.00 26.29 ? 53  GLN A OE1 1 
ATOM   127 N NE2 . GLN A 1 18  ? 0.064   9.888   -8.418  1.00 26.15 ? 53  GLN A NE2 1 
ATOM   128 N N   . GLY A 1 19  ? 3.669   5.443   -9.091  1.00 19.13 ? 54  GLY A N   1 
ATOM   129 C CA  . GLY A 1 19  ? 3.163   4.088   -8.913  1.00 19.17 ? 54  GLY A CA  1 
ATOM   130 C C   . GLY A 1 19  ? 1.817   4.112   -8.216  1.00 17.90 ? 54  GLY A C   1 
ATOM   131 O O   . GLY A 1 19  ? 1.633   4.808   -7.218  1.00 17.68 ? 54  GLY A O   1 
ATOM   132 N N   . LYS A 1 20  ? 0.873   3.359   -8.758  1.00 17.20 ? 55  LYS A N   1 
ATOM   133 C CA  . LYS A 1 20  ? -0.450  3.201   -8.153  1.00 21.79 ? 55  LYS A CA  1 
ATOM   134 C C   . LYS A 1 20  ? -0.515  1.810   -7.539  1.00 20.03 ? 55  LYS A C   1 
ATOM   135 O O   . LYS A 1 20  ? -0.496  0.810   -8.261  1.00 20.52 ? 55  LYS A O   1 
ATOM   136 C CB  . LYS A 1 20  ? -1.543  3.407   -9.196  1.00 23.92 ? 55  LYS A CB  1 
ATOM   137 C CG  . LYS A 1 20  ? -1.477  4.790   -9.866  1.00 28.10 ? 55  LYS A CG  1 
ATOM   138 C CD  . LYS A 1 20  ? -2.365  4.899   -11.097 1.00 36.19 ? 55  LYS A CD  1 
ATOM   139 C CE  . LYS A 1 20  ? -2.773  6.344   -11.355 1.00 44.13 ? 55  LYS A CE  1 
ATOM   140 N NZ  . LYS A 1 20  ? -3.638  6.884   -10.258 1.00 41.71 ? 55  LYS A NZ  1 
ATOM   141 N N   . LEU A 1 21  ? -0.564  1.738   -6.212  1.00 15.35 ? 56  LEU A N   1 
ATOM   142 C CA  . LEU A 1 21  ? -0.643  0.454   -5.511  1.00 14.81 ? 56  LEU A CA  1 
ATOM   143 C C   . LEU A 1 21  ? -2.117  0.146   -5.256  1.00 16.45 ? 56  LEU A C   1 
ATOM   144 O O   . LEU A 1 21  ? -2.716  0.635   -4.298  1.00 14.03 ? 56  LEU A O   1 
ATOM   145 C CB  . LEU A 1 21  ? 0.160   0.491   -4.214  1.00 16.42 ? 56  LEU A CB  1 
ATOM   146 C CG  . LEU A 1 21  ? 1.653   0.771   -4.379  1.00 20.24 ? 56  LEU A CG  1 
ATOM   147 C CD1 . LEU A 1 21  ? 2.436   0.310   -3.162  1.00 17.05 ? 56  LEU A CD1 1 
ATOM   148 C CD2 . LEU A 1 21  ? 2.146   0.094   -5.588  1.00 27.11 ? 56  LEU A CD2 1 
ATOM   149 N N   . THR A 1 22  ? -2.716  -0.636  -6.138  1.00 17.58 ? 57  THR A N   1 
ATOM   150 C CA  . THR A 1 22  ? -4.143  -0.908  -6.057  1.00 18.16 ? 57  THR A CA  1 
ATOM   151 C C   . THR A 1 22  ? -4.451  -1.908  -4.955  1.00 14.06 ? 57  THR A C   1 
ATOM   152 O O   . THR A 1 22  ? -3.790  -2.944  -4.826  1.00 15.51 ? 57  THR A O   1 
ATOM   153 C CB  . THR A 1 22  ? -4.646  -1.437  -7.396  1.00 18.29 ? 57  THR A CB  1 
ATOM   154 O OG1 . THR A 1 22  ? -4.378  -0.451  -8.381  1.00 16.62 ? 57  THR A OG1 1 
ATOM   155 C CG2 . THR A 1 22  ? -6.140  -1.713  -7.351  1.00 21.89 ? 57  THR A CG2 1 
ATOM   156 N N   . CYS A 1 23  ? -5.474  -1.606  -4.164  1.00 13.96 ? 58  CYS A N   1 
ATOM   157 C CA  . CYS A 1 23  ? -6.023  -2.586  -3.251  1.00 14.32 ? 58  CYS A CA  1 
ATOM   158 C C   . CYS A 1 23  ? -7.535  -2.472  -3.272  1.00 18.13 ? 58  CYS A C   1 
ATOM   159 O O   . CYS A 1 23  ? -8.072  -1.375  -3.105  1.00 17.56 ? 58  CYS A O   1 
ATOM   160 C CB  . CYS A 1 23  ? -5.498  -2.399  -1.833  1.00 14.49 ? 58  CYS A CB  1 
ATOM   161 S SG  . CYS A 1 23  ? -6.227  -3.564  -0.677  1.00 17.93 ? 58  CYS A SG  1 
ATOM   162 N N   . LYS A 1 24  ? -8.195  -3.611  -3.493  1.00 21.22 ? 59  LYS A N   1 
ATOM   163 C CA  . LYS A 1 24  ? -9.642  -3.767  -3.484  1.00 22.79 ? 59  LYS A CA  1 
ATOM   164 C C   . LYS A 1 24  ? -9.987  -4.826  -2.458  1.00 18.27 ? 59  LYS A C   1 
ATOM   165 O O   . LYS A 1 24  ? -9.296  -5.846  -2.363  1.00 24.66 ? 59  LYS A O   1 
ATOM   166 C CB  . LYS A 1 24  ? -10.157 -4.205  -4.866  1.00 24.38 ? 59  LYS A CB  1 
ATOM   167 C CG  . LYS A 1 24  ? -10.988 -3.187  -5.562  1.00 29.50 ? 59  LYS A CG  1 
ATOM   168 C CD  . LYS A 1 24  ? -10.208 -1.940  -5.850  1.00 31.53 ? 59  LYS A CD  1 
ATOM   169 C CE  . LYS A 1 24  ? -11.078 -0.923  -6.568  1.00 35.24 ? 59  LYS A CE  1 
ATOM   170 N NZ  . LYS A 1 24  ? -10.430 -0.499  -7.836  1.00 39.55 ? 59  LYS A NZ  1 
ATOM   171 N N   . PHE A 1 25  ? -11.043 -4.603  -1.678  1.00 18.91 ? 60  PHE A N   1 
ATOM   172 C CA  . PHE A 1 25  ? -11.436 -5.626  -0.721  1.00 22.17 ? 60  PHE A CA  1 
ATOM   173 C C   . PHE A 1 25  ? -12.944 -5.846  -0.747  1.00 22.07 ? 60  PHE A C   1 
ATOM   174 O O   . PHE A 1 25  ? -13.708 -5.052  -1.296  1.00 20.73 ? 60  PHE A O   1 
ATOM   175 C CB  . PHE A 1 25  ? -10.932 -5.304  0.701   1.00 20.19 ? 60  PHE A CB  1 
ATOM   176 C CG  . PHE A 1 25  ? -11.478 -4.038  1.290   1.00 24.73 ? 60  PHE A CG  1 
ATOM   177 C CD1 . PHE A 1 25  ? -10.853 -2.825  1.070   1.00 24.10 ? 60  PHE A CD1 1 
ATOM   178 C CD2 . PHE A 1 25  ? -12.599 -4.060  2.105   1.00 28.10 ? 60  PHE A CD2 1 
ATOM   179 C CE1 . PHE A 1 25  ? -11.346 -1.658  1.637   1.00 25.32 ? 60  PHE A CE1 1 
ATOM   180 C CE2 . PHE A 1 25  ? -13.098 -2.897  2.663   1.00 26.15 ? 60  PHE A CE2 1 
ATOM   181 C CZ  . PHE A 1 25  ? -12.472 -1.699  2.426   1.00 26.86 ? 60  PHE A CZ  1 
ATOM   182 N N   . LYS A 1 26  ? -13.364 -6.973  -0.187  1.00 22.93 ? 61  LYS A N   1 
ATOM   183 C CA  . LYS A 1 26  ? -14.779 -7.280  -0.054  1.00 29.42 ? 61  LYS A CA  1 
ATOM   184 C C   . LYS A 1 26  ? -15.111 -7.486  1.416   1.00 29.61 ? 61  LYS A C   1 
ATOM   185 O O   . LYS A 1 26  ? -14.339 -8.102  2.164   1.00 24.89 ? 61  LYS A O   1 
ATOM   186 C CB  . LYS A 1 26  ? -15.184 -8.483  -0.923  1.00 31.81 ? 61  LYS A CB  1 
ATOM   187 C CG  . LYS A 1 26  ? -15.452 -9.785  -0.214  1.00 32.23 ? 61  LYS A CG  1 
ATOM   188 C CD  . LYS A 1 26  ? -16.436 -10.639 -1.009  1.00 31.51 ? 61  LYS A CD  1 
ATOM   189 C CE  . LYS A 1 26  ? -16.828 -11.889 -0.234  1.00 34.65 ? 61  LYS A CE  1 
ATOM   190 N NZ  . LYS A 1 26  ? -16.622 -13.136 -1.020  1.00 41.82 ? 61  LYS A NZ  1 
ATOM   191 N N   . SER A 1 27  ? -16.239 -6.914  1.821   1.00 34.33 ? 62  SER A N   1 
ATOM   192 C CA  . SER A 1 27  ? -16.725 -6.962  3.192   1.00 42.29 ? 62  SER A CA  1 
ATOM   193 C C   . SER A 1 27  ? -18.218 -6.667  3.174   1.00 41.28 ? 62  SER A C   1 
ATOM   194 O O   . SER A 1 27  ? -18.780 -6.258  2.154   1.00 42.55 ? 62  SER A O   1 
ATOM   195 C CB  . SER A 1 27  ? -16.001 -5.950  4.083   1.00 37.60 ? 62  SER A CB  1 
ATOM   196 O OG  . SER A 1 27  ? -16.491 -4.647  3.810   1.00 39.51 ? 62  SER A OG  1 
ATOM   197 N N   . THR A 1 28  ? -18.849 -6.849  4.328   1.00 50.48 ? 63  THR A N   1 
ATOM   198 C CA  . THR A 1 28  ? -20.227 -6.412  4.524   1.00 50.28 ? 63  THR A CA  1 
ATOM   199 C C   . THR A 1 28  ? -20.268 -5.002  5.110   1.00 48.19 ? 63  THR A C   1 
ATOM   200 O O   . THR A 1 28  ? -19.453 -4.646  5.964   1.00 49.57 ? 63  THR A O   1 
ATOM   201 C CB  . THR A 1 28  ? -20.983 -7.372  5.445   1.00 50.40 ? 63  THR A CB  1 
ATOM   202 O OG1 . THR A 1 28  ? -20.138 -7.709  6.552   1.00 50.14 ? 63  THR A OG1 1 
ATOM   203 C CG2 . THR A 1 28  ? -21.361 -8.638  4.683   1.00 47.70 ? 63  THR A CG2 1 
ATOM   204 N N   . THR A 1 31  ? -18.591 0.618   4.201   1.00 57.98 ? 66  THR A N   1 
ATOM   205 C CA  . THR A 1 31  ? -17.916 -0.015  5.318   1.00 54.90 ? 66  THR A CA  1 
ATOM   206 C C   . THR A 1 31  ? -17.428 1.109   6.207   1.00 51.41 ? 66  THR A C   1 
ATOM   207 O O   . THR A 1 31  ? -18.156 1.614   7.021   1.00 51.06 ? 66  THR A O   1 
ATOM   208 C CB  . THR A 1 31  ? -16.764 -0.844  4.765   1.00 54.31 ? 66  THR A CB  1 
ATOM   209 O OG1 . THR A 1 31  ? -16.093 -0.061  3.816   1.00 48.21 ? 66  THR A OG1 1 
ATOM   210 C CG2 . THR A 1 31  ? -17.291 -2.027  4.024   1.00 51.39 ? 66  THR A CG2 1 
ATOM   211 N N   . GLY A 1 32  ? -16.187 1.514   5.997   1.00 53.19 ? 67  GLY A N   1 
ATOM   212 C CA  . GLY A 1 32  ? -15.621 2.698   6.594   1.00 49.99 ? 67  GLY A CA  1 
ATOM   213 C C   . GLY A 1 32  ? -15.156 2.734   8.021   1.00 52.19 ? 67  GLY A C   1 
ATOM   214 O O   . GLY A 1 32  ? -14.012 2.433   8.311   1.00 48.61 ? 67  GLY A O   1 
ATOM   215 N N   . GLY A 1 33  ? -16.067 3.144   8.894   1.00 48.13 ? 68  GLY A N   1 
ATOM   216 C CA  . GLY A 1 33  ? -15.781 3.608   10.222  1.00 47.10 ? 68  GLY A CA  1 
ATOM   217 C C   . GLY A 1 33  ? -14.835 2.896   11.138  1.00 44.24 ? 68  GLY A C   1 
ATOM   218 O O   . GLY A 1 33  ? -13.971 3.494   11.692  1.00 52.70 ? 68  GLY A O   1 
ATOM   219 N N   . LEU A 1 34  ? -15.010 1.622   11.353  1.00 42.43 ? 69  LEU A N   1 
ATOM   220 C CA  . LEU A 1 34  ? -14.011 0.961   12.134  1.00 42.50 ? 69  LEU A CA  1 
ATOM   221 C C   . LEU A 1 34  ? -12.917 0.407   11.238  1.00 41.79 ? 69  LEU A C   1 
ATOM   222 O O   . LEU A 1 34  ? -11.937 -0.058  11.741  1.00 41.74 ? 69  LEU A O   1 
ATOM   223 C CB  . LEU A 1 34  ? -14.591 -0.088  13.049  1.00 44.51 ? 69  LEU A CB  1 
ATOM   224 C CG  . LEU A 1 34  ? -15.376 0.466   14.246  1.00 55.35 ? 69  LEU A CG  1 
ATOM   225 C CD1 . LEU A 1 34  ? -16.510 -0.491  14.594  1.00 51.15 ? 69  LEU A CD1 1 
ATOM   226 C CD2 . LEU A 1 34  ? -14.466 0.776   15.430  1.00 49.72 ? 69  LEU A CD2 1 
ATOM   227 N N   . THR A 1 35  ? -13.082 0.493   9.933   1.00 36.59 ? 70  THR A N   1 
ATOM   228 C CA  . THR A 1 35  ? -12.130 -0.163  9.053   1.00 37.83 ? 70  THR A CA  1 
ATOM   229 C C   . THR A 1 35  ? -10.843 0.646   8.931   1.00 31.92 ? 70  THR A C   1 
ATOM   230 O O   . THR A 1 35  ? -10.873 1.831   8.885   1.00 32.34 ? 70  THR A O   1 
ATOM   231 C CB  . THR A 1 35  ? -12.723 -0.647  7.690   1.00 37.44 ? 70  THR A CB  1 
ATOM   232 O OG1 . THR A 1 35  ? -12.062 -0.034  6.615   1.00 37.00 ? 70  THR A OG1 1 
ATOM   233 C CG2 . THR A 1 35  ? -14.133 -0.383  7.571   1.00 41.70 ? 70  THR A CG2 1 
ATOM   234 N N   . SER A 1 36  ? -9.728  -0.033  8.879   1.00 28.00 ? 71  SER A N   1 
ATOM   235 C CA  . SER A 1 36  ? -8.458  0.644   8.715   1.00 31.07 ? 71  SER A CA  1 
ATOM   236 C C   . SER A 1 36  ? -7.552  -0.049  7.685   1.00 27.04 ? 71  SER A C   1 
ATOM   237 O O   . SER A 1 36  ? -7.738  -1.183  7.407   1.00 19.94 ? 71  SER A O   1 
ATOM   238 C CB  . SER A 1 36  ? -7.736  0.819   10.036  1.00 25.92 ? 71  SER A CB  1 
ATOM   239 O OG  . SER A 1 36  ? -7.262  -0.364  10.534  1.00 26.54 ? 71  SER A OG  1 
ATOM   240 N N   . VAL A 1 37  ? -6.584  0.693   7.190   1.00 20.77 ? 72  VAL A N   1 
ATOM   241 C CA  . VAL A 1 37  ? -5.644  0.198   6.182   1.00 22.59 ? 72  VAL A CA  1 
ATOM   242 C C   . VAL A 1 37  ? -4.216  0.540   6.604   1.00 21.34 ? 72  VAL A C   1 
ATOM   243 O O   . VAL A 1 37  ? -3.953  1.673   7.008   1.00 22.44 ? 72  VAL A O   1 
ATOM   244 C CB  . VAL A 1 37  ? -5.954  0.808   4.806   1.00 17.92 ? 72  VAL A CB  1 
ATOM   245 C CG1 . VAL A 1 37  ? -4.909  0.363   3.764   1.00 20.30 ? 72  VAL A CG1 1 
ATOM   246 C CG2 . VAL A 1 37  ? -7.360  0.433   4.369   1.00 23.68 ? 72  VAL A CG2 1 
ATOM   247 N N   . SER A 1 38  ? -3.300  -0.432  6.508   1.00 15.81 ? 73  SER A N   1 
ATOM   248 C CA  . SER A 1 38  ? -1.873  -0.200  6.679   1.00 18.76 ? 73  SER A CA  1 
ATOM   249 C C   . SER A 1 38  ? -1.129  -0.740  5.464   1.00 20.12 ? 73  SER A C   1 
ATOM   250 O O   . SER A 1 38  ? -1.469  -1.799  4.935   1.00 14.00 ? 73  SER A O   1 
ATOM   251 C CB  . SER A 1 38  ? -1.329  -0.859  7.946   1.00 21.17 ? 73  SER A CB  1 
ATOM   252 O OG  . SER A 1 38  ? -1.986  -0.348  9.094   1.00 29.04 ? 73  SER A OG  1 
ATOM   253 N N   . TRP A 1 39  ? -0.130  0.005   5.011   1.00 16.59 ? 74  TRP A N   1 
ATOM   254 C CA  . TRP A 1 39  ? 0.771   -0.460  3.964   1.00 16.35 ? 74  TRP A CA  1 
ATOM   255 C C   . TRP A 1 39  ? 2.189   -0.526  4.522   1.00 18.63 ? 74  TRP A C   1 
ATOM   256 O O   . TRP A 1 39  ? 2.620   0.366   5.264   1.00 15.72 ? 74  TRP A O   1 
ATOM   257 C CB  . TRP A 1 39  ? 0.732   0.458   2.747   1.00 13.50 ? 74  TRP A CB  1 
ATOM   258 C CG  . TRP A 1 39  ? -0.440  0.326   1.796   1.00 14.69 ? 74  TRP A CG  1 
ATOM   259 C CD1 . TRP A 1 39  ? -1.611  1.028   1.820   1.00 15.34 ? 74  TRP A CD1 1 
ATOM   260 C CD2 . TRP A 1 39  ? -0.509  -0.524  0.643   1.00 13.77 ? 74  TRP A CD2 1 
ATOM   261 N NE1 . TRP A 1 39  ? -2.407  0.673   0.745   1.00 17.66 ? 74  TRP A NE1 1 
ATOM   262 C CE2 . TRP A 1 39  ? -1.760  -0.288  0.019   1.00 16.30 ? 74  TRP A CE2 1 
ATOM   263 C CE3 . TRP A 1 39  ? 0.371   -1.460  0.074   1.00 16.90 ? 74  TRP A CE3 1 
ATOM   264 C CZ2 . TRP A 1 39  ? -2.157  -0.958  -1.140  1.00 15.48 ? 74  TRP A CZ2 1 
ATOM   265 C CZ3 . TRP A 1 39  ? -0.035  -2.140  -1.086  1.00 15.04 ? 74  TRP A CZ3 1 
ATOM   266 C CH2 . TRP A 1 39  ? -1.282  -1.873  -1.677  1.00 13.23 ? 74  TRP A CH2 1 
ATOM   267 N N   . SER A 1 40  ? 2.909   -1.581  4.147   1.00 15.24 ? 75  SER A N   1 
ATOM   268 C CA  . SER A 1 40  ? 4.265   -1.843  4.593   1.00 14.71 ? 75  SER A CA  1 
ATOM   269 C C   . SER A 1 40  ? 5.118   -2.185  3.380   1.00 15.70 ? 75  SER A C   1 
ATOM   270 O O   . SER A 1 40  ? 4.591   -2.580  2.333   1.00 14.71 ? 75  SER A O   1 
ATOM   271 C CB  . SER A 1 40  ? 4.320   -3.001  5.591   1.00 16.06 ? 75  SER A CB  1 
ATOM   272 O OG  . SER A 1 40  ? 3.663   -2.642  6.780   1.00 28.39 ? 75  SER A OG  1 
ATOM   273 N N   . PHE A 1 41  ? 6.440   -2.063  3.547   1.00 14.63 ? 76  PHE A N   1 
ATOM   274 C CA  . PHE A 1 41  ? 7.419   -2.247  2.477   1.00 14.50 ? 76  PHE A CA  1 
ATOM   275 C C   . PHE A 1 41  ? 8.527   -3.186  2.924   1.00 19.93 ? 76  PHE A C   1 
ATOM   276 O O   . PHE A 1 41  ? 9.132   -2.969  3.978   1.00 19.90 ? 76  PHE A O   1 
ATOM   277 C CB  . PHE A 1 41  ? 8.027   -0.904  2.085   1.00 15.15 ? 76  PHE A CB  1 
ATOM   278 C CG  . PHE A 1 41  ? 9.109   -0.974  1.021   1.00 17.82 ? 76  PHE A CG  1 
ATOM   279 C CD1 . PHE A 1 41  ? 10.300  -0.282  1.196   1.00 18.74 ? 76  PHE A CD1 1 
ATOM   280 C CD2 . PHE A 1 41  ? 8.902   -1.651  -0.186  1.00 15.64 ? 76  PHE A CD2 1 
ATOM   281 C CE1 . PHE A 1 41  ? 11.278  -0.295  0.228   1.00 20.98 ? 76  PHE A CE1 1 
ATOM   282 C CE2 . PHE A 1 41  ? 9.876   -1.665  -1.158  1.00 12.72 ? 76  PHE A CE2 1 
ATOM   283 C CZ  . PHE A 1 41  ? 11.069  -0.992  -0.950  1.00 18.21 ? 76  PHE A CZ  1 
ATOM   284 N N   . GLN A 1 42  ? 8.814   -4.200  2.110   1.00 18.86 ? 77  GLN A N   1 
ATOM   285 C CA  . GLN A 1 42  ? 9.990   -5.043  2.296   1.00 20.57 ? 77  GLN A CA  1 
ATOM   286 C C   . GLN A 1 42  ? 10.964  -4.767  1.159   1.00 19.69 ? 77  GLN A C   1 
ATOM   287 O O   . GLN A 1 42  ? 10.719  -5.200  0.023   1.00 18.55 ? 77  GLN A O   1 
ATOM   288 C CB  . GLN A 1 42  ? 9.608   -6.526  2.327   1.00 26.33 ? 77  GLN A CB  1 
ATOM   289 C CG  . GLN A 1 42  ? 10.817  -7.476  2.530   1.00 38.10 ? 77  GLN A CG  1 
ATOM   290 C CD  . GLN A 1 42  ? 10.422  -8.953  2.649   1.00 41.72 ? 77  GLN A CD  1 
ATOM   291 O OE1 . GLN A 1 42  ? 9.895   -9.548  1.706   1.00 49.88 ? 77  GLN A OE1 1 
ATOM   292 N NE2 . GLN A 1 42  ? 10.685  -9.545  3.812   1.00 48.27 ? 77  GLN A NE2 1 
ATOM   293 N N   . PRO A 1 43  ? 12.051  -4.040  1.394   1.00 20.88 ? 78  PRO A N   1 
ATOM   294 C CA  . PRO A 1 43  ? 12.998  -3.764  0.309   1.00 19.24 ? 78  PRO A CA  1 
ATOM   295 C C   . PRO A 1 43  ? 13.496  -5.065  -0.297  1.00 18.58 ? 78  PRO A C   1 
ATOM   296 O O   . PRO A 1 43  ? 13.624  -6.075  0.395   1.00 22.12 ? 78  PRO A O   1 
ATOM   297 C CB  . PRO A 1 43  ? 14.121  -2.996  1.015   1.00 22.15 ? 78  PRO A CB  1 
ATOM   298 C CG  . PRO A 1 43  ? 13.484  -2.442  2.241   1.00 22.96 ? 78  PRO A CG  1 
ATOM   299 C CD  . PRO A 1 43  ? 12.479  -3.452  2.675   1.00 19.97 ? 78  PRO A CD  1 
ATOM   300 N N   . GLU A 1 44  ? 13.715  -5.071  -1.609  1.00 19.57 ? 79  GLU A N   1 
ATOM   301 C CA  . GLU A 1 44  ? 14.101  -6.335  -2.220  1.00 22.56 ? 79  GLU A CA  1 
ATOM   302 C C   . GLU A 1 44  ? 15.447  -6.781  -1.673  1.00 29.67 ? 79  GLU A C   1 
ATOM   303 O O   . GLU A 1 44  ? 16.371  -5.980  -1.527  1.00 31.11 ? 79  GLU A O   1 
ATOM   304 C CB  . GLU A 1 44  ? 14.124  -6.249  -3.744  1.00 27.02 ? 79  GLU A CB  1 
ATOM   305 C CG  . GLU A 1 44  ? 15.145  -5.376  -4.336  1.00 29.64 ? 79  GLU A CG  1 
ATOM   306 C CD  . GLU A 1 44  ? 15.253  -5.613  -5.832  1.00 31.59 ? 79  GLU A CD  1 
ATOM   307 O OE1 . GLU A 1 44  ? 14.336  -6.253  -6.385  1.00 32.14 ? 79  GLU A OE1 1 
ATOM   308 O OE2 . GLU A 1 44  ? 16.245  -5.161  -6.450  1.00 33.62 ? 79  GLU A OE2 1 
ATOM   309 N N   . GLY A 1 45  ? 15.521  -8.052  -1.293  1.00 31.88 ? 80  GLY A N   1 
ATOM   310 C CA  . GLY A 1 45  ? 16.744  -8.566  -0.698  1.00 38.61 ? 80  GLY A CA  1 
ATOM   311 C C   . GLY A 1 45  ? 16.996  -8.132  0.729   1.00 43.23 ? 80  GLY A C   1 
ATOM   312 O O   . GLY A 1 45  ? 18.155  -8.060  1.156   1.00 45.48 ? 80  GLY A O   1 
ATOM   313 N N   . ALA A 1 46  ? 15.941  -7.824  1.476   1.00 40.13 ? 81  ALA A N   1 
ATOM   314 C CA  . ALA A 1 46  ? 16.007  -7.693  2.923   1.00 42.42 ? 81  ALA A CA  1 
ATOM   315 C C   . ALA A 1 46  ? 14.934  -8.591  3.512   1.00 43.11 ? 81  ALA A C   1 
ATOM   316 O O   . ALA A 1 46  ? 13.961  -8.936  2.839   1.00 46.99 ? 81  ALA A O   1 
ATOM   317 C CB  . ALA A 1 46  ? 15.801  -6.249  3.388   1.00 39.52 ? 81  ALA A CB  1 
ATOM   318 N N   . ASP A 1 47  ? 15.112  -8.985  4.769   1.00 45.24 ? 82  ASP A N   1 
ATOM   319 C CA  . ASP A 1 47  ? 14.104  -9.799  5.438   1.00 52.90 ? 82  ASP A CA  1 
ATOM   320 C C   . ASP A 1 47  ? 13.295  -9.006  6.450   1.00 49.96 ? 82  ASP A C   1 
ATOM   321 O O   . ASP A 1 47  ? 12.487  -9.591  7.175   1.00 50.84 ? 82  ASP A O   1 
ATOM   322 C CB  . ASP A 1 47  ? 14.724  -11.033 6.112   1.00 54.40 ? 82  ASP A CB  1 
ATOM   323 C CG  . ASP A 1 47  ? 16.225  -10.986 6.161   1.00 62.21 ? 82  ASP A CG  1 
ATOM   324 O OD1 . ASP A 1 47  ? 16.852  -11.157 5.092   1.00 64.97 ? 82  ASP A OD1 1 
ATOM   325 O OD2 . ASP A 1 47  ? 16.774  -10.807 7.271   1.00 70.31 ? 82  ASP A OD2 1 
ATOM   326 N N   . THR A 1 48  ? 13.455  -7.687  6.481   1.00 43.82 ? 83  THR A N   1 
ATOM   327 C CA  . THR A 1 48  ? 12.645  -6.837  7.337   1.00 43.41 ? 83  THR A CA  1 
ATOM   328 C C   . THR A 1 48  ? 11.681  -5.990  6.516   1.00 40.48 ? 83  THR A C   1 
ATOM   329 O O   . THR A 1 48  ? 11.874  -5.751  5.321   1.00 39.71 ? 83  THR A O   1 
ATOM   330 C CB  . THR A 1 48  ? 13.520  -5.919  8.196   1.00 49.42 ? 83  THR A CB  1 
ATOM   331 O OG1 . THR A 1 48  ? 14.350  -5.107  7.345   1.00 52.11 ? 83  THR A OG1 1 
ATOM   332 C CG2 . THR A 1 48  ? 14.373  -6.748  9.154   1.00 49.15 ? 83  THR A CG2 1 
ATOM   333 N N   . THR A 1 49  ? 10.631  -5.532  7.184   1.00 37.54 ? 84  THR A N   1 
ATOM   334 C CA  . THR A 1 49  ? 9.597   -4.732  6.556   1.00 31.40 ? 84  THR A CA  1 
ATOM   335 C C   . THR A 1 49  ? 9.388   -3.469  7.376   1.00 27.79 ? 84  THR A C   1 
ATOM   336 O O   . THR A 1 49  ? 9.554   -3.469  8.599   1.00 30.19 ? 84  THR A O   1 
ATOM   337 C CB  . THR A 1 49  ? 8.289   -5.523  6.421   1.00 32.25 ? 84  THR A CB  1 
ATOM   338 O OG1 . THR A 1 49  ? 7.690   -5.664  7.706   1.00 38.40 ? 84  THR A OG1 1 
ATOM   339 C CG2 . THR A 1 49  ? 8.567   -6.926  5.866   1.00 29.88 ? 84  THR A CG2 1 
ATOM   340 N N   . VAL A 1 50  ? 9.072   -2.381  6.682   1.00 25.52 ? 85  VAL A N   1 
ATOM   341 C CA  . VAL A 1 50  ? 8.794   -1.086  7.294   1.00 22.02 ? 85  VAL A CA  1 
ATOM   342 C C   . VAL A 1 50  ? 7.314   -0.793  7.116   1.00 22.11 ? 85  VAL A C   1 
ATOM   343 O O   . VAL A 1 50  ? 6.821   -0.773  5.984   1.00 18.66 ? 85  VAL A O   1 
ATOM   344 C CB  . VAL A 1 50  ? 9.613   0.028   6.632   1.00 25.39 ? 85  VAL A CB  1 
ATOM   345 C CG1 . VAL A 1 50  ? 9.713   1.225   7.558   1.00 27.76 ? 85  VAL A CG1 1 
ATOM   346 C CG2 . VAL A 1 50  ? 10.960  -0.492  6.171   1.00 31.17 ? 85  VAL A CG2 1 
ATOM   347 N N   . GLY A 1 51  ? 6.600   -0.524  8.209   1.00 22.55 ? 86  GLY A N   1 
ATOM   348 C CA  . GLY A 1 51  ? 5.265   0.048   8.069   1.00 24.31 ? 86  GLY A CA  1 
ATOM   349 C C   . GLY A 1 51  ? 5.409   1.531   7.803   1.00 19.48 ? 86  GLY A C   1 
ATOM   350 O O   . GLY A 1 51  ? 6.114   2.227   8.534   1.00 24.11 ? 86  GLY A O   1 
ATOM   351 N N   . PHE A 1 52  ? 4.757   2.027   6.742   1.00 16.81 ? 87  PHE A N   1 
ATOM   352 C CA  . PHE A 1 52  ? 4.933   3.428   6.359   1.00 16.14 ? 87  PHE A CA  1 
ATOM   353 C C   . PHE A 1 52  ? 3.655   4.220   6.124   1.00 19.24 ? 87  PHE A C   1 
ATOM   354 O O   . PHE A 1 52  ? 3.746   5.445   5.972   1.00 18.45 ? 87  PHE A O   1 
ATOM   355 C CB  . PHE A 1 52  ? 5.802   3.553   5.090   1.00 17.93 ? 87  PHE A CB  1 
ATOM   356 C CG  . PHE A 1 52  ? 5.161   3.011   3.832   1.00 16.88 ? 87  PHE A CG  1 
ATOM   357 C CD1 . PHE A 1 52  ? 5.349   1.686   3.453   1.00 16.37 ? 87  PHE A CD1 1 
ATOM   358 C CD2 . PHE A 1 52  ? 4.404   3.832   2.999   1.00 14.08 ? 87  PHE A CD2 1 
ATOM   359 C CE1 . PHE A 1 52  ? 4.780   1.192   2.264   1.00 16.49 ? 87  PHE A CE1 1 
ATOM   360 C CE2 . PHE A 1 52  ? 3.823   3.337   1.819   1.00 14.41 ? 87  PHE A CE2 1 
ATOM   361 C CZ  . PHE A 1 52  ? 4.014   2.019   1.464   1.00 14.90 ? 87  PHE A CZ  1 
ATOM   362 N N   . PHE A 1 53  ? 2.484   3.582   6.053   1.00 16.21 ? 88  PHE A N   1 
ATOM   363 C CA  . PHE A 1 53  ? 1.233   4.293   5.809   1.00 18.90 ? 88  PHE A CA  1 
ATOM   364 C C   . PHE A 1 53  ? 0.136   3.619   6.611   1.00 20.82 ? 88  PHE A C   1 
ATOM   365 O O   . PHE A 1 53  ? 0.093   2.387   6.691   1.00 16.82 ? 88  PHE A O   1 
ATOM   366 C CB  . PHE A 1 53  ? 0.871   4.302   4.309   1.00 20.81 ? 88  PHE A CB  1 
ATOM   367 C CG  . PHE A 1 53  ? -0.531  4.794   4.003   1.00 18.62 ? 88  PHE A CG  1 
ATOM   368 C CD1 . PHE A 1 53  ? -0.748  6.107   3.628   1.00 17.65 ? 88  PHE A CD1 1 
ATOM   369 C CD2 . PHE A 1 53  ? -1.625  3.936   4.061   1.00 19.76 ? 88  PHE A CD2 1 
ATOM   370 C CE1 . PHE A 1 53  ? -2.010  6.573   3.313   1.00 18.75 ? 88  PHE A CE1 1 
ATOM   371 C CE2 . PHE A 1 53  ? -2.908  4.402   3.762   1.00 19.10 ? 88  PHE A CE2 1 
ATOM   372 C CZ  . PHE A 1 53  ? -3.090  5.717   3.383   1.00 20.30 ? 88  PHE A CZ  1 
ATOM   373 N N   . HIS A 1 54  ? -0.743  4.430   7.208   1.00 22.23 ? 89  HIS A N   1 
ATOM   374 C CA  . HIS A 1 54  ? -1.885  3.910   7.949   1.00 19.99 ? 89  HIS A CA  1 
ATOM   375 C C   . HIS A 1 54  ? -3.035  4.904   7.835   1.00 22.72 ? 89  HIS A C   1 
ATOM   376 O O   . HIS A 1 54  ? -2.826  6.120   7.830   1.00 21.23 ? 89  HIS A O   1 
ATOM   377 C CB  . HIS A 1 54  ? -1.557  3.639   9.422   1.00 20.84 ? 89  HIS A CB  1 
ATOM   378 C CG  . HIS A 1 54  ? -2.753  3.251   10.235  1.00 24.59 ? 89  HIS A CG  1 
ATOM   379 N ND1 . HIS A 1 54  ? -3.165  1.944   10.369  1.00 23.64 ? 89  HIS A ND1 1 
ATOM   380 C CD2 . HIS A 1 54  ? -3.638  3.999   10.940  1.00 26.51 ? 89  HIS A CD2 1 
ATOM   381 C CE1 . HIS A 1 54  ? -4.242  1.899   11.133  1.00 28.90 ? 89  HIS A CE1 1 
ATOM   382 N NE2 . HIS A 1 54  ? -4.549  3.132   11.495  1.00 24.14 ? 89  HIS A NE2 1 
ATOM   383 N N   . TYR A 1 55  ? -4.246  4.370   7.710   1.00 23.57 ? 90  TYR A N   1 
ATOM   384 C CA  . TYR A 1 55  ? -5.440  5.165   7.458   1.00 25.15 ? 90  TYR A CA  1 
ATOM   385 C C   . TYR A 1 55  ? -6.591  4.605   8.279   1.00 29.00 ? 90  TYR A C   1 
ATOM   386 O O   . TYR A 1 55  ? -6.958  3.437   8.114   1.00 27.08 ? 90  TYR A O   1 
ATOM   387 C CB  . TYR A 1 55  ? -5.792  5.141   5.973   1.00 24.19 ? 90  TYR A CB  1 
ATOM   388 C CG  . TYR A 1 55  ? -6.988  5.969   5.598   1.00 23.70 ? 90  TYR A CG  1 
ATOM   389 C CD1 . TYR A 1 55  ? -8.270  5.429   5.621   1.00 25.32 ? 90  TYR A CD1 1 
ATOM   390 C CD2 . TYR A 1 55  ? -6.834  7.285   5.200   1.00 24.37 ? 90  TYR A CD2 1 
ATOM   391 C CE1 . TYR A 1 55  ? -9.361  6.184   5.252   1.00 27.47 ? 90  TYR A CE1 1 
ATOM   392 C CE2 . TYR A 1 55  ? -7.913  8.045   4.837   1.00 26.61 ? 90  TYR A CE2 1 
ATOM   393 C CZ  . TYR A 1 55  ? -9.176  7.495   4.860   1.00 28.34 ? 90  TYR A CZ  1 
ATOM   394 O OH  . TYR A 1 55  ? -10.251 8.274   4.494   1.00 31.63 ? 90  TYR A OH  1 
ATOM   395 N N   . SER A 1 56  ? -7.144  5.428   9.173   1.00 28.22 ? 91  SER A N   1 
ATOM   396 C CA  . SER A 1 56  ? -8.435  5.148   9.789   1.00 31.36 ? 91  SER A CA  1 
ATOM   397 C C   . SER A 1 56  ? -9.161  6.461   10.043  1.00 37.98 ? 91  SER A C   1 
ATOM   398 O O   . SER A 1 56  ? -8.542  7.499   10.296  1.00 34.43 ? 91  SER A O   1 
ATOM   399 C CB  . SER A 1 56  ? -8.328  4.333   11.087  1.00 35.22 ? 91  SER A CB  1 
ATOM   400 O OG  . SER A 1 56  ? -7.079  4.486   11.728  1.00 40.18 ? 91  SER A OG  1 
ATOM   401 N N   . GLN A 1 57  ? -10.486 6.407   9.910   1.00 39.53 ? 92  GLN A N   1 
ATOM   402 C CA  . GLN A 1 57  ? -11.357 7.511   10.293  1.00 39.57 ? 92  GLN A CA  1 
ATOM   403 C C   . GLN A 1 57  ? -11.024 8.781   9.518   1.00 34.25 ? 92  GLN A C   1 
ATOM   404 O O   . GLN A 1 57  ? -11.037 9.887   10.057  1.00 35.81 ? 92  GLN A O   1 
ATOM   405 C CB  . GLN A 1 57  ? -11.283 7.749   11.800  1.00 34.44 ? 92  GLN A CB  1 
ATOM   406 C CG  . GLN A 1 57  ? -12.507 7.237   12.552  1.00 48.30 ? 92  GLN A CG  1 
ATOM   407 C CD  . GLN A 1 57  ? -12.153 6.344   13.727  1.00 50.10 ? 92  GLN A CD  1 
ATOM   408 O OE1 . GLN A 1 57  ? -11.010 6.337   14.190  1.00 54.86 ? 92  GLN A OE1 1 
ATOM   409 N NE2 . GLN A 1 57  ? -13.134 5.590   14.218  1.00 54.83 ? 92  GLN A NE2 1 
ATOM   410 N N   . GLY A 1 58  ? -10.716 8.625   8.241   1.00 32.59 ? 93  GLY A N   1 
ATOM   411 C CA  . GLY A 1 58  ? -10.449 9.767   7.394   1.00 31.80 ? 93  GLY A CA  1 
ATOM   412 C C   . GLY A 1 58  ? -9.111  10.454  7.600   1.00 27.85 ? 93  GLY A C   1 
ATOM   413 O O   . GLY A 1 58  ? -8.869  11.487  6.959   1.00 33.65 ? 93  GLY A O   1 
ATOM   414 N N   . GLN A 1 59  ? -8.236  9.920   8.452   1.00 28.44 ? 94  GLN A N   1 
ATOM   415 C CA  . GLN A 1 59  ? -6.920  10.499  8.714   1.00 30.85 ? 94  GLN A CA  1 
ATOM   416 C C   . GLN A 1 59  ? -5.796  9.602   8.187   1.00 25.23 ? 94  GLN A C   1 
ATOM   417 O O   . GLN A 1 59  ? -5.804  8.385   8.396   1.00 21.31 ? 94  GLN A O   1 
ATOM   418 C CB  . GLN A 1 59  ? -6.713  10.733  10.215  1.00 28.71 ? 94  GLN A CB  1 
ATOM   419 C CG  . GLN A 1 59  ? -5.359  11.340  10.595  1.00 30.07 ? 94  GLN A CG  1 
ATOM   420 C CD  . GLN A 1 59  ? -5.229  12.804  10.197  1.00 34.35 ? 94  GLN A CD  1 
ATOM   421 O OE1 . GLN A 1 59  ? -6.108  13.614  10.484  1.00 40.33 ? 94  GLN A OE1 1 
ATOM   422 N NE2 . GLN A 1 59  ? -4.131  13.145  9.523   1.00 37.15 ? 94  GLN A NE2 1 
ATOM   423 N N   . VAL A 1 60  ? -4.819  10.223  7.526   1.00 28.60 ? 95  VAL A N   1 
ATOM   424 C CA  . VAL A 1 60  ? -3.606  9.547   7.068   1.00 23.19 ? 95  VAL A CA  1 
ATOM   425 C C   . VAL A 1 60  ? -2.530  9.660   8.148   1.00 24.66 ? 95  VAL A C   1 
ATOM   426 O O   . VAL A 1 60  ? -2.298  10.748  8.689   1.00 25.79 ? 95  VAL A O   1 
ATOM   427 C CB  . VAL A 1 60  ? -3.113  10.169  5.749   1.00 24.17 ? 95  VAL A CB  1 
ATOM   428 C CG1 . VAL A 1 60  ? -1.743  9.611   5.366   1.00 20.40 ? 95  VAL A CG1 1 
ATOM   429 C CG2 . VAL A 1 60  ? -4.133  9.979   4.634   1.00 22.70 ? 95  VAL A CG2 1 
ATOM   430 N N   . TYR A 1 61  ? -1.860  8.549   8.454   1.00 18.79 ? 96  TYR A N   1 
ATOM   431 C CA  . TYR A 1 61  ? -0.698  8.548   9.332   1.00 19.13 ? 96  TYR A CA  1 
ATOM   432 C C   . TYR A 1 61  ? 0.501   7.964   8.585   1.00 21.63 ? 96  TYR A C   1 
ATOM   433 O O   . TYR A 1 61  ? 0.406   6.874   8.006   1.00 21.27 ? 96  TYR A O   1 
ATOM   434 C CB  . TYR A 1 61  ? -0.956  7.735   10.600  1.00 24.22 ? 96  TYR A CB  1 
ATOM   435 C CG  . TYR A 1 61  ? -2.226  8.054   11.374  1.00 23.46 ? 96  TYR A CG  1 
ATOM   436 C CD1 . TYR A 1 61  ? -2.174  8.780   12.568  1.00 24.25 ? 96  TYR A CD1 1 
ATOM   437 C CD2 . TYR A 1 61  ? -3.466  7.599   10.935  1.00 23.90 ? 96  TYR A CD2 1 
ATOM   438 C CE1 . TYR A 1 61  ? -3.328  9.044   13.298  1.00 21.20 ? 96  TYR A CE1 1 
ATOM   439 C CE2 . TYR A 1 61  ? -4.622  7.858   11.656  1.00 24.11 ? 96  TYR A CE2 1 
ATOM   440 C CZ  . TYR A 1 61  ? -4.545  8.588   12.831  1.00 26.38 ? 96  TYR A CZ  1 
ATOM   441 O OH  . TYR A 1 61  ? -5.699  8.852   13.540  1.00 28.38 ? 96  TYR A OH  1 
ATOM   442 N N   . LEU A 1 62  ? 1.638   8.654   8.635   1.00 21.13 ? 97  LEU A N   1 
ATOM   443 C CA  . LEU A 1 62  ? 2.799   8.292   7.828   1.00 18.20 ? 97  LEU A CA  1 
ATOM   444 C C   . LEU A 1 62  ? 3.953   7.877   8.721   1.00 20.36 ? 97  LEU A C   1 
ATOM   445 O O   . LEU A 1 62  ? 4.255   8.560   9.704   1.00 19.59 ? 97  LEU A O   1 
ATOM   446 C CB  . LEU A 1 62  ? 3.211   9.465   6.939   1.00 18.79 ? 97  LEU A CB  1 
ATOM   447 C CG  . LEU A 1 62  ? 2.180   9.817   5.858   1.00 20.19 ? 97  LEU A CG  1 
ATOM   448 C CD1 . LEU A 1 62  ? 2.581   11.044  5.084   1.00 20.44 ? 97  LEU A CD1 1 
ATOM   449 C CD2 . LEU A 1 62  ? 1.967   8.613   4.924   1.00 23.19 ? 97  LEU A CD2 1 
ATOM   450 N N   . GLY A 1 63  ? 4.597   6.748   8.388   1.00 18.71 ? 98  GLY A N   1 
ATOM   451 C CA  . GLY A 1 63  ? 5.818   6.375   9.071   1.00 19.09 ? 98  GLY A CA  1 
ATOM   452 C C   . GLY A 1 63  ? 6.973   7.241   8.600   1.00 26.12 ? 98  GLY A C   1 
ATOM   453 O O   . GLY A 1 63  ? 6.846   8.040   7.672   1.00 26.70 ? 98  GLY A O   1 
ATOM   454 N N   . ASN A 1 64  ? 8.128   7.101   9.244   1.00 25.20 ? 99  ASN A N   1 
ATOM   455 C CA  . ASN A 1 64  ? 9.313   7.822   8.774   1.00 30.91 ? 99  ASN A CA  1 
ATOM   456 C C   . ASN A 1 64  ? 10.239  6.794   8.118   1.00 31.99 ? 99  ASN A C   1 
ATOM   457 O O   . ASN A 1 64  ? 11.043  6.122   8.760   1.00 44.87 ? 99  ASN A O   1 
ATOM   458 C CB  . ASN A 1 64  ? 9.997   8.634   9.888   1.00 32.23 ? 99  ASN A CB  1 
ATOM   459 C CG  . ASN A 1 64  ? 10.765  7.783   10.860  1.00 42.31 ? 99  ASN A CG  1 
ATOM   460 O OD1 . ASN A 1 64  ? 10.317  6.702   11.249  1.00 46.58 ? 99  ASN A OD1 1 
ATOM   461 N ND2 . ASN A 1 64  ? 11.951  8.251   11.243  1.00 48.41 ? 99  ASN A ND2 1 
ATOM   462 N N   . TYR A 1 65  ? 10.067  6.635   6.824   1.00 31.81 ? 100 TYR A N   1 
ATOM   463 C CA  . TYR A 1 65  ? 11.005  5.888   5.999   1.00 30.56 ? 100 TYR A CA  1 
ATOM   464 C C   . TYR A 1 65  ? 11.482  6.904   4.986   1.00 25.99 ? 100 TYR A C   1 
ATOM   465 O O   . TYR A 1 65  ? 10.672  7.376   4.162   1.00 26.68 ? 100 TYR A O   1 
ATOM   466 C CB  . TYR A 1 65  ? 10.340  4.687   5.327   1.00 28.01 ? 100 TYR A CB  1 
ATOM   467 C CG  . TYR A 1 65  ? 11.305  3.734   4.660   1.00 26.98 ? 100 TYR A CG  1 
ATOM   468 C CD1 . TYR A 1 65  ? 12.275  3.062   5.391   1.00 25.02 ? 100 TYR A CD1 1 
ATOM   469 C CD2 . TYR A 1 65  ? 11.225  3.488   3.296   1.00 27.42 ? 100 TYR A CD2 1 
ATOM   470 C CE1 . TYR A 1 65  ? 13.151  2.175   4.769   1.00 27.70 ? 100 TYR A CE1 1 
ATOM   471 C CE2 . TYR A 1 65  ? 12.094  2.608   2.671   1.00 23.13 ? 100 TYR A CE2 1 
ATOM   472 C CZ  . TYR A 1 65  ? 13.044  1.959   3.404   1.00 24.65 ? 100 TYR A CZ  1 
ATOM   473 O OH  . TYR A 1 65  ? 13.890  1.095   2.752   1.00 32.47 ? 100 TYR A OH  1 
ATOM   474 N N   . PRO A 1 66  ? 12.741  7.324   5.049   1.00 28.24 ? 101 PRO A N   1 
ATOM   475 C CA  . PRO A 1 66  ? 13.191  8.457   4.235   1.00 28.56 ? 101 PRO A CA  1 
ATOM   476 C C   . PRO A 1 66  ? 12.951  8.247   2.744   1.00 24.86 ? 101 PRO A C   1 
ATOM   477 O O   . PRO A 1 66  ? 12.594  9.209   2.051   1.00 26.84 ? 101 PRO A O   1 
ATOM   478 C CB  . PRO A 1 66  ? 14.686  8.554   4.573   1.00 28.79 ? 101 PRO A CB  1 
ATOM   479 C CG  . PRO A 1 66  ? 14.759  8.017   5.979   1.00 31.60 ? 101 PRO A CG  1 
ATOM   480 C CD  . PRO A 1 66  ? 13.796  6.853   5.969   1.00 28.60 ? 101 PRO A CD  1 
ATOM   481 N N   . PRO A 1 67  ? 13.107  7.030   2.197   1.00 21.04 ? 102 PRO A N   1 
ATOM   482 C CA  . PRO A 1 67  ? 12.782  6.843   0.767   1.00 24.78 ? 102 PRO A CA  1 
ATOM   483 C C   . PRO A 1 67  ? 11.342  7.192   0.396   1.00 26.01 ? 102 PRO A C   1 
ATOM   484 O O   . PRO A 1 67  ? 11.068  7.496   -0.774  1.00 25.10 ? 102 PRO A O   1 
ATOM   485 C CB  . PRO A 1 67  ? 13.072  5.358   0.542   1.00 22.79 ? 102 PRO A CB  1 
ATOM   486 C CG  . PRO A 1 67  ? 14.151  5.068   1.501   1.00 24.74 ? 102 PRO A CG  1 
ATOM   487 C CD  . PRO A 1 67  ? 13.799  5.835   2.725   1.00 23.38 ? 102 PRO A CD  1 
ATOM   488 N N   . PHE A 1 68  ? 10.414  7.178   1.345   1.00 22.57 ? 103 PHE A N   1 
ATOM   489 C CA  . PHE A 1 68  ? 9.029   7.512   1.056   1.00 25.74 ? 103 PHE A CA  1 
ATOM   490 C C   . PHE A 1 68  ? 8.653   8.926   1.475   1.00 29.18 ? 103 PHE A C   1 
ATOM   491 O O   . PHE A 1 68  ? 7.495   9.322   1.282   1.00 25.64 ? 103 PHE A O   1 
ATOM   492 C CB  . PHE A 1 68  ? 8.092   6.513   1.749   1.00 24.19 ? 103 PHE A CB  1 
ATOM   493 C CG  . PHE A 1 68  ? 8.165   5.127   1.194   1.00 17.35 ? 103 PHE A CG  1 
ATOM   494 C CD1 . PHE A 1 68  ? 8.260   4.918   -0.173  1.00 19.86 ? 103 PHE A CD1 1 
ATOM   495 C CD2 . PHE A 1 68  ? 8.161   4.034   2.037   1.00 18.74 ? 103 PHE A CD2 1 
ATOM   496 C CE1 . PHE A 1 68  ? 8.317   3.640   -0.681  1.00 17.03 ? 103 PHE A CE1 1 
ATOM   497 C CE2 . PHE A 1 68  ? 8.238   2.755   1.527   1.00 18.95 ? 103 PHE A CE2 1 
ATOM   498 C CZ  . PHE A 1 68  ? 8.309   2.568   0.163   1.00 15.42 ? 103 PHE A CZ  1 
ATOM   499 N N   . LYS A 1 69  ? 9.576   9.686   2.065   1.00 30.74 ? 104 LYS A N   1 
ATOM   500 C CA  . LYS A 1 69  ? 9.262   11.058  2.440   1.00 32.29 ? 104 LYS A CA  1 
ATOM   501 C C   . LYS A 1 69  ? 8.740   11.827  1.238   1.00 28.85 ? 104 LYS A C   1 
ATOM   502 O O   . LYS A 1 69  ? 9.299   11.743  0.145   1.00 29.26 ? 104 LYS A O   1 
ATOM   503 C CB  . LYS A 1 69  ? 10.497  11.750  3.024   1.00 33.83 ? 104 LYS A CB  1 
ATOM   504 C CG  . LYS A 1 69  ? 10.289  13.233  3.335   1.00 38.05 ? 104 LYS A CG  1 
ATOM   505 C CD  . LYS A 1 69  ? 11.231  13.716  4.442   1.00 46.72 ? 104 LYS A CD  1 
ATOM   506 C CE  . LYS A 1 69  ? 10.805  13.195  5.820   1.00 49.37 ? 104 LYS A CE  1 
ATOM   507 N NZ  . LYS A 1 69  ? 10.436  14.308  6.767   1.00 48.85 ? 104 LYS A NZ  1 
ATOM   508 N N   . ASP A 1 70  ? 7.636   12.545  1.442   1.00 28.01 ? 105 ASP A N   1 
ATOM   509 C CA  . ASP A 1 70  ? 7.023   13.400  0.422   1.00 29.07 ? 105 ASP A CA  1 
ATOM   510 C C   . ASP A 1 70  ? 6.609   12.638  -0.836  1.00 29.64 ? 105 ASP A C   1 
ATOM   511 O O   . ASP A 1 70  ? 6.500   13.232  -1.914  1.00 30.54 ? 105 ASP A O   1 
ATOM   512 C CB  . ASP A 1 70  ? 7.944   14.563  0.045   1.00 33.56 ? 105 ASP A CB  1 
ATOM   513 C CG  . ASP A 1 70  ? 8.274   15.445  1.235   1.00 38.63 ? 105 ASP A CG  1 
ATOM   514 O OD1 . ASP A 1 70  ? 7.391   15.623  2.102   1.00 38.18 ? 105 ASP A OD1 1 
ATOM   515 O OD2 . ASP A 1 70  ? 9.420   15.937  1.318   1.00 43.12 ? 105 ASP A OD2 1 
ATOM   516 N N   . ARG A 1 71  ? 6.339   11.331  -0.738  1.00 26.53 ? 106 ARG A N   1 
ATOM   517 C CA  . ARG A 1 71  ? 5.894   10.596  -1.918  1.00 25.61 ? 106 ARG A CA  1 
ATOM   518 C C   . ARG A 1 71  ? 4.551   9.894   -1.770  1.00 21.51 ? 106 ARG A C   1 
ATOM   519 O O   . ARG A 1 71  ? 3.974   9.497   -2.789  1.00 21.30 ? 106 ARG A O   1 
ATOM   520 C CB  . ARG A 1 71  ? 6.926   9.531   -2.314  1.00 24.56 ? 106 ARG A CB  1 
ATOM   521 C CG  . ARG A 1 71  ? 8.244   10.052  -2.818  1.00 22.30 ? 106 ARG A CG  1 
ATOM   522 C CD  . ARG A 1 71  ? 9.133   8.864   -3.150  1.00 23.48 ? 106 ARG A CD  1 
ATOM   523 N NE  . ARG A 1 71  ? 9.931   9.139   -4.330  1.00 24.99 ? 106 ARG A NE  1 
ATOM   524 C CZ  . ARG A 1 71  ? 11.218  9.461   -4.295  1.00 26.16 ? 106 ARG A CZ  1 
ATOM   525 N NH1 . ARG A 1 71  ? 11.857  9.531   -3.133  1.00 21.54 ? 106 ARG A NH1 1 
ATOM   526 N NH2 . ARG A 1 71  ? 11.867  9.696   -5.428  1.00 29.51 ? 106 ARG A NH2 1 
ATOM   527 N N   . ILE A 1 72  ? 4.061   9.700   -0.551  1.00 21.40 ? 107 ILE A N   1 
ATOM   528 C CA  . ILE A 1 72  ? 2.953   8.789   -0.282  1.00 21.94 ? 107 ILE A CA  1 
ATOM   529 C C   . ILE A 1 72  ? 1.666   9.582   -0.198  1.00 27.75 ? 107 ILE A C   1 
ATOM   530 O O   . ILE A 1 72  ? 1.592   10.570  0.538   1.00 25.59 ? 107 ILE A O   1 
ATOM   531 C CB  . ILE A 1 72  ? 3.181   8.008   1.019   1.00 21.20 ? 107 ILE A CB  1 
ATOM   532 C CG1 . ILE A 1 72  ? 4.511   7.268   0.951   1.00 21.27 ? 107 ILE A CG1 1 
ATOM   533 C CG2 . ILE A 1 72  ? 2.038   7.036   1.262   1.00 19.51 ? 107 ILE A CG2 1 
ATOM   534 C CD1 . ILE A 1 72  ? 4.660   6.459   -0.307  1.00 19.63 ? 107 ILE A CD1 1 
ATOM   535 N N   . SER A 1 73  ? 0.644   9.144   -0.928  1.00 27.35 ? 108 SER A N   1 
ATOM   536 C CA  . SER A 1 73  ? -0.665  9.758   -0.791  1.00 28.90 ? 108 SER A CA  1 
ATOM   537 C C   . SER A 1 73  ? -1.749  8.688   -0.764  1.00 27.80 ? 108 SER A C   1 
ATOM   538 O O   . SER A 1 73  ? -1.640  7.636   -1.406  1.00 22.88 ? 108 SER A O   1 
ATOM   539 C CB  . SER A 1 73  ? -0.933  10.766  -1.908  1.00 26.50 ? 108 SER A CB  1 
ATOM   540 O OG  . SER A 1 73  ? -1.174  10.123  -3.146  1.00 27.70 ? 108 SER A OG  1 
ATOM   541 N N   . TRP A 1 74  ? -2.795  8.947   -0.009  1.00 24.08 ? 109 TRP A N   1 
ATOM   542 C CA  . TRP A 1 74  ? -3.981  8.112   -0.006  1.00 22.77 ? 109 TRP A CA  1 
ATOM   543 C C   . TRP A 1 74  ? -4.690  8.191   -1.333  1.00 22.95 ? 109 TRP A C   1 
ATOM   544 O O   . TRP A 1 74  ? -4.889  9.239   -1.844  1.00 21.22 ? 109 TRP A O   1 
ATOM   545 C CB  . TRP A 1 74  ? -4.907  8.551   1.115   1.00 25.27 ? 109 TRP A CB  1 
ATOM   546 C CG  . TRP A 1 74  ? -6.268  7.996   1.180   1.00 24.97 ? 109 TRP A CG  1 
ATOM   547 C CD1 . TRP A 1 74  ? -7.432  8.711   1.242   1.00 26.18 ? 109 TRP A CD1 1 
ATOM   548 C CD2 . TRP A 1 74  ? -6.639  6.648   1.342   1.00 23.71 ? 109 TRP A CD2 1 
ATOM   549 N NE1 . TRP A 1 74  ? -8.471  7.897   1.376   1.00 21.90 ? 109 TRP A NE1 1 
ATOM   550 C CE2 . TRP A 1 74  ? -8.029  6.617   1.428   1.00 26.06 ? 109 TRP A CE2 1 
ATOM   551 C CE3 . TRP A 1 74  ? -5.944  5.451   1.392   1.00 24.23 ? 109 TRP A CE3 1 
ATOM   552 C CZ2 . TRP A 1 74  ? -8.714  5.460   1.579   1.00 23.72 ? 109 TRP A CZ2 1 
ATOM   553 C CZ3 . TRP A 1 74  ? -6.629  4.309   1.549   1.00 22.25 ? 109 TRP A CZ3 1 
ATOM   554 C CH2 . TRP A 1 74  ? -8.010  4.320   1.661   1.00 23.19 ? 109 TRP A CH2 1 
ATOM   555 N N   . ALA A 1 75  ? -4.998  7.046   -1.924  1.00 19.59 ? 110 ALA A N   1 
ATOM   556 C CA  . ALA A 1 75  ? -5.710  7.022   -3.198  1.00 18.50 ? 110 ALA A CA  1 
ATOM   557 C C   . ALA A 1 75  ? -6.994  6.194   -3.178  1.00 19.90 ? 110 ALA A C   1 
ATOM   558 O O   . ALA A 1 75  ? -7.517  5.842   -4.200  1.00 22.22 ? 110 ALA A O   1 
ATOM   559 C CB  . ALA A 1 75  ? -4.793  6.566   -4.318  1.00 20.71 ? 110 ALA A CB  1 
ATOM   560 N N   . GLY A 1 76  ? -7.426  5.842   -1.986  1.00 18.53 ? 111 GLY A N   1 
ATOM   561 C CA  . GLY A 1 76  ? -8.536  4.947   -1.773  1.00 21.41 ? 111 GLY A CA  1 
ATOM   562 C C   . GLY A 1 76  ? -9.863  5.630   -1.505  1.00 24.87 ? 111 GLY A C   1 
ATOM   563 O O   . GLY A 1 76  ? -9.983  6.843   -1.581  1.00 25.36 ? 111 GLY A O   1 
ATOM   564 N N   . ASP A 1 77  ? -10.875 4.810   -1.281  1.00 23.27 ? 112 ASP A N   1 
ATOM   565 C CA  . ASP A 1 77  ? -12.141 5.251   -0.736  1.00 25.71 ? 112 ASP A CA  1 
ATOM   566 C C   . ASP A 1 77  ? -12.761 4.065   -0.030  1.00 26.31 ? 112 ASP A C   1 
ATOM   567 O O   . ASP A 1 77  ? -13.183 3.128   -0.669  1.00 26.60 ? 112 ASP A O   1 
ATOM   568 C CB  . ASP A 1 77  ? -13.036 5.757   -1.858  1.00 27.47 ? 112 ASP A CB  1 
ATOM   569 C CG  . ASP A 1 77  ? -14.339 6.330   -1.357  1.00 30.84 ? 112 ASP A CG  1 
ATOM   570 O OD1 . ASP A 1 77  ? -14.848 7.228   -2.027  1.00 32.12 ? 112 ASP A OD1 1 
ATOM   571 O OD2 . ASP A 1 77  ? -14.849 5.879   -0.325  1.00 27.30 ? 112 ASP A OD2 1 
ATOM   572 N N   . LEU A 1 78  ? -12.843 4.121   1.284   1.00 25.80 ? 113 LEU A N   1 
ATOM   573 C CA  . LEU A 1 78  ? -13.321 2.988   2.053   1.00 27.53 ? 113 LEU A CA  1 
ATOM   574 C C   . LEU A 1 78  ? -14.759 2.628   1.694   1.00 32.31 ? 113 LEU A C   1 
ATOM   575 O O   . LEU A 1 78  ? -15.125 1.478   1.703   1.00 34.65 ? 113 LEU A O   1 
ATOM   576 C CB  . LEU A 1 78  ? -13.128 3.200   3.545   1.00 31.70 ? 113 LEU A CB  1 
ATOM   577 C CG  . LEU A 1 78  ? -11.665 3.299   3.964   1.00 33.27 ? 113 LEU A CG  1 
ATOM   578 C CD1 . LEU A 1 78  ? -11.493 3.271   5.469   1.00 33.02 ? 113 LEU A CD1 1 
ATOM   579 C CD2 . LEU A 1 78  ? -10.826 2.225   3.296   1.00 28.97 ? 113 LEU A CD2 1 
ATOM   580 N N   . ASP A 1 79  ? -15.565 3.628   1.394   1.00 31.99 ? 114 ASP A N   1 
ATOM   581 C CA  . ASP A 1 79  ? -16.925 3.391   0.967   1.00 35.78 ? 114 ASP A CA  1 
ATOM   582 C C   . ASP A 1 79  ? -16.955 2.594   -0.330  1.00 33.46 ? 114 ASP A C   1 
ATOM   583 O O   . ASP A 1 79  ? -17.854 1.793   -0.523  1.00 34.03 ? 114 ASP A O   1 
ATOM   584 C CB  . ASP A 1 79  ? -17.725 4.687   0.859   1.00 36.33 ? 114 ASP A CB  1 
ATOM   585 C CG  . ASP A 1 79  ? -17.923 5.360   2.204   1.00 38.91 ? 114 ASP A CG  1 
ATOM   586 O OD1 . ASP A 1 79  ? -17.830 4.679   3.235   1.00 36.69 ? 114 ASP A OD1 1 
ATOM   587 O OD2 . ASP A 1 79  ? -18.151 6.577   2.231   1.00 39.98 ? 114 ASP A OD2 1 
ATOM   588 N N   . LYS A 1 80  ? -16.002 2.839   -1.224  1.00 31.51 ? 115 LYS A N   1 
ATOM   589 C CA  . LYS A 1 80  ? -15.881 2.037   -2.411  1.00 27.75 ? 115 LYS A CA  1 
ATOM   590 C C   . LYS A 1 80  ? -14.994 0.817   -2.241  1.00 27.97 ? 115 LYS A C   1 
ATOM   591 O O   . LYS A 1 80  ? -14.669 0.179   -3.167  1.00 29.71 ? 115 LYS A O   1 
ATOM   592 C CB  . LYS A 1 80  ? -15.476 2.846   -3.610  1.00 28.91 ? 115 LYS A CB  1 
ATOM   593 C CG  . LYS A 1 80  ? -16.231 4.116   -3.778  1.00 34.09 ? 115 LYS A CG  1 
ATOM   594 C CD  . LYS A 1 80  ? -16.034 4.676   -5.167  1.00 44.09 ? 115 LYS A CD  1 
ATOM   595 C CE  . LYS A 1 80  ? -16.543 6.104   -5.313  1.00 46.15 ? 115 LYS A CE  1 
ATOM   596 N NZ  . LYS A 1 80  ? -16.215 6.671   -6.661  1.00 58.83 ? 115 LYS A NZ  1 
ATOM   597 N N   . LYS A 1 81  ? -14.700 0.496   -1.013  1.00 25.84 ? 116 LYS A N   1 
ATOM   598 C CA  . LYS A 1 81  ? -13.869 -0.609  -0.656  1.00 25.02 ? 116 LYS A CA  1 
ATOM   599 C C   . LYS A 1 81  ? -12.504 -0.610  -1.423  1.00 25.66 ? 116 LYS A C   1 
ATOM   600 O O   . LYS A 1 81  ? -12.057 -1.594  -1.864  1.00 22.34 ? 116 LYS A O   1 
ATOM   601 C CB  . LYS A 1 81  ? -14.652 -1.888  -0.807  1.00 28.59 ? 116 LYS A CB  1 
ATOM   602 C CG  . LYS A 1 81  ? -16.022 -1.787  -0.144  1.00 30.47 ? 116 LYS A CG  1 
ATOM   603 C CD  . LYS A 1 81  ? -16.429 -3.067  0.521   1.00 36.16 ? 116 LYS A CD  1 
ATOM   604 C CE  . LYS A 1 81  ? -17.859 -3.009  1.037   1.00 39.63 ? 116 LYS A CE  1 
ATOM   605 N NZ  . LYS A 1 81  ? -18.838 -3.465  0.036   1.00 45.30 ? 116 LYS A NZ  1 
ATOM   606 N N   . ASP A 1 82  ? -11.944 0.566   -1.585  1.00 20.26 ? 117 ASP A N   1 
ATOM   607 C CA  . ASP A 1 82  ? -10.667 0.754   -2.259  1.00 22.20 ? 117 ASP A CA  1 
ATOM   608 C C   . ASP A 1 82  ? -9.668  1.259   -1.217  1.00 21.44 ? 117 ASP A C   1 
ATOM   609 O O   . ASP A 1 82  ? -9.935  2.266   -0.548  1.00 19.83 ? 117 ASP A O   1 
ATOM   610 C CB  . ASP A 1 82  ? -10.841 1.732   -3.424  1.00 22.83 ? 117 ASP A CB  1 
ATOM   611 C CG  . ASP A 1 82  ? -9.594  1.873   -4.278  1.00 23.07 ? 117 ASP A CG  1 
ATOM   612 O OD1 . ASP A 1 82  ? -8.505  2.058   -3.715  1.00 21.25 ? 117 ASP A OD1 1 
ATOM   613 O OD2 . ASP A 1 82  ? -9.703  1.798   -5.519  1.00 25.26 ? 117 ASP A OD2 1 
ATOM   614 N N   . ALA A 1 83  ? -8.535  0.538   -1.052  1.00 20.32 ? 118 ALA A N   1 
ATOM   615 C CA  . ALA A 1 83  ? -7.492  0.861   -0.073  1.00 17.33 ? 118 ALA A CA  1 
ATOM   616 C C   . ALA A 1 83  ? -6.170  1.256   -0.733  1.00 16.90 ? 118 ALA A C   1 
ATOM   617 O O   . ALA A 1 83  ? -5.105  1.062   -0.145  1.00 15.17 ? 118 ALA A O   1 
ATOM   618 C CB  . ALA A 1 83  ? -7.251  -0.310  0.880   1.00 12.85 ? 118 ALA A CB  1 
ATOM   619 N N   . SER A 1 84  ? -6.231  1.827   -1.935  1.00 16.16 ? 119 SER A N   1 
ATOM   620 C CA  . SER A 1 84  ? -5.058  2.120   -2.749  1.00 18.47 ? 119 SER A CA  1 
ATOM   621 C C   . SER A 1 84  ? -4.291  3.334   -2.230  1.00 20.75 ? 119 SER A C   1 
ATOM   622 O O   . SER A 1 84  ? -4.865  4.246   -1.629  1.00 18.58 ? 119 SER A O   1 
ATOM   623 C CB  . SER A 1 84  ? -5.470  2.382   -4.199  1.00 17.57 ? 119 SER A CB  1 
ATOM   624 O OG  . SER A 1 84  ? -6.164  1.273   -4.745  1.00 18.41 ? 119 SER A OG  1 
ATOM   625 N N   . ILE A 1 85  ? -2.985  3.350   -2.503  1.00 14.50 ? 120 ILE A N   1 
ATOM   626 C CA  . ILE A 1 85  ? -2.123  4.512   -2.286  1.00 18.67 ? 120 ILE A CA  1 
ATOM   627 C C   . ILE A 1 85  ? -1.335  4.770   -3.565  1.00 19.86 ? 120 ILE A C   1 
ATOM   628 O O   . ILE A 1 85  ? -1.159  3.873   -4.396  1.00 19.18 ? 120 ILE A O   1 
ATOM   629 C CB  . ILE A 1 85  ? -1.145  4.336   -1.100  1.00 17.33 ? 120 ILE A CB  1 
ATOM   630 C CG1 . ILE A 1 85  ? -0.288  3.068   -1.265  1.00 15.80 ? 120 ILE A CG1 1 
ATOM   631 C CG2 . ILE A 1 85  ? -1.895  4.303   0.216   1.00 18.16 ? 120 ILE A CG2 1 
ATOM   632 C CD1 . ILE A 1 85  ? 0.910   3.002   -0.246  1.00 11.62 ? 120 ILE A CD1 1 
ATOM   633 N N   . ASN A 1 86  ? -0.881  6.010   -3.728  1.00 18.23 ? 121 ASN A N   1 
ATOM   634 C CA  . ASN A 1 86  ? 0.028   6.392   -4.802  1.00 22.03 ? 121 ASN A CA  1 
ATOM   635 C C   . ASN A 1 86  ? 1.413   6.693   -4.241  1.00 18.41 ? 121 ASN A C   1 
ATOM   636 O O   . ASN A 1 86  ? 1.553   7.148   -3.101  1.00 18.73 ? 121 ASN A O   1 
ATOM   637 C CB  . ASN A 1 86  ? -0.492  7.610   -5.562  1.00 25.98 ? 121 ASN A CB  1 
ATOM   638 C CG  . ASN A 1 86  ? -1.704  7.292   -6.403  1.00 25.65 ? 121 ASN A CG  1 
ATOM   639 O OD1 . ASN A 1 86  ? -1.884  6.158   -6.843  1.00 28.81 ? 121 ASN A OD1 1 
ATOM   640 N ND2 . ASN A 1 86  ? -2.552  8.293   -6.630  1.00 30.71 ? 121 ASN A ND2 1 
ATOM   641 N N   . ILE A 1 87  ? 2.439   6.424   -5.055  1.00 21.09 ? 122 ILE A N   1 
ATOM   642 C CA  . ILE A 1 87  ? 3.831   6.700   -4.711  1.00 18.11 ? 122 ILE A CA  1 
ATOM   643 C C   . ILE A 1 87  ? 4.454   7.506   -5.845  1.00 18.63 ? 122 ILE A C   1 
ATOM   644 O O   . ILE A 1 87  ? 4.560   7.014   -6.975  1.00 19.60 ? 122 ILE A O   1 
ATOM   645 C CB  . ILE A 1 87  ? 4.643   5.416   -4.463  1.00 20.62 ? 122 ILE A CB  1 
ATOM   646 C CG1 . ILE A 1 87  ? 4.054   4.618   -3.298  1.00 18.15 ? 122 ILE A CG1 1 
ATOM   647 C CG2 . ILE A 1 87  ? 6.118   5.757   -4.173  1.00 17.65 ? 122 ILE A CG2 1 
ATOM   648 C CD1 . ILE A 1 87  ? 4.893   3.435   -2.902  1.00 15.25 ? 122 ILE A CD1 1 
ATOM   649 N N   . GLU A 1 88  ? 4.902   8.719   -5.533  1.00 20.73 ? 123 GLU A N   1 
ATOM   650 C CA  . GLU A 1 88  ? 5.438   9.640   -6.529  1.00 25.42 ? 123 GLU A CA  1 
ATOM   651 C C   . GLU A 1 88  ? 6.886   9.318   -6.858  1.00 21.32 ? 123 GLU A C   1 
ATOM   652 O O   . GLU A 1 88  ? 7.664   8.916   -5.988  1.00 22.15 ? 123 GLU A O   1 
ATOM   653 C CB  . GLU A 1 88  ? 5.385   11.088  -6.025  1.00 29.24 ? 123 GLU A CB  1 
ATOM   654 C CG  . GLU A 1 88  ? 4.003   11.603  -5.690  1.00 28.67 ? 123 GLU A CG  1 
ATOM   655 C CD  . GLU A 1 88  ? 3.071   11.493  -6.865  1.00 30.02 ? 123 GLU A CD  1 
ATOM   656 O OE1 . GLU A 1 88  ? 1.982   10.915  -6.707  1.00 28.97 ? 123 GLU A OE1 1 
ATOM   657 O OE2 . GLU A 1 88  ? 3.438   11.969  -7.959  1.00 34.26 ? 123 GLU A OE2 1 
ATOM   658 N N   . ASN A 1 89  ? 7.251   9.545   -8.116  1.00 21.26 ? 124 ASN A N   1 
ATOM   659 C CA  . ASN A 1 89  ? 8.656   9.612   -8.520  1.00 24.53 ? 124 ASN A CA  1 
ATOM   660 C C   . ASN A 1 89  ? 9.419   8.367   -8.071  1.00 21.74 ? 124 ASN A C   1 
ATOM   661 O O   . ASN A 1 89  ? 10.394  8.428   -7.320  1.00 25.09 ? 124 ASN A O   1 
ATOM   662 C CB  . ASN A 1 89  ? 9.310   10.880  -7.963  1.00 24.13 ? 124 ASN A CB  1 
ATOM   663 C CG  . ASN A 1 89  ? 10.721  11.078  -8.475  1.00 33.16 ? 124 ASN A CG  1 
ATOM   664 O OD1 . ASN A 1 89  ? 11.130  10.460  -9.466  1.00 30.55 ? 124 ASN A OD1 1 
ATOM   665 N ND2 . ASN A 1 89  ? 11.478  11.923  -7.796  1.00 27.46 ? 124 ASN A ND2 1 
ATOM   666 N N   . MET A 1 90  ? 8.941   7.218   -8.531  1.00 22.40 ? 125 MET A N   1 
ATOM   667 C CA  . MET A 1 90  ? 9.467   5.955   -8.039  1.00 22.54 ? 125 MET A CA  1 
ATOM   668 C C   . MET A 1 90  ? 10.860  5.699   -8.603  1.00 23.19 ? 125 MET A C   1 
ATOM   669 O O   . MET A 1 90  ? 11.152  6.000   -9.763  1.00 22.38 ? 125 MET A O   1 
ATOM   670 C CB  . MET A 1 90  ? 8.520   4.811   -8.403  1.00 22.92 ? 125 MET A CB  1 
ATOM   671 C CG  . MET A 1 90  ? 7.121   4.957   -7.802  1.00 22.73 ? 125 MET A CG  1 
ATOM   672 S SD  . MET A 1 90  ? 6.376   3.364   -7.427  1.00 16.71 ? 125 MET A SD  1 
ATOM   673 C CE  . MET A 1 90  ? 7.427   2.777   -6.102  1.00 15.81 ? 125 MET A CE  1 
ATOM   674 N N   . GLN A 1 91  ? 11.727  5.146   -7.768  1.00 22.95 ? 126 GLN A N   1 
ATOM   675 C CA  . GLN A 1 91  ? 13.105  4.907   -8.156  1.00 22.68 ? 126 GLN A CA  1 
ATOM   676 C C   . GLN A 1 91  ? 13.497  3.516   -7.707  1.00 25.31 ? 126 GLN A C   1 
ATOM   677 O O   . GLN A 1 91  ? 12.742  2.822   -7.019  1.00 21.68 ? 126 GLN A O   1 
ATOM   678 C CB  . GLN A 1 91  ? 14.058  5.964   -7.571  1.00 24.18 ? 126 GLN A CB  1 
ATOM   679 C CG  . GLN A 1 91  ? 13.745  7.410   -7.954  1.00 23.95 ? 126 GLN A CG  1 
ATOM   680 C CD  . GLN A 1 91  ? 13.863  7.680   -9.450  1.00 30.27 ? 126 GLN A CD  1 
ATOM   681 O OE1 . GLN A 1 91  ? 14.558  6.948   -10.150 1.00 33.88 ? 126 GLN A OE1 1 
ATOM   682 N NE2 . GLN A 1 91  ? 13.173  8.724   -9.950  1.00 32.22 ? 126 GLN A NE2 1 
ATOM   683 N N   . PHE A 1 92  ? 14.706  3.119   -8.092  1.00 21.58 ? 127 PHE A N   1 
ATOM   684 C CA  . PHE A 1 92  ? 15.128  1.747   -7.869  1.00 23.09 ? 127 PHE A CA  1 
ATOM   685 C C   . PHE A 1 92  ? 15.196  1.411   -6.386  1.00 19.33 ? 127 PHE A C   1 
ATOM   686 O O   . PHE A 1 92  ? 15.012  0.250   -6.003  1.00 19.18 ? 127 PHE A O   1 
ATOM   687 C CB  . PHE A 1 92  ? 16.457  1.528   -8.598  1.00 24.23 ? 127 PHE A CB  1 
ATOM   688 C CG  . PHE A 1 92  ? 16.382  1.882   -10.078 1.00 33.55 ? 127 PHE A CG  1 
ATOM   689 C CD1 . PHE A 1 92  ? 15.751  1.026   -10.985 1.00 33.81 ? 127 PHE A CD1 1 
ATOM   690 C CD2 . PHE A 1 92  ? 16.890  3.087   -10.557 1.00 34.92 ? 127 PHE A CD2 1 
ATOM   691 C CE1 . PHE A 1 92  ? 15.665  1.350   -12.339 1.00 34.91 ? 127 PHE A CE1 1 
ATOM   692 C CE2 . PHE A 1 92  ? 16.810  3.414   -11.915 1.00 33.81 ? 127 PHE A CE2 1 
ATOM   693 C CZ  . PHE A 1 92  ? 16.195  2.547   -12.803 1.00 35.39 ? 127 PHE A CZ  1 
ATOM   694 N N   . ILE A 1 93  ? 15.399  2.409   -5.524  1.00 18.80 ? 128 ILE A N   1 
ATOM   695 C CA  . ILE A 1 93  ? 15.367  2.173   -4.081  1.00 20.85 ? 128 ILE A CA  1 
ATOM   696 C C   . ILE A 1 93  ? 13.994  1.740   -3.573  1.00 19.34 ? 128 ILE A C   1 
ATOM   697 O O   . ILE A 1 93  ? 13.883  1.275   -2.436  1.00 18.47 ? 128 ILE A O   1 
ATOM   698 C CB  . ILE A 1 93  ? 15.814  3.440   -3.315  1.00 22.55 ? 128 ILE A CB  1 
ATOM   699 C CG1 . ILE A 1 93  ? 14.942  4.644   -3.721  1.00 22.65 ? 128 ILE A CG1 1 
ATOM   700 C CG2 . ILE A 1 93  ? 17.307  3.703   -3.551  1.00 24.74 ? 128 ILE A CG2 1 
ATOM   701 C CD1 . ILE A 1 93  ? 15.127  5.898   -2.878  1.00 24.97 ? 128 ILE A CD1 1 
ATOM   702 N N   . HIS A 1 94  ? 12.944  1.888   -4.373  1.00 19.98 ? 129 HIS A N   1 
ATOM   703 C CA  . HIS A 1 94  ? 11.596  1.465   -3.999  1.00 20.46 ? 129 HIS A CA  1 
ATOM   704 C C   . HIS A 1 94  ? 11.240  0.062   -4.481  1.00 18.79 ? 129 HIS A C   1 
ATOM   705 O O   . HIS A 1 94  ? 10.087  -0.359  -4.312  1.00 14.66 ? 129 HIS A O   1 
ATOM   706 C CB  . HIS A 1 94  ? 10.583  2.472   -4.540  1.00 18.27 ? 129 HIS A CB  1 
ATOM   707 C CG  . HIS A 1 94  ? 10.855  3.867   -4.087  1.00 18.83 ? 129 HIS A CG  1 
ATOM   708 N ND1 . HIS A 1 94  ? 10.967  4.926   -4.958  1.00 21.25 ? 129 HIS A ND1 1 
ATOM   709 C CD2 . HIS A 1 94  ? 11.088  4.368   -2.850  1.00 20.45 ? 129 HIS A CD2 1 
ATOM   710 C CE1 . HIS A 1 94  ? 11.237  6.027   -4.276  1.00 21.53 ? 129 HIS A CE1 1 
ATOM   711 N NE2 . HIS A 1 94  ? 11.320  5.714   -2.994  1.00 19.84 ? 129 HIS A NE2 1 
ATOM   712 N N   . ASN A 1 95  ? 12.190  -0.655  -5.086  1.00 15.16 ? 130 ASN A N   1 
ATOM   713 C CA  . ASN A 1 95  ? 11.970  -2.039  -5.494  1.00 17.94 ? 130 ASN A CA  1 
ATOM   714 C C   . ASN A 1 95  ? 11.720  -2.904  -4.274  1.00 19.56 ? 130 ASN A C   1 
ATOM   715 O O   . ASN A 1 95  ? 12.445  -2.810  -3.286  1.00 17.99 ? 130 ASN A O   1 
ATOM   716 C CB  . ASN A 1 95  ? 13.196  -2.587  -6.241  1.00 19.11 ? 130 ASN A CB  1 
ATOM   717 C CG  . ASN A 1 95  ? 13.132  -2.366  -7.718  1.00 24.53 ? 130 ASN A CG  1 
ATOM   718 O OD1 . ASN A 1 95  ? 12.110  -2.619  -8.351  1.00 21.20 ? 130 ASN A OD1 1 
ATOM   719 N ND2 . ASN A 1 95  ? 14.239  -1.903  -8.293  1.00 25.25 ? 130 ASN A ND2 1 
ATOM   720 N N   . GLY A 1 96  ? 10.723  -3.769  -4.347  1.00 14.38 ? 131 GLY A N   1 
ATOM   721 C CA  . GLY A 1 96  ? 10.489  -4.698  -3.263  1.00 15.08 ? 131 GLY A CA  1 
ATOM   722 C C   . GLY A 1 96  ? 9.038   -5.132  -3.236  1.00 15.34 ? 131 GLY A C   1 
ATOM   723 O O   . GLY A 1 96  ? 8.333   -5.016  -4.232  1.00 15.83 ? 131 GLY A O   1 
ATOM   724 N N   . THR A 1 97  ? 8.621   -5.621  -2.072  1.00 13.50 ? 132 THR A N   1 
ATOM   725 C CA  . THR A 1 97  ? 7.284   -6.147  -1.859  1.00 15.02 ? 132 THR A CA  1 
ATOM   726 C C   . THR A 1 97  ? 6.495   -5.191  -0.970  1.00 14.31 ? 132 THR A C   1 
ATOM   727 O O   . THR A 1 97  ? 6.975   -4.787  0.094   1.00 15.42 ? 132 THR A O   1 
ATOM   728 C CB  . THR A 1 97  ? 7.349   -7.548  -1.237  1.00 18.56 ? 132 THR A CB  1 
ATOM   729 O OG1 . THR A 1 97  ? 8.010   -8.441  -2.141  1.00 19.11 ? 132 THR A OG1 1 
ATOM   730 C CG2 . THR A 1 97  ? 5.934   -8.098  -0.969  1.00 19.02 ? 132 THR A CG2 1 
ATOM   731 N N   . TYR A 1 98  ? 5.320   -4.789  -1.437  1.00 13.26 ? 133 TYR A N   1 
ATOM   732 C CA  . TYR A 1 98  ? 4.414   -3.919  -0.700  1.00 13.88 ? 133 TYR A CA  1 
ATOM   733 C C   . TYR A 1 98  ? 3.262   -4.753  -0.156  1.00 15.77 ? 133 TYR A C   1 
ATOM   734 O O   . TYR A 1 98  ? 2.761   -5.660  -0.833  1.00 15.96 ? 133 TYR A O   1 
ATOM   735 C CB  . TYR A 1 98  ? 3.907   -2.782  -1.598  1.00 12.72 ? 133 TYR A CB  1 
ATOM   736 C CG  . TYR A 1 98  ? 5.020   -1.801  -1.931  1.00 12.94 ? 133 TYR A CG  1 
ATOM   737 C CD1 . TYR A 1 98  ? 5.168   -0.613  -1.215  1.00 12.58 ? 133 TYR A CD1 1 
ATOM   738 C CD2 . TYR A 1 98  ? 5.962   -2.099  -2.915  1.00 14.04 ? 133 TYR A CD2 1 
ATOM   739 C CE1 . TYR A 1 98  ? 6.188   0.273   -1.502  1.00 14.61 ? 133 TYR A CE1 1 
ATOM   740 C CE2 . TYR A 1 98  ? 6.995   -1.226  -3.206  1.00 14.50 ? 133 TYR A CE2 1 
ATOM   741 C CZ  . TYR A 1 98  ? 7.107   -0.038  -2.502  1.00 16.77 ? 133 TYR A CZ  1 
ATOM   742 O OH  . TYR A 1 98  ? 8.150   0.824   -2.785  1.00 12.88 ? 133 TYR A OH  1 
ATOM   743 N N   . ILE A 1 99  ? 2.861   -4.466  1.080   1.00 14.90 ? 134 ILE A N   1 
ATOM   744 C CA  . ILE A 1 99  ? 1.930   -5.317  1.811   1.00 16.47 ? 134 ILE A CA  1 
ATOM   745 C C   . ILE A 1 99  ? 0.794   -4.449  2.332   1.00 16.82 ? 134 ILE A C   1 
ATOM   746 O O   . ILE A 1 99  ? 1.034   -3.497  3.076   1.00 16.07 ? 134 ILE A O   1 
ATOM   747 C CB  . ILE A 1 99  ? 2.625   -6.055  2.967   1.00 17.75 ? 134 ILE A CB  1 
ATOM   748 C CG1 . ILE A 1 99  ? 3.827   -6.850  2.453   1.00 25.27 ? 134 ILE A CG1 1 
ATOM   749 C CG2 . ILE A 1 99  ? 1.644   -6.972  3.677   1.00 20.43 ? 134 ILE A CG2 1 
ATOM   750 C CD1 . ILE A 1 99  ? 4.461   -7.753  3.488   1.00 27.97 ? 134 ILE A CD1 1 
ATOM   751 N N   . CYS A 1 100 ? -0.433  -4.757  1.922   1.00 17.04 ? 135 CYS A N   1 
ATOM   752 C CA  . CYS A 1 100 ? -1.608  -4.026  2.383   1.00 17.72 ? 135 CYS A CA  1 
ATOM   753 C C   . CYS A 1 100 ? -2.363  -4.876  3.397   1.00 22.87 ? 135 CYS A C   1 
ATOM   754 O O   . CYS A 1 100 ? -2.685  -6.038  3.135   1.00 22.43 ? 135 CYS A O   1 
ATOM   755 C CB  . CYS A 1 100 ? -2.536  -3.612  1.222   1.00 15.81 ? 135 CYS A CB  1 
ATOM   756 S SG  . CYS A 1 100 ? -3.934  -2.592  1.808   1.00 15.62 ? 135 CYS A SG  1 
ATOM   757 N N   . ASP A 1 101 ? -2.645  -4.278  4.549   1.00 21.15 ? 136 ASP A N   1 
ATOM   758 C CA  . ASP A 1 101 ? -3.269  -4.931  5.692   1.00 22.46 ? 136 ASP A CA  1 
ATOM   759 C C   . ASP A 1 101 ? -4.591  -4.217  5.931   1.00 23.82 ? 136 ASP A C   1 
ATOM   760 O O   . ASP A 1 101 ? -4.589  -3.027  6.240   1.00 22.86 ? 136 ASP A O   1 
ATOM   761 C CB  . ASP A 1 101 ? -2.318  -4.829  6.894   1.00 22.65 ? 136 ASP A CB  1 
ATOM   762 C CG  . ASP A 1 101 ? -2.808  -5.544  8.122   1.00 39.00 ? 136 ASP A CG  1 
ATOM   763 O OD1 . ASP A 1 101 ? -1.979  -6.207  8.788   1.00 46.24 ? 136 ASP A OD1 1 
ATOM   764 O OD2 . ASP A 1 101 ? -3.997  -5.427  8.472   1.00 41.92 ? 136 ASP A OD2 1 
ATOM   765 N N   . VAL A 1 102 ? -5.709  -4.910  5.734   1.00 24.69 ? 137 VAL A N   1 
ATOM   766 C CA  . VAL A 1 102 ? -7.034  -4.308  5.931   1.00 22.28 ? 137 VAL A CA  1 
ATOM   767 C C   . VAL A 1 102 ? -7.743  -4.948  7.118   1.00 22.44 ? 137 VAL A C   1 
ATOM   768 O O   . VAL A 1 102 ? -7.880  -6.142  7.181   1.00 21.91 ? 137 VAL A O   1 
ATOM   769 C CB  . VAL A 1 102 ? -7.935  -4.402  4.682   1.00 23.44 ? 137 VAL A CB  1 
ATOM   770 C CG1 . VAL A 1 102 ? -9.253  -3.686  4.915   1.00 22.53 ? 137 VAL A CG1 1 
ATOM   771 C CG2 . VAL A 1 102 ? -7.238  -3.831  3.474   1.00 19.32 ? 137 VAL A CG2 1 
ATOM   772 N N   . LYS A 1 103 ? -8.153  -4.113  8.059   1.00 25.82 ? 138 LYS A N   1 
ATOM   773 C CA  . LYS A 1 103 ? -8.903  -4.560  9.216   1.00 29.02 ? 138 LYS A CA  1 
ATOM   774 C C   . LYS A 1 103 ? -10.307 -3.988  9.125   1.00 30.53 ? 138 LYS A C   1 
ATOM   775 O O   . LYS A 1 103 ? -10.503 -2.810  8.887   1.00 29.22 ? 138 LYS A O   1 
ATOM   776 C CB  . LYS A 1 103 ? -8.251  -4.106  10.523  1.00 30.51 ? 138 LYS A CB  1 
ATOM   777 C CG  . LYS A 1 103 ? -7.053  -4.914  10.950  1.00 32.83 ? 138 LYS A CG  1 
ATOM   778 C CD  . LYS A 1 103 ? -6.348  -4.269  12.119  1.00 31.65 ? 138 LYS A CD  1 
ATOM   779 C CE  . LYS A 1 103 ? -4.895  -4.688  12.206  1.00 36.92 ? 138 LYS A CE  1 
ATOM   780 N NZ  . LYS A 1 103 ? -4.183  -4.496  10.916  1.00 41.49 ? 138 LYS A NZ  1 
ATOM   781 N N   . ASN A 1 104 ? -11.279 -4.860  9.262   1.00 34.54 ? 139 ASN A N   1 
ATOM   782 C CA  . ASN A 1 104 ? -12.652 -4.449  9.256   1.00 42.61 ? 139 ASN A CA  1 
ATOM   783 C C   . ASN A 1 104 ? -13.356 -5.109  10.438  1.00 50.18 ? 139 ASN A C   1 
ATOM   784 O O   . ASN A 1 104 ? -13.558 -6.310  10.425  1.00 52.50 ? 139 ASN A O   1 
ATOM   785 C CB  . ASN A 1 104 ? -13.241 -4.924  7.930   1.00 41.72 ? 139 ASN A CB  1 
ATOM   786 C CG  . ASN A 1 104 ? -14.561 -4.290  7.601   1.00 43.89 ? 139 ASN A CG  1 
ATOM   787 O OD1 . ASN A 1 104 ? -14.678 -3.080  7.465   1.00 44.56 ? 139 ASN A OD1 1 
ATOM   788 N ND2 . ASN A 1 104 ? -15.561 -5.119  7.440   1.00 49.17 ? 139 ASN A ND2 1 
ATOM   789 N N   . PRO A 1 105 ? -13.771 -4.347  11.432  1.00 49.80 ? 140 PRO A N   1 
ATOM   790 C CA  . PRO A 1 105 ? -14.590 -4.940  12.481  1.00 54.43 ? 140 PRO A CA  1 
ATOM   791 C C   . PRO A 1 105 ? -15.998 -5.263  11.979  1.00 56.15 ? 140 PRO A C   1 
ATOM   792 O O   . PRO A 1 105 ? -16.585 -4.375  11.394  1.00 54.76 ? 140 PRO A O   1 
ATOM   793 C CB  . PRO A 1 105 ? -14.626 -3.842  13.525  1.00 51.86 ? 140 PRO A CB  1 
ATOM   794 C CG  . PRO A 1 105 ? -13.310 -3.132  13.347  1.00 51.57 ? 140 PRO A CG  1 
ATOM   795 C CD  . PRO A 1 105 ? -12.704 -3.545  12.034  1.00 46.27 ? 140 PRO A CD  1 
ATOM   796 N N   . PRO A 1 106 ? -16.458 -6.492  12.127  1.00 61.94 ? 141 PRO A N   1 
ATOM   797 C CA  . PRO A 1 106 ? -15.672 -7.503  12.820  1.00 63.94 ? 141 PRO A CA  1 
ATOM   798 C C   . PRO A 1 106 ? -15.008 -8.437  11.836  1.00 65.61 ? 141 PRO A C   1 
ATOM   799 O O   . PRO A 1 106 ? -15.649 -8.899  10.901  1.00 62.56 ? 141 PRO A O   1 
ATOM   800 C CB  . PRO A 1 106 ? -16.714 -8.277  13.630  1.00 63.79 ? 141 PRO A CB  1 
ATOM   801 C CG  . PRO A 1 106 ? -17.941 -7.427  13.634  1.00 66.02 ? 141 PRO A CG  1 
ATOM   802 C CD  . PRO A 1 106 ? -17.900 -6.682  12.339  1.00 67.21 ? 141 PRO A CD  1 
ATOM   803 N N   . ASP A 1 107 ? -13.713 -8.652  12.034  1.00 61.67 ? 142 ASP A N   1 
ATOM   804 C CA  . ASP A 1 107 ? -12.992 -9.790  11.514  1.00 67.64 ? 142 ASP A CA  1 
ATOM   805 C C   . ASP A 1 107 ? -11.989 -10.142 12.593  1.00 69.61 ? 142 ASP A C   1 
ATOM   806 O O   . ASP A 1 107 ? -11.673 -9.316  13.435  1.00 66.92 ? 142 ASP A O   1 
ATOM   807 C CB  . ASP A 1 107 ? -12.303 -9.505  10.189  1.00 64.98 ? 142 ASP A CB  1 
ATOM   808 C CG  . ASP A 1 107 ? -11.522 -10.695 9.678   1.00 63.79 ? 142 ASP A CG  1 
ATOM   809 O OD1 . ASP A 1 107 ? -12.128 -11.755 9.475   1.00 67.58 ? 142 ASP A OD1 1 
ATOM   810 O OD2 . ASP A 1 107 ? -10.300 -10.579 9.484   1.00 58.80 ? 142 ASP A OD2 1 
ATOM   811 N N   . ILE A 1 108 ? -11.494 -11.368 12.594  1.00 71.47 ? 143 ILE A N   1 
ATOM   812 C CA  . ILE A 1 108 ? -10.737 -11.816 13.760  1.00 74.51 ? 143 ILE A CA  1 
ATOM   813 C C   . ILE A 1 108 ? -9.428  -11.031 13.907  1.00 73.00 ? 143 ILE A C   1 
ATOM   814 O O   . ILE A 1 108 ? -9.129  -10.514 14.992  1.00 74.35 ? 143 ILE A O   1 
ATOM   815 C CB  . ILE A 1 108 ? -10.523 -13.342 13.722  1.00 77.83 ? 143 ILE A CB  1 
ATOM   816 C CG1 . ILE A 1 108 ? -11.788 -14.050 13.210  1.00 76.57 ? 143 ILE A CG1 1 
ATOM   817 C CG2 . ILE A 1 108 ? -10.211 -13.855 15.138  1.00 73.02 ? 143 ILE A CG2 1 
ATOM   818 C CD1 . ILE A 1 108 ? -11.780 -14.388 11.724  1.00 69.37 ? 143 ILE A CD1 1 
ATOM   819 N N   . VAL A 1 109 ? -8.627  -10.914 12.834  1.00 67.43 ? 144 VAL A N   1 
ATOM   820 C CA  . VAL A 1 109 ? -7.397  -10.119 12.943  1.00 61.84 ? 144 VAL A CA  1 
ATOM   821 C C   . VAL A 1 109 ? -7.028  -9.412  11.629  1.00 59.73 ? 144 VAL A C   1 
ATOM   822 O O   . VAL A 1 109 ? -5.998  -8.727  11.537  1.00 58.12 ? 144 VAL A O   1 
ATOM   823 C CB  . VAL A 1 109 ? -6.264  -11.009 13.502  1.00 62.96 ? 144 VAL A CB  1 
ATOM   824 C CG1 . VAL A 1 109 ? -6.762  -12.430 13.711  1.00 65.68 ? 144 VAL A CG1 1 
ATOM   825 C CG2 . VAL A 1 109 ? -5.000  -11.003 12.664  1.00 63.38 ? 144 VAL A CG2 1 
ATOM   826 N N   . GLY A 1 110 ? -7.887  -9.515  10.615  1.00 54.23 ? 145 GLY A N   1 
ATOM   827 C CA  . GLY A 1 110 ? -7.670  -8.811  9.364   1.00 39.13 ? 145 GLY A CA  1 
ATOM   828 C C   . GLY A 1 110 ? -7.004  -9.670  8.297   1.00 36.54 ? 145 GLY A C   1 
ATOM   829 O O   . GLY A 1 110 ? -6.653  -10.830 8.511   1.00 39.51 ? 145 GLY A O   1 
ATOM   830 N N   . LYS A 1 111 ? -6.821  -9.088  7.103   1.00 33.19 ? 146 LYS A N   1 
ATOM   831 C CA  . LYS A 1 111 ? -6.231  -9.815  5.979   1.00 27.42 ? 146 LYS A CA  1 
ATOM   832 C C   . LYS A 1 111 ? -5.191  -8.972  5.244   1.00 30.13 ? 146 LYS A C   1 
ATOM   833 O O   . LYS A 1 111 ? -5.273  -7.740  5.216   1.00 22.78 ? 146 LYS A O   1 
ATOM   834 C CB  . LYS A 1 111 ? -7.312  -10.271 4.992   1.00 27.32 ? 146 LYS A CB  1 
ATOM   835 C CG  . LYS A 1 111 ? -8.331  -11.215 5.622   1.00 34.27 ? 146 LYS A CG  1 
ATOM   836 C CD  . LYS A 1 111 ? -8.776  -12.282 4.645   1.00 37.36 ? 146 LYS A CD  1 
ATOM   837 C CE  . LYS A 1 111 ? -9.498  -13.428 5.348   1.00 44.27 ? 146 LYS A CE  1 
ATOM   838 N NZ  . LYS A 1 111 ? -8.671  -14.668 5.311   1.00 51.68 ? 146 LYS A NZ  1 
ATOM   839 N N   . THR A 1 112 ? -4.221  -9.653  4.623   1.00 28.07 ? 147 THR A N   1 
ATOM   840 C CA  . THR A 1 112 ? -3.122  -8.991  3.930   1.00 25.56 ? 147 THR A CA  1 
ATOM   841 C C   . THR A 1 112 ? -2.974  -9.536  2.517   1.00 26.54 ? 147 THR A C   1 
ATOM   842 O O   . THR A 1 112 ? -3.275  -10.703 2.245   1.00 30.45 ? 147 THR A O   1 
ATOM   843 C CB  . THR A 1 112 ? -1.785  -9.167  4.660   1.00 23.83 ? 147 THR A CB  1 
ATOM   844 O OG1 . THR A 1 112 ? -1.432  -10.554 4.673   1.00 34.16 ? 147 THR A OG1 1 
ATOM   845 C CG2 . THR A 1 112 ? -1.875  -8.664  6.081   1.00 25.27 ? 147 THR A CG2 1 
ATOM   846 N N   . SER A 1 113 ? -2.502  -8.672  1.620   1.00 20.72 ? 148 SER A N   1 
ATOM   847 C CA  . SER A 1 113 ? -2.127  -9.049  0.266   1.00 20.63 ? 148 SER A CA  1 
ATOM   848 C C   . SER A 1 113 ? -0.812  -8.368  -0.085  1.00 18.20 ? 148 SER A C   1 
ATOM   849 O O   . SER A 1 113 ? -0.515  -7.275  0.407   1.00 20.24 ? 148 SER A O   1 
ATOM   850 C CB  . SER A 1 113 ? -3.216  -8.672  -0.754  1.00 17.86 ? 148 SER A CB  1 
ATOM   851 O OG  . SER A 1 113 ? -2.914  -9.192  -2.046  1.00 22.76 ? 148 SER A OG  1 
ATOM   852 N N   . HIS A 1 114 ? -0.027  -9.016  -0.946  1.00 17.98 ? 149 HIS A N   1 
ATOM   853 C CA  . HIS A 1 114 ? 1.306   -8.555  -1.322  1.00 17.11 ? 149 HIS A CA  1 
ATOM   854 C C   . HIS A 1 114 ? 1.370   -8.139  -2.788  1.00 17.73 ? 149 HIS A C   1 
ATOM   855 O O   . HIS A 1 114 ? 0.814   -8.818  -3.657  1.00 19.01 ? 149 HIS A O   1 
ATOM   856 C CB  . HIS A 1 114 ? 2.353   -9.651  -1.100  1.00 19.09 ? 149 HIS A CB  1 
ATOM   857 C CG  . HIS A 1 114 ? 2.375   -10.195 0.287   1.00 21.08 ? 149 HIS A CG  1 
ATOM   858 N ND1 . HIS A 1 114 ? 1.347   -10.950 0.807   1.00 24.09 ? 149 HIS A ND1 1 
ATOM   859 C CD2 . HIS A 1 114 ? 3.315   -10.118 1.256   1.00 20.59 ? 149 HIS A CD2 1 
ATOM   860 C CE1 . HIS A 1 114 ? 1.641   -11.288 2.051   1.00 26.80 ? 149 HIS A CE1 1 
ATOM   861 N NE2 . HIS A 1 114 ? 2.829   -10.795 2.348   1.00 23.55 ? 149 HIS A NE2 1 
ATOM   862 N N   . ILE A 1 115 ? 2.090   -7.054  -3.059  1.00 15.00 ? 150 ILE A N   1 
ATOM   863 C CA  . ILE A 1 115 ? 2.463   -6.643  -4.405  1.00 14.35 ? 150 ILE A CA  1 
ATOM   864 C C   . ILE A 1 115 ? 3.979   -6.722  -4.530  1.00 19.78 ? 150 ILE A C   1 
ATOM   865 O O   . ILE A 1 115 ? 4.699   -6.103  -3.737  1.00 13.81 ? 150 ILE A O   1 
ATOM   866 C CB  . ILE A 1 115 ? 2.027   -5.204  -4.737  1.00 14.52 ? 150 ILE A CB  1 
ATOM   867 C CG1 . ILE A 1 115 ? 0.554   -4.958  -4.451  1.00 16.56 ? 150 ILE A CG1 1 
ATOM   868 C CG2 . ILE A 1 115 ? 2.311   -4.900  -6.218  1.00 15.00 ? 150 ILE A CG2 1 
ATOM   869 C CD1 . ILE A 1 115 ? 0.142   -3.518  -4.738  1.00 17.02 ? 150 ILE A CD1 1 
ATOM   870 N N   . ARG A 1 116 ? 4.466   -7.419  -5.558  1.00 15.19 ? 151 ARG A N   1 
ATOM   871 C CA  . ARG A 1 116 ? 5.871   -7.305  -5.929  1.00 15.91 ? 151 ARG A CA  1 
ATOM   872 C C   . ARG A 1 116 ? 5.981   -6.170  -6.937  1.00 14.97 ? 151 ARG A C   1 
ATOM   873 O O   . ARG A 1 116 ? 5.451   -6.256  -8.050  1.00 16.30 ? 151 ARG A O   1 
ATOM   874 C CB  . ARG A 1 116 ? 6.420   -8.610  -6.485  1.00 18.21 ? 151 ARG A CB  1 
ATOM   875 C CG  . ARG A 1 116 ? 7.843   -8.460  -7.024  1.00 23.25 ? 151 ARG A CG  1 
ATOM   876 C CD  . ARG A 1 116 ? 8.793   -7.816  -6.000  1.00 24.63 ? 151 ARG A CD  1 
ATOM   877 N NE  . ARG A 1 116 ? 10.171  -8.252  -6.192  1.00 24.30 ? 151 ARG A NE  1 
ATOM   878 C CZ  . ARG A 1 116 ? 11.171  -7.469  -6.591  1.00 28.30 ? 151 ARG A CZ  1 
ATOM   879 N NH1 . ARG A 1 116 ? 10.978  -6.179  -6.849  1.00 23.02 ? 151 ARG A NH1 1 
ATOM   880 N NH2 . ARG A 1 116 ? 12.381  -7.984  -6.723  1.00 34.22 ? 151 ARG A NH2 1 
ATOM   881 N N   . LEU A 1 117 ? 6.651   -5.094  -6.539  1.00 14.14 ? 152 LEU A N   1 
ATOM   882 C CA  . LEU A 1 117 ? 6.756   -3.897  -7.354  1.00 14.01 ? 152 LEU A CA  1 
ATOM   883 C C   . LEU A 1 117 ? 8.152   -3.844  -7.979  1.00 16.53 ? 152 LEU A C   1 
ATOM   884 O O   . LEU A 1 117 ? 9.167   -3.867  -7.264  1.00 12.92 ? 152 LEU A O   1 
ATOM   885 C CB  . LEU A 1 117 ? 6.468   -2.649  -6.520  1.00 13.26 ? 152 LEU A CB  1 
ATOM   886 C CG  . LEU A 1 117 ? 6.344   -1.322  -7.275  1.00 16.07 ? 152 LEU A CG  1 
ATOM   887 C CD1 . LEU A 1 117 ? 5.477   -0.388  -6.498  1.00 17.51 ? 152 LEU A CD1 1 
ATOM   888 C CD2 . LEU A 1 117 ? 7.705   -0.642  -7.538  1.00 18.21 ? 152 LEU A CD2 1 
ATOM   889 N N   . TYR A 1 118 ? 8.189   -3.766  -9.307  1.00 16.38 ? 153 TYR A N   1 
ATOM   890 C CA  . TYR A 1 118 ? 9.425   -3.743  -10.093 1.00 18.17 ? 153 TYR A CA  1 
ATOM   891 C C   . TYR A 1 118 ? 9.532   -2.370  -10.722 1.00 17.06 ? 153 TYR A C   1 
ATOM   892 O O   . TYR A 1 118 ? 8.662   -1.986  -11.513 1.00 21.17 ? 153 TYR A O   1 
ATOM   893 C CB  . TYR A 1 118 ? 9.420   -4.799  -11.206 1.00 17.07 ? 153 TYR A CB  1 
ATOM   894 C CG  . TYR A 1 118 ? 9.258   -6.245  -10.786 1.00 20.67 ? 153 TYR A CG  1 
ATOM   895 C CD1 . TYR A 1 118 ? 10.296  -6.928  -10.168 1.00 16.92 ? 153 TYR A CD1 1 
ATOM   896 C CD2 . TYR A 1 118 ? 8.081   -6.939  -11.043 1.00 21.73 ? 153 TYR A CD2 1 
ATOM   897 C CE1 . TYR A 1 118 ? 10.157  -8.242  -9.798  1.00 20.30 ? 153 TYR A CE1 1 
ATOM   898 C CE2 . TYR A 1 118 ? 7.943   -8.277  -10.677 1.00 20.86 ? 153 TYR A CE2 1 
ATOM   899 C CZ  . TYR A 1 118 ? 8.990   -8.916  -10.065 1.00 20.54 ? 153 TYR A CZ  1 
ATOM   900 O OH  . TYR A 1 118 ? 8.877   -10.222 -9.671  1.00 26.12 ? 153 TYR A OH  1 
ATOM   901 N N   . VAL A 1 119 ? 10.571  -1.630  -10.400 1.00 18.03 ? 154 VAL A N   1 
ATOM   902 C CA  . VAL A 1 119 ? 10.741  -0.360  -11.080 1.00 22.21 ? 154 VAL A CA  1 
ATOM   903 C C   . VAL A 1 119 ? 11.696  -0.585  -12.238 1.00 22.78 ? 154 VAL A C   1 
ATOM   904 O O   . VAL A 1 119 ? 12.681  -1.326  -12.139 1.00 23.34 ? 154 VAL A O   1 
ATOM   905 C CB  . VAL A 1 119 ? 11.163  0.798   -10.147 1.00 25.84 ? 154 VAL A CB  1 
ATOM   906 C CG1 . VAL A 1 119 ? 11.155  0.389   -8.674  1.00 26.15 ? 154 VAL A CG1 1 
ATOM   907 C CG2 . VAL A 1 119 ? 12.416  1.475   -10.599 1.00 24.76 ? 154 VAL A CG2 1 
ATOM   908 N N   . VAL A 1 120 ? 11.342  0.003   -13.359 1.00 24.55 ? 155 VAL A N   1 
ATOM   909 C CA  . VAL A 1 120 ? 11.828  -0.371  -14.672 1.00 24.14 ? 155 VAL A CA  1 
ATOM   910 C C   . VAL A 1 120 ? 12.450  0.874   -15.291 1.00 29.67 ? 155 VAL A C   1 
ATOM   911 O O   . VAL A 1 120 ? 12.076  2.000   -14.951 1.00 28.37 ? 155 VAL A O   1 
ATOM   912 C CB  . VAL A 1 120 ? 10.643  -0.933  -15.493 1.00 25.61 ? 155 VAL A CB  1 
ATOM   913 C CG1 . VAL A 1 120 ? 10.706  -0.534  -16.935 1.00 32.63 ? 155 VAL A CG1 1 
ATOM   914 C CG2 . VAL A 1 120 ? 10.543  -2.440  -15.298 1.00 20.65 ? 155 VAL A CG2 1 
ATOM   915 N N   . GLU A 1 121 ? 13.451  0.677   -16.144 1.00 32.12 ? 156 GLU A N   1 
ATOM   916 C CA  . GLU A 1 121 ? 14.135  1.810   -16.757 1.00 31.69 ? 156 GLU A CA  1 
ATOM   917 C C   . GLU A 1 121 ? 13.193  2.510   -17.729 1.00 34.25 ? 156 GLU A C   1 
ATOM   918 O O   . GLU A 1 121 ? 12.680  1.888   -18.664 1.00 34.16 ? 156 GLU A O   1 
ATOM   919 C CB  . GLU A 1 121 ? 15.407  1.338   -17.461 1.00 31.36 ? 156 GLU A CB  1 
ATOM   920 C CG  . GLU A 1 121 ? 16.408  0.701   -16.501 1.00 27.49 ? 156 GLU A CG  1 
ATOM   921 C CD  . GLU A 1 121 ? 17.611  0.056   -17.194 1.00 26.51 ? 156 GLU A CD  1 
ATOM   922 O OE1 . GLU A 1 121 ? 18.321  -0.721  -16.521 1.00 23.69 ? 156 GLU A OE1 1 
ATOM   923 O OE2 . GLU A 1 121 ? 17.848  0.313   -18.398 1.00 27.16 ? 156 GLU A OE2 1 
ATOM   924 N N   . LYS A 1 122 ? 12.945  3.799   -17.499 1.00 37.65 ? 157 LYS A N   1 
ATOM   925 C CA  . LYS A 1 122 ? 12.074  4.541   -18.408 1.00 45.10 ? 157 LYS A CA  1 
ATOM   926 C C   . LYS A 1 122 ? 12.731  4.732   -19.771 1.00 48.93 ? 157 LYS A C   1 
ATOM   927 O O   . LYS A 1 122 ? 12.033  4.837   -20.787 1.00 44.84 ? 157 LYS A O   1 
ATOM   928 C CB  . LYS A 1 122 ? 11.698  5.895   -17.798 1.00 41.08 ? 157 LYS A CB  1 
ATOM   929 C CG  . LYS A 1 122 ? 10.565  6.613   -18.534 1.00 38.79 ? 157 LYS A CG  1 
ATOM   930 C CD  . LYS A 1 122 ? 10.202  7.928   -17.874 1.00 38.53 ? 157 LYS A CD  1 
ATOM   931 C CE  . LYS A 1 122 ? 8.981   8.555   -18.539 1.00 41.92 ? 157 LYS A CE  1 
ATOM   932 N NZ  . LYS A 1 122 ? 8.519   9.778   -17.813 1.00 49.01 ? 157 LYS A NZ  1 
ATOM   933 N N   . GLU A 1 123 ? 14.064  4.768   -19.800 1.00 57.79 ? 158 GLU A N   1 
ATOM   934 C CA  . GLU A 1 123 ? 14.853  4.851   -21.029 1.00 63.22 ? 158 GLU A CA  1 
ATOM   935 C C   . GLU A 1 123 ? 14.521  3.725   -22.001 1.00 57.95 ? 158 GLU A C   1 
ATOM   936 O O   . GLU A 1 123 ? 15.157  2.669   -21.975 1.00 58.85 ? 158 GLU A O   1 
ATOM   937 C CB  . GLU A 1 123 ? 16.351  4.812   -20.696 1.00 63.22 ? 158 GLU A CB  1 
ATOM   938 C CG  . GLU A 1 123 ? 17.212  5.736   -21.551 1.00 69.55 ? 158 GLU A CG  1 
ATOM   939 C CD  . GLU A 1 123 ? 17.739  6.930   -20.764 1.00 81.56 ? 158 GLU A CD  1 
ATOM   940 O OE1 . GLU A 1 123 ? 18.873  6.842   -20.241 1.00 78.93 ? 158 GLU A OE1 1 
ATOM   941 O OE2 . GLU A 1 123 ? 17.014  7.948   -20.660 1.00 81.52 ? 158 GLU A OE2 1 
HETATM 942 O O   . HOH B 2 .   ? -8.280  2.552   -7.283  1.00 36.65 ? 201 HOH A O   1 
HETATM 943 O O   . HOH B 2 .   ? -7.626  7.367   13.444  1.00 34.12 ? 202 HOH A O   1 
HETATM 944 O O   . HOH B 2 .   ? 7.664   -9.016  2.620   1.00 41.32 ? 203 HOH A O   1 
HETATM 945 O O   . HOH B 2 .   ? 14.717  1.730   0.430   1.00 32.38 ? 204 HOH A O   1 
HETATM 946 O O   . HOH B 2 .   ? -1.821  -1.284  -8.990  1.00 32.65 ? 205 HOH A O   1 
HETATM 947 O O   . HOH B 2 .   ? -4.886  -11.642 -1.006  1.00 30.85 ? 206 HOH A O   1 
HETATM 948 O O   . HOH B 2 .   ? 7.809   6.960   12.121  1.00 35.89 ? 207 HOH A O   1 
HETATM 949 O O   . HOH B 2 .   ? -17.970 -6.063  -0.400  1.00 37.86 ? 208 HOH A O   1 
HETATM 950 O O   . HOH B 2 .   ? 11.739  10.741  -0.394  1.00 36.99 ? 209 HOH A O   1 
HETATM 951 O O   . HOH B 2 .   ? -4.234  -8.573  9.489   1.00 45.56 ? 210 HOH A O   1 
HETATM 952 O O   . HOH B 2 .   ? -3.976  -10.857 -7.104  1.00 27.76 ? 211 HOH A O   1 
HETATM 953 O O   . HOH B 2 .   ? 4.463   -3.290  9.292   1.00 37.43 ? 212 HOH A O   1 
HETATM 954 O O   . HOH B 2 .   ? -12.219 4.439   8.726   1.00 33.53 ? 213 HOH A O   1 
HETATM 955 O O   . HOH B 2 .   ? -8.474  13.383  11.826  1.00 31.21 ? 214 HOH A O   1 
HETATM 956 O O   . HOH B 2 .   ? -8.052  -12.196 1.106   1.00 32.32 ? 215 HOH A O   1 
HETATM 957 O O   . HOH B 2 .   ? 1.496   10.278  -4.042  1.00 29.40 ? 216 HOH A O   1 
HETATM 958 O O   . HOH B 2 .   ? 8.181   4.094   8.257   1.00 27.57 ? 217 HOH A O   1 
HETATM 959 O O   . HOH B 2 .   ? 1.006   -3.310  6.096   1.00 24.00 ? 218 HOH A O   1 
HETATM 960 O O   . HOH B 2 .   ? 5.282   11.165  -9.961  1.00 32.95 ? 219 HOH A O   1 
HETATM 961 O O   . HOH B 2 .   ? -4.239  -10.576 -4.145  1.00 29.39 ? 220 HOH A O   1 
HETATM 962 O O   . HOH B 2 .   ? -12.478 6.626   2.584   1.00 31.61 ? 221 HOH A O   1 
HETATM 963 O O   . HOH B 2 .   ? 17.642  -1.618  -13.880 1.00 31.54 ? 222 HOH A O   1 
HETATM 964 O O   . HOH B 2 .   ? 1.424   2.231   -11.372 1.00 26.11 ? 223 HOH A O   1 
HETATM 965 O O   . HOH B 2 .   ? 4.591   11.334  1.790   1.00 32.28 ? 224 HOH A O   1 
HETATM 966 O O   . HOH B 2 .   ? 10.869  -8.296  -1.548  1.00 31.30 ? 225 HOH A O   1 
HETATM 967 O O   . HOH B 2 .   ? -5.150  -1.699  8.809   1.00 30.00 ? 226 HOH A O   1 
HETATM 968 O O   . HOH B 2 .   ? -16.326 -12.995 5.427   1.00 37.72 ? 227 HOH A O   1 
HETATM 969 O O   . HOH B 2 .   ? -16.152 -4.673  -2.935  1.00 30.41 ? 228 HOH A O   1 
HETATM 970 O O   . HOH B 2 .   ? -2.555  11.674  1.207   1.00 27.48 ? 229 HOH A O   1 
HETATM 971 O O   . HOH B 2 .   ? -2.791  11.175  -5.449  1.00 41.94 ? 230 HOH A O   1 
HETATM 972 O O   . HOH B 2 .   ? 2.127   -3.012  -14.187 1.00 25.96 ? 231 HOH A O   1 
HETATM 973 O O   . HOH B 2 .   ? 13.725  -10.581 -7.607  1.00 35.48 ? 232 HOH A O   1 
HETATM 974 O O   . HOH B 2 .   ? 4.128   -0.336  -16.866 1.00 43.04 ? 233 HOH A O   1 
HETATM 975 O O   . HOH B 2 .   ? 15.353  -1.942  -2.621  1.00 34.25 ? 234 HOH A O   1 
HETATM 976 O O   . HOH B 2 .   ? -4.325  -12.694 5.504   1.00 38.28 ? 235 HOH A O   1 
HETATM 977 O O   . HOH B 2 .   ? 14.935  9.762   -2.388  1.00 35.67 ? 236 HOH A O   1 
HETATM 978 O O   . HOH B 2 .   ? 5.933   7.394   4.681   1.00 27.77 ? 237 HOH A O   1 
HETATM 979 O O   . HOH B 2 .   ? 14.045  10.102  -12.710 1.00 40.22 ? 238 HOH A O   1 
HETATM 980 O O   . HOH B 2 .   ? -13.651 -1.762  -5.542  1.00 39.17 ? 239 HOH A O   1 
HETATM 981 O O   . HOH B 2 .   ? 8.345   9.606   5.271   1.00 40.96 ? 240 HOH A O   1 
HETATM 982 O O   . HOH B 2 .   ? 5.791   12.970  4.177   1.00 39.22 ? 241 HOH A O   1 
HETATM 983 O O   . HOH B 2 .   ? -6.821  1.792   13.687  1.00 38.09 ? 242 HOH A O   1 
HETATM 984 O O   . HOH B 2 .   ? -5.345  13.258  5.625   1.00 37.34 ? 243 HOH A O   1 
HETATM 985 O O   . HOH B 2 .   ? -11.610 9.688   -0.022  1.00 38.32 ? 244 HOH A O   1 
# 
loop_
_pdbx_poly_seq_scheme.asym_id 
_pdbx_poly_seq_scheme.entity_id 
_pdbx_poly_seq_scheme.seq_id 
_pdbx_poly_seq_scheme.mon_id 
_pdbx_poly_seq_scheme.ndb_seq_num 
_pdbx_poly_seq_scheme.pdb_seq_num 
_pdbx_poly_seq_scheme.auth_seq_num 
_pdbx_poly_seq_scheme.pdb_mon_id 
_pdbx_poly_seq_scheme.auth_mon_id 
_pdbx_poly_seq_scheme.pdb_strand_id 
_pdbx_poly_seq_scheme.pdb_ins_code 
_pdbx_poly_seq_scheme.hetero 
A 1 1   SER 1   36  ?   ?   ?   A . n 
A 1 2   ALA 2   37  ?   ?   ?   A . n 
A 1 3   LEU 3   38  38  LEU LEU A . n 
A 1 4   GLU 4   39  39  GLU GLU A . n 
A 1 5   VAL 5   40  40  VAL VAL A . n 
A 1 6   TYR 6   41  41  TYR TYR A . n 
A 1 7   THR 7   42  42  THR THR A . n 
A 1 8   PRO 8   43  43  PRO PRO A . n 
A 1 9   LYS 9   44  44  LYS LYS A . n 
A 1 10  GLU 10  45  45  GLU GLU A . n 
A 1 11  ILE 11  46  46  ILE ILE A . n 
A 1 12  PHE 12  47  47  PHE PHE A . n 
A 1 13  VAL 13  48  48  VAL VAL A . n 
A 1 14  ALA 14  49  49  ALA ALA A . n 
A 1 15  ASN 15  50  50  ASN ASN A . n 
A 1 16  GLY 16  51  51  GLY GLY A . n 
A 1 17  THR 17  52  52  THR THR A . n 
A 1 18  GLN 18  53  53  GLN GLN A . n 
A 1 19  GLY 19  54  54  GLY GLY A . n 
A 1 20  LYS 20  55  55  LYS LYS A . n 
A 1 21  LEU 21  56  56  LEU LEU A . n 
A 1 22  THR 22  57  57  THR THR A . n 
A 1 23  CYS 23  58  58  CYS CYS A . n 
A 1 24  LYS 24  59  59  LYS LYS A . n 
A 1 25  PHE 25  60  60  PHE PHE A . n 
A 1 26  LYS 26  61  61  LYS LYS A . n 
A 1 27  SER 27  62  62  SER SER A . n 
A 1 28  THR 28  63  63  THR THR A . n 
A 1 29  SER 29  64  ?   ?   ?   A . n 
A 1 30  THR 30  65  ?   ?   ?   A . n 
A 1 31  THR 31  66  66  THR THR A . n 
A 1 32  GLY 32  67  67  GLY GLY A . n 
A 1 33  GLY 33  68  68  GLY GLY A . n 
A 1 34  LEU 34  69  69  LEU LEU A . n 
A 1 35  THR 35  70  70  THR THR A . n 
A 1 36  SER 36  71  71  SER SER A . n 
A 1 37  VAL 37  72  72  VAL VAL A . n 
A 1 38  SER 38  73  73  SER SER A . n 
A 1 39  TRP 39  74  74  TRP TRP A . n 
A 1 40  SER 40  75  75  SER SER A . n 
A 1 41  PHE 41  76  76  PHE PHE A . n 
A 1 42  GLN 42  77  77  GLN GLN A . n 
A 1 43  PRO 43  78  78  PRO PRO A . n 
A 1 44  GLU 44  79  79  GLU GLU A . n 
A 1 45  GLY 45  80  80  GLY GLY A . n 
A 1 46  ALA 46  81  81  ALA ALA A . n 
A 1 47  ASP 47  82  82  ASP ASP A . n 
A 1 48  THR 48  83  83  THR THR A . n 
A 1 49  THR 49  84  84  THR THR A . n 
A 1 50  VAL 50  85  85  VAL VAL A . n 
A 1 51  GLY 51  86  86  GLY GLY A . n 
A 1 52  PHE 52  87  87  PHE PHE A . n 
A 1 53  PHE 53  88  88  PHE PHE A . n 
A 1 54  HIS 54  89  89  HIS HIS A . n 
A 1 55  TYR 55  90  90  TYR TYR A . n 
A 1 56  SER 56  91  91  SER SER A . n 
A 1 57  GLN 57  92  92  GLN GLN A . n 
A 1 58  GLY 58  93  93  GLY GLY A . n 
A 1 59  GLN 59  94  94  GLN GLN A . n 
A 1 60  VAL 60  95  95  VAL VAL A . n 
A 1 61  TYR 61  96  96  TYR TYR A . n 
A 1 62  LEU 62  97  97  LEU LEU A . n 
A 1 63  GLY 63  98  98  GLY GLY A . n 
A 1 64  ASN 64  99  99  ASN ASN A . n 
A 1 65  TYR 65  100 100 TYR TYR A . n 
A 1 66  PRO 66  101 101 PRO PRO A . n 
A 1 67  PRO 67  102 102 PRO PRO A . n 
A 1 68  PHE 68  103 103 PHE PHE A . n 
A 1 69  LYS 69  104 104 LYS LYS A . n 
A 1 70  ASP 70  105 105 ASP ASP A . n 
A 1 71  ARG 71  106 106 ARG ARG A . n 
A 1 72  ILE 72  107 107 ILE ILE A . n 
A 1 73  SER 73  108 108 SER SER A . n 
A 1 74  TRP 74  109 109 TRP TRP A . n 
A 1 75  ALA 75  110 110 ALA ALA A . n 
A 1 76  GLY 76  111 111 GLY GLY A . n 
A 1 77  ASP 77  112 112 ASP ASP A . n 
A 1 78  LEU 78  113 113 LEU LEU A . n 
A 1 79  ASP 79  114 114 ASP ASP A . n 
A 1 80  LYS 80  115 115 LYS LYS A . n 
A 1 81  LYS 81  116 116 LYS LYS A . n 
A 1 82  ASP 82  117 117 ASP ASP A . n 
A 1 83  ALA 83  118 118 ALA ALA A . n 
A 1 84  SER 84  119 119 SER SER A . n 
A 1 85  ILE 85  120 120 ILE ILE A . n 
A 1 86  ASN 86  121 121 ASN ASN A . n 
A 1 87  ILE 87  122 122 ILE ILE A . n 
A 1 88  GLU 88  123 123 GLU GLU A . n 
A 1 89  ASN 89  124 124 ASN ASN A . n 
A 1 90  MET 90  125 125 MET MET A . n 
A 1 91  GLN 91  126 126 GLN GLN A . n 
A 1 92  PHE 92  127 127 PHE PHE A . n 
A 1 93  ILE 93  128 128 ILE ILE A . n 
A 1 94  HIS 94  129 129 HIS HIS A . n 
A 1 95  ASN 95  130 130 ASN ASN A . n 
A 1 96  GLY 96  131 131 GLY GLY A . n 
A 1 97  THR 97  132 132 THR THR A . n 
A 1 98  TYR 98  133 133 TYR TYR A . n 
A 1 99  ILE 99  134 134 ILE ILE A . n 
A 1 100 CYS 100 135 135 CYS CYS A . n 
A 1 101 ASP 101 136 136 ASP ASP A . n 
A 1 102 VAL 102 137 137 VAL VAL A . n 
A 1 103 LYS 103 138 138 LYS LYS A . n 
A 1 104 ASN 104 139 139 ASN ASN A . n 
A 1 105 PRO 105 140 140 PRO PRO A . n 
A 1 106 PRO 106 141 141 PRO PRO A . n 
A 1 107 ASP 107 142 142 ASP ASP A . n 
A 1 108 ILE 108 143 143 ILE ILE A . n 
A 1 109 VAL 109 144 144 VAL VAL A . n 
A 1 110 GLY 110 145 145 GLY GLY A . n 
A 1 111 LYS 111 146 146 LYS LYS A . n 
A 1 112 THR 112 147 147 THR THR A . n 
A 1 113 SER 113 148 148 SER SER A . n 
A 1 114 HIS 114 149 149 HIS HIS A . n 
A 1 115 ILE 115 150 150 ILE ILE A . n 
A 1 116 ARG 116 151 151 ARG ARG A . n 
A 1 117 LEU 117 152 152 LEU LEU A . n 
A 1 118 TYR 118 153 153 TYR TYR A . n 
A 1 119 VAL 119 154 154 VAL VAL A . n 
A 1 120 VAL 120 155 155 VAL VAL A . n 
A 1 121 GLU 121 156 156 GLU GLU A . n 
A 1 122 LYS 122 157 157 LYS LYS A . n 
A 1 123 GLU 123 158 158 GLU GLU A . n 
A 1 124 ASN 124 159 ?   ?   ?   A . n 
A 1 125 LEU 125 160 ?   ?   ?   A . n 
A 1 126 PRO 126 161 ?   ?   ?   A . n 
A 1 127 VAL 127 162 ?   ?   ?   A . n 
A 1 128 LEU 128 163 ?   ?   ?   A . n 
A 1 129 GLU 129 164 ?   ?   ?   A . n 
A 1 130 HIS 130 165 ?   ?   ?   A . n 
A 1 131 HIS 131 166 ?   ?   ?   A . n 
A 1 132 HIS 132 167 ?   ?   ?   A . n 
A 1 133 HIS 133 168 ?   ?   ?   A . n 
A 1 134 HIS 134 169 ?   ?   ?   A . n 
A 1 135 HIS 135 170 ?   ?   ?   A . n 
# 
loop_
_pdbx_nonpoly_scheme.asym_id 
_pdbx_nonpoly_scheme.entity_id 
_pdbx_nonpoly_scheme.mon_id 
_pdbx_nonpoly_scheme.ndb_seq_num 
_pdbx_nonpoly_scheme.pdb_seq_num 
_pdbx_nonpoly_scheme.auth_seq_num 
_pdbx_nonpoly_scheme.pdb_mon_id 
_pdbx_nonpoly_scheme.auth_mon_id 
_pdbx_nonpoly_scheme.pdb_strand_id 
_pdbx_nonpoly_scheme.pdb_ins_code 
B 2 HOH 1  201 52 HOH HOH A . 
B 2 HOH 2  202 43 HOH HOH A . 
B 2 HOH 3  203 17 HOH HOH A . 
B 2 HOH 4  204 42 HOH HOH A . 
B 2 HOH 5  205 9  HOH HOH A . 
B 2 HOH 6  206 55 HOH HOH A . 
B 2 HOH 7  207 48 HOH HOH A . 
B 2 HOH 8  208 34 HOH HOH A . 
B 2 HOH 9  209 28 HOH HOH A . 
B 2 HOH 10 210 39 HOH HOH A . 
B 2 HOH 11 211 53 HOH HOH A . 
B 2 HOH 12 212 46 HOH HOH A . 
B 2 HOH 13 213 36 HOH HOH A . 
B 2 HOH 14 214 19 HOH HOH A . 
B 2 HOH 15 215 57 HOH HOH A . 
B 2 HOH 16 216 22 HOH HOH A . 
B 2 HOH 17 217 49 HOH HOH A . 
B 2 HOH 18 218 38 HOH HOH A . 
B 2 HOH 19 219 21 HOH HOH A . 
B 2 HOH 20 220 54 HOH HOH A . 
B 2 HOH 21 221 51 HOH HOH A . 
B 2 HOH 22 222 56 HOH HOH A . 
B 2 HOH 23 223 10 HOH HOH A . 
B 2 HOH 24 224 24 HOH HOH A . 
B 2 HOH 25 225 16 HOH HOH A . 
B 2 HOH 26 226 37 HOH HOH A . 
B 2 HOH 27 227 1  HOH HOH A . 
B 2 HOH 28 228 33 HOH HOH A . 
B 2 HOH 29 229 23 HOH HOH A . 
B 2 HOH 30 230 31 HOH HOH A . 
B 2 HOH 31 231 11 HOH HOH A . 
B 2 HOH 32 232 15 HOH HOH A . 
B 2 HOH 33 233 12 HOH HOH A . 
B 2 HOH 34 234 41 HOH HOH A . 
B 2 HOH 35 235 58 HOH HOH A . 
B 2 HOH 36 236 29 HOH HOH A . 
B 2 HOH 37 237 26 HOH HOH A . 
B 2 HOH 38 238 20 HOH HOH A . 
B 2 HOH 39 239 14 HOH HOH A . 
B 2 HOH 40 240 27 HOH HOH A . 
B 2 HOH 41 241 25 HOH HOH A . 
B 2 HOH 42 242 44 HOH HOH A . 
B 2 HOH 43 243 47 HOH HOH A . 
B 2 HOH 44 244 50 HOH HOH A . 
# 
_pdbx_struct_assembly.id                   1 
_pdbx_struct_assembly.details              author_defined_assembly 
_pdbx_struct_assembly.method_details       ? 
_pdbx_struct_assembly.oligomeric_details   monomeric 
_pdbx_struct_assembly.oligomeric_count     1 
# 
_pdbx_struct_assembly_gen.assembly_id       1 
_pdbx_struct_assembly_gen.oper_expression   1 
_pdbx_struct_assembly_gen.asym_id_list      A,B 
# 
loop_
_pdbx_struct_assembly_prop.biol_id 
_pdbx_struct_assembly_prop.type 
_pdbx_struct_assembly_prop.value 
_pdbx_struct_assembly_prop.details 
1 'ABSA (A^2)' 0    ? 
1 MORE         0    ? 
1 'SSA (A^2)'  6740 ? 
# 
_pdbx_struct_oper_list.id                   1 
_pdbx_struct_oper_list.type                 'identity operation' 
_pdbx_struct_oper_list.name                 1_555 
_pdbx_struct_oper_list.symmetry_operation   x,y,z 
_pdbx_struct_oper_list.matrix[1][1]         1.0000000000 
_pdbx_struct_oper_list.matrix[1][2]         0.0000000000 
_pdbx_struct_oper_list.matrix[1][3]         0.0000000000 
_pdbx_struct_oper_list.vector[1]            0.0000000000 
_pdbx_struct_oper_list.matrix[2][1]         0.0000000000 
_pdbx_struct_oper_list.matrix[2][2]         1.0000000000 
_pdbx_struct_oper_list.matrix[2][3]         0.0000000000 
_pdbx_struct_oper_list.vector[2]            0.0000000000 
_pdbx_struct_oper_list.matrix[3][1]         0.0000000000 
_pdbx_struct_oper_list.matrix[3][2]         0.0000000000 
_pdbx_struct_oper_list.matrix[3][3]         1.0000000000 
_pdbx_struct_oper_list.vector[3]            0.0000000000 
# 
loop_
_pdbx_audit_revision_history.ordinal 
_pdbx_audit_revision_history.data_content_type 
_pdbx_audit_revision_history.major_revision 
_pdbx_audit_revision_history.minor_revision 
_pdbx_audit_revision_history.revision_date 
1 'Structure model' 1 0 2018-11-28 
2 'Structure model' 1 1 2018-12-05 
3 'Structure model' 1 2 2023-11-22 
# 
_pdbx_audit_revision_details.ordinal             1 
_pdbx_audit_revision_details.revision_ordinal    1 
_pdbx_audit_revision_details.data_content_type   'Structure model' 
_pdbx_audit_revision_details.provider            repository 
_pdbx_audit_revision_details.type                'Initial release' 
_pdbx_audit_revision_details.description         ? 
_pdbx_audit_revision_details.details             ? 
# 
loop_
_pdbx_audit_revision_group.ordinal 
_pdbx_audit_revision_group.revision_ordinal 
_pdbx_audit_revision_group.data_content_type 
_pdbx_audit_revision_group.group 
1 2 'Structure model' 'Data collection'        
2 2 'Structure model' 'Database references'    
3 3 'Structure model' 'Data collection'        
4 3 'Structure model' 'Database references'    
5 3 'Structure model' 'Refinement description' 
# 
loop_
_pdbx_audit_revision_category.ordinal 
_pdbx_audit_revision_category.revision_ordinal 
_pdbx_audit_revision_category.data_content_type 
_pdbx_audit_revision_category.category 
1 2 'Structure model' citation                      
2 3 'Structure model' chem_comp_atom                
3 3 'Structure model' chem_comp_bond                
4 3 'Structure model' database_2                    
5 3 'Structure model' pdbx_initial_refinement_model 
# 
loop_
_pdbx_audit_revision_item.ordinal 
_pdbx_audit_revision_item.revision_ordinal 
_pdbx_audit_revision_item.data_content_type 
_pdbx_audit_revision_item.item 
1 2 'Structure model' '_citation.journal_volume'            
2 2 'Structure model' '_citation.page_first'                
3 2 'Structure model' '_citation.page_last'                 
4 3 'Structure model' '_database_2.pdbx_DOI'                
5 3 'Structure model' '_database_2.pdbx_database_accession' 
# 
loop_
_software.citation_id 
_software.classification 
_software.compiler_name 
_software.compiler_version 
_software.contact_author 
_software.contact_author_email 
_software.date 
_software.description 
_software.dependencies 
_software.hardware 
_software.language 
_software.location 
_software.mods 
_software.name 
_software.os 
_software.os_version 
_software.type 
_software.version 
_software.pdbx_ordinal 
? refinement       ? ? ? ? ? ? ? ? ? ? ? PHENIX   ? ? ? '(1.10.1_2155: ???)' 1 
? 'data reduction' ? ? ? ? ? ? ? ? ? ? ? DENZO    ? ? ? .                    2 
? 'data scaling'   ? ? ? ? ? ? ? ? ? ? ? HKL-2000 ? ? ? .                    3 
? phasing          ? ? ? ? ? ? ? ? ? ? ? PHENIX   ? ? ? .                    4 
# 
_pdbx_validate_rmsd_angle.id                         1 
_pdbx_validate_rmsd_angle.PDB_model_num              1 
_pdbx_validate_rmsd_angle.auth_atom_id_1             C 
_pdbx_validate_rmsd_angle.auth_asym_id_1             A 
_pdbx_validate_rmsd_angle.auth_comp_id_1             ASN 
_pdbx_validate_rmsd_angle.auth_seq_id_1              139 
_pdbx_validate_rmsd_angle.PDB_ins_code_1             ? 
_pdbx_validate_rmsd_angle.label_alt_id_1             ? 
_pdbx_validate_rmsd_angle.auth_atom_id_2             N 
_pdbx_validate_rmsd_angle.auth_asym_id_2             A 
_pdbx_validate_rmsd_angle.auth_comp_id_2             PRO 
_pdbx_validate_rmsd_angle.auth_seq_id_2              140 
_pdbx_validate_rmsd_angle.PDB_ins_code_2             ? 
_pdbx_validate_rmsd_angle.label_alt_id_2             ? 
_pdbx_validate_rmsd_angle.auth_atom_id_3             CD 
_pdbx_validate_rmsd_angle.auth_asym_id_3             A 
_pdbx_validate_rmsd_angle.auth_comp_id_3             PRO 
_pdbx_validate_rmsd_angle.auth_seq_id_3              140 
_pdbx_validate_rmsd_angle.PDB_ins_code_3             ? 
_pdbx_validate_rmsd_angle.label_alt_id_3             ? 
_pdbx_validate_rmsd_angle.angle_value                113.35 
_pdbx_validate_rmsd_angle.angle_target_value         128.40 
_pdbx_validate_rmsd_angle.angle_deviation            -15.05 
_pdbx_validate_rmsd_angle.angle_standard_deviation   2.10 
_pdbx_validate_rmsd_angle.linker_flag                Y 
# 
loop_
_pdbx_unobs_or_zero_occ_residues.id 
_pdbx_unobs_or_zero_occ_residues.PDB_model_num 
_pdbx_unobs_or_zero_occ_residues.polymer_flag 
_pdbx_unobs_or_zero_occ_residues.occupancy_flag 
_pdbx_unobs_or_zero_occ_residues.auth_asym_id 
_pdbx_unobs_or_zero_occ_residues.auth_comp_id 
_pdbx_unobs_or_zero_occ_residues.auth_seq_id 
_pdbx_unobs_or_zero_occ_residues.PDB_ins_code 
_pdbx_unobs_or_zero_occ_residues.label_asym_id 
_pdbx_unobs_or_zero_occ_residues.label_comp_id 
_pdbx_unobs_or_zero_occ_residues.label_seq_id 
1  1 Y 1 A SER 36  ? A SER 1   
2  1 Y 1 A ALA 37  ? A ALA 2   
3  1 Y 1 A SER 64  ? A SER 29  
4  1 Y 1 A THR 65  ? A THR 30  
5  1 Y 1 A ASN 159 ? A ASN 124 
6  1 Y 1 A LEU 160 ? A LEU 125 
7  1 Y 1 A PRO 161 ? A PRO 126 
8  1 Y 1 A VAL 162 ? A VAL 127 
9  1 Y 1 A LEU 163 ? A LEU 128 
10 1 Y 1 A GLU 164 ? A GLU 129 
11 1 Y 1 A HIS 165 ? A HIS 130 
12 1 Y 1 A HIS 166 ? A HIS 131 
13 1 Y 1 A HIS 167 ? A HIS 132 
14 1 Y 1 A HIS 168 ? A HIS 133 
15 1 Y 1 A HIS 169 ? A HIS 134 
16 1 Y 1 A HIS 170 ? A HIS 135 
# 
loop_
_chem_comp_atom.comp_id 
_chem_comp_atom.atom_id 
_chem_comp_atom.type_symbol 
_chem_comp_atom.pdbx_aromatic_flag 
_chem_comp_atom.pdbx_stereo_config 
_chem_comp_atom.pdbx_ordinal 
ALA N    N N N 1   
ALA CA   C N S 2   
ALA C    C N N 3   
ALA O    O N N 4   
ALA CB   C N N 5   
ALA OXT  O N N 6   
ALA H    H N N 7   
ALA H2   H N N 8   
ALA HA   H N N 9   
ALA HB1  H N N 10  
ALA HB2  H N N 11  
ALA HB3  H N N 12  
ALA HXT  H N N 13  
ARG N    N N N 14  
ARG CA   C N S 15  
ARG C    C N N 16  
ARG O    O N N 17  
ARG CB   C N N 18  
ARG CG   C N N 19  
ARG CD   C N N 20  
ARG NE   N N N 21  
ARG CZ   C N N 22  
ARG NH1  N N N 23  
ARG NH2  N N N 24  
ARG OXT  O N N 25  
ARG H    H N N 26  
ARG H2   H N N 27  
ARG HA   H N N 28  
ARG HB2  H N N 29  
ARG HB3  H N N 30  
ARG HG2  H N N 31  
ARG HG3  H N N 32  
ARG HD2  H N N 33  
ARG HD3  H N N 34  
ARG HE   H N N 35  
ARG HH11 H N N 36  
ARG HH12 H N N 37  
ARG HH21 H N N 38  
ARG HH22 H N N 39  
ARG HXT  H N N 40  
ASN N    N N N 41  
ASN CA   C N S 42  
ASN C    C N N 43  
ASN O    O N N 44  
ASN CB   C N N 45  
ASN CG   C N N 46  
ASN OD1  O N N 47  
ASN ND2  N N N 48  
ASN OXT  O N N 49  
ASN H    H N N 50  
ASN H2   H N N 51  
ASN HA   H N N 52  
ASN HB2  H N N 53  
ASN HB3  H N N 54  
ASN HD21 H N N 55  
ASN HD22 H N N 56  
ASN HXT  H N N 57  
ASP N    N N N 58  
ASP CA   C N S 59  
ASP C    C N N 60  
ASP O    O N N 61  
ASP CB   C N N 62  
ASP CG   C N N 63  
ASP OD1  O N N 64  
ASP OD2  O N N 65  
ASP OXT  O N N 66  
ASP H    H N N 67  
ASP H2   H N N 68  
ASP HA   H N N 69  
ASP HB2  H N N 70  
ASP HB3  H N N 71  
ASP HD2  H N N 72  
ASP HXT  H N N 73  
CYS N    N N N 74  
CYS CA   C N R 75  
CYS C    C N N 76  
CYS O    O N N 77  
CYS CB   C N N 78  
CYS SG   S N N 79  
CYS OXT  O N N 80  
CYS H    H N N 81  
CYS H2   H N N 82  
CYS HA   H N N 83  
CYS HB2  H N N 84  
CYS HB3  H N N 85  
CYS HG   H N N 86  
CYS HXT  H N N 87  
GLN N    N N N 88  
GLN CA   C N S 89  
GLN C    C N N 90  
GLN O    O N N 91  
GLN CB   C N N 92  
GLN CG   C N N 93  
GLN CD   C N N 94  
GLN OE1  O N N 95  
GLN NE2  N N N 96  
GLN OXT  O N N 97  
GLN H    H N N 98  
GLN H2   H N N 99  
GLN HA   H N N 100 
GLN HB2  H N N 101 
GLN HB3  H N N 102 
GLN HG2  H N N 103 
GLN HG3  H N N 104 
GLN HE21 H N N 105 
GLN HE22 H N N 106 
GLN HXT  H N N 107 
GLU N    N N N 108 
GLU CA   C N S 109 
GLU C    C N N 110 
GLU O    O N N 111 
GLU CB   C N N 112 
GLU CG   C N N 113 
GLU CD   C N N 114 
GLU OE1  O N N 115 
GLU OE2  O N N 116 
GLU OXT  O N N 117 
GLU H    H N N 118 
GLU H2   H N N 119 
GLU HA   H N N 120 
GLU HB2  H N N 121 
GLU HB3  H N N 122 
GLU HG2  H N N 123 
GLU HG3  H N N 124 
GLU HE2  H N N 125 
GLU HXT  H N N 126 
GLY N    N N N 127 
GLY CA   C N N 128 
GLY C    C N N 129 
GLY O    O N N 130 
GLY OXT  O N N 131 
GLY H    H N N 132 
GLY H2   H N N 133 
GLY HA2  H N N 134 
GLY HA3  H N N 135 
GLY HXT  H N N 136 
HIS N    N N N 137 
HIS CA   C N S 138 
HIS C    C N N 139 
HIS O    O N N 140 
HIS CB   C N N 141 
HIS CG   C Y N 142 
HIS ND1  N Y N 143 
HIS CD2  C Y N 144 
HIS CE1  C Y N 145 
HIS NE2  N Y N 146 
HIS OXT  O N N 147 
HIS H    H N N 148 
HIS H2   H N N 149 
HIS HA   H N N 150 
HIS HB2  H N N 151 
HIS HB3  H N N 152 
HIS HD1  H N N 153 
HIS HD2  H N N 154 
HIS HE1  H N N 155 
HIS HE2  H N N 156 
HIS HXT  H N N 157 
HOH O    O N N 158 
HOH H1   H N N 159 
HOH H2   H N N 160 
ILE N    N N N 161 
ILE CA   C N S 162 
ILE C    C N N 163 
ILE O    O N N 164 
ILE CB   C N S 165 
ILE CG1  C N N 166 
ILE CG2  C N N 167 
ILE CD1  C N N 168 
ILE OXT  O N N 169 
ILE H    H N N 170 
ILE H2   H N N 171 
ILE HA   H N N 172 
ILE HB   H N N 173 
ILE HG12 H N N 174 
ILE HG13 H N N 175 
ILE HG21 H N N 176 
ILE HG22 H N N 177 
ILE HG23 H N N 178 
ILE HD11 H N N 179 
ILE HD12 H N N 180 
ILE HD13 H N N 181 
ILE HXT  H N N 182 
LEU N    N N N 183 
LEU CA   C N S 184 
LEU C    C N N 185 
LEU O    O N N 186 
LEU CB   C N N 187 
LEU CG   C N N 188 
LEU CD1  C N N 189 
LEU CD2  C N N 190 
LEU OXT  O N N 191 
LEU H    H N N 192 
LEU H2   H N N 193 
LEU HA   H N N 194 
LEU HB2  H N N 195 
LEU HB3  H N N 196 
LEU HG   H N N 197 
LEU HD11 H N N 198 
LEU HD12 H N N 199 
LEU HD13 H N N 200 
LEU HD21 H N N 201 
LEU HD22 H N N 202 
LEU HD23 H N N 203 
LEU HXT  H N N 204 
LYS N    N N N 205 
LYS CA   C N S 206 
LYS C    C N N 207 
LYS O    O N N 208 
LYS CB   C N N 209 
LYS CG   C N N 210 
LYS CD   C N N 211 
LYS CE   C N N 212 
LYS NZ   N N N 213 
LYS OXT  O N N 214 
LYS H    H N N 215 
LYS H2   H N N 216 
LYS HA   H N N 217 
LYS HB2  H N N 218 
LYS HB3  H N N 219 
LYS HG2  H N N 220 
LYS HG3  H N N 221 
LYS HD2  H N N 222 
LYS HD3  H N N 223 
LYS HE2  H N N 224 
LYS HE3  H N N 225 
LYS HZ1  H N N 226 
LYS HZ2  H N N 227 
LYS HZ3  H N N 228 
LYS HXT  H N N 229 
MET N    N N N 230 
MET CA   C N S 231 
MET C    C N N 232 
MET O    O N N 233 
MET CB   C N N 234 
MET CG   C N N 235 
MET SD   S N N 236 
MET CE   C N N 237 
MET OXT  O N N 238 
MET H    H N N 239 
MET H2   H N N 240 
MET HA   H N N 241 
MET HB2  H N N 242 
MET HB3  H N N 243 
MET HG2  H N N 244 
MET HG3  H N N 245 
MET HE1  H N N 246 
MET HE2  H N N 247 
MET HE3  H N N 248 
MET HXT  H N N 249 
PHE N    N N N 250 
PHE CA   C N S 251 
PHE C    C N N 252 
PHE O    O N N 253 
PHE CB   C N N 254 
PHE CG   C Y N 255 
PHE CD1  C Y N 256 
PHE CD2  C Y N 257 
PHE CE1  C Y N 258 
PHE CE2  C Y N 259 
PHE CZ   C Y N 260 
PHE OXT  O N N 261 
PHE H    H N N 262 
PHE H2   H N N 263 
PHE HA   H N N 264 
PHE HB2  H N N 265 
PHE HB3  H N N 266 
PHE HD1  H N N 267 
PHE HD2  H N N 268 
PHE HE1  H N N 269 
PHE HE2  H N N 270 
PHE HZ   H N N 271 
PHE HXT  H N N 272 
PRO N    N N N 273 
PRO CA   C N S 274 
PRO C    C N N 275 
PRO O    O N N 276 
PRO CB   C N N 277 
PRO CG   C N N 278 
PRO CD   C N N 279 
PRO OXT  O N N 280 
PRO H    H N N 281 
PRO HA   H N N 282 
PRO HB2  H N N 283 
PRO HB3  H N N 284 
PRO HG2  H N N 285 
PRO HG3  H N N 286 
PRO HD2  H N N 287 
PRO HD3  H N N 288 
PRO HXT  H N N 289 
SER N    N N N 290 
SER CA   C N S 291 
SER C    C N N 292 
SER O    O N N 293 
SER CB   C N N 294 
SER OG   O N N 295 
SER OXT  O N N 296 
SER H    H N N 297 
SER H2   H N N 298 
SER HA   H N N 299 
SER HB2  H N N 300 
SER HB3  H N N 301 
SER HG   H N N 302 
SER HXT  H N N 303 
THR N    N N N 304 
THR CA   C N S 305 
THR C    C N N 306 
THR O    O N N 307 
THR CB   C N R 308 
THR OG1  O N N 309 
THR CG2  C N N 310 
THR OXT  O N N 311 
THR H    H N N 312 
THR H2   H N N 313 
THR HA   H N N 314 
THR HB   H N N 315 
THR HG1  H N N 316 
THR HG21 H N N 317 
THR HG22 H N N 318 
THR HG23 H N N 319 
THR HXT  H N N 320 
TRP N    N N N 321 
TRP CA   C N S 322 
TRP C    C N N 323 
TRP O    O N N 324 
TRP CB   C N N 325 
TRP CG   C Y N 326 
TRP CD1  C Y N 327 
TRP CD2  C Y N 328 
TRP NE1  N Y N 329 
TRP CE2  C Y N 330 
TRP CE3  C Y N 331 
TRP CZ2  C Y N 332 
TRP CZ3  C Y N 333 
TRP CH2  C Y N 334 
TRP OXT  O N N 335 
TRP H    H N N 336 
TRP H2   H N N 337 
TRP HA   H N N 338 
TRP HB2  H N N 339 
TRP HB3  H N N 340 
TRP HD1  H N N 341 
TRP HE1  H N N 342 
TRP HE3  H N N 343 
TRP HZ2  H N N 344 
TRP HZ3  H N N 345 
TRP HH2  H N N 346 
TRP HXT  H N N 347 
TYR N    N N N 348 
TYR CA   C N S 349 
TYR C    C N N 350 
TYR O    O N N 351 
TYR CB   C N N 352 
TYR CG   C Y N 353 
TYR CD1  C Y N 354 
TYR CD2  C Y N 355 
TYR CE1  C Y N 356 
TYR CE2  C Y N 357 
TYR CZ   C Y N 358 
TYR OH   O N N 359 
TYR OXT  O N N 360 
TYR H    H N N 361 
TYR H2   H N N 362 
TYR HA   H N N 363 
TYR HB2  H N N 364 
TYR HB3  H N N 365 
TYR HD1  H N N 366 
TYR HD2  H N N 367 
TYR HE1  H N N 368 
TYR HE2  H N N 369 
TYR HH   H N N 370 
TYR HXT  H N N 371 
VAL N    N N N 372 
VAL CA   C N S 373 
VAL C    C N N 374 
VAL O    O N N 375 
VAL CB   C N N 376 
VAL CG1  C N N 377 
VAL CG2  C N N 378 
VAL OXT  O N N 379 
VAL H    H N N 380 
VAL H2   H N N 381 
VAL HA   H N N 382 
VAL HB   H N N 383 
VAL HG11 H N N 384 
VAL HG12 H N N 385 
VAL HG13 H N N 386 
VAL HG21 H N N 387 
VAL HG22 H N N 388 
VAL HG23 H N N 389 
VAL HXT  H N N 390 
# 
loop_
_chem_comp_bond.comp_id 
_chem_comp_bond.atom_id_1 
_chem_comp_bond.atom_id_2 
_chem_comp_bond.value_order 
_chem_comp_bond.pdbx_aromatic_flag 
_chem_comp_bond.pdbx_stereo_config 
_chem_comp_bond.pdbx_ordinal 
ALA N   CA   sing N N 1   
ALA N   H    sing N N 2   
ALA N   H2   sing N N 3   
ALA CA  C    sing N N 4   
ALA CA  CB   sing N N 5   
ALA CA  HA   sing N N 6   
ALA C   O    doub N N 7   
ALA C   OXT  sing N N 8   
ALA CB  HB1  sing N N 9   
ALA CB  HB2  sing N N 10  
ALA CB  HB3  sing N N 11  
ALA OXT HXT  sing N N 12  
ARG N   CA   sing N N 13  
ARG N   H    sing N N 14  
ARG N   H2   sing N N 15  
ARG CA  C    sing N N 16  
ARG CA  CB   sing N N 17  
ARG CA  HA   sing N N 18  
ARG C   O    doub N N 19  
ARG C   OXT  sing N N 20  
ARG CB  CG   sing N N 21  
ARG CB  HB2  sing N N 22  
ARG CB  HB3  sing N N 23  
ARG CG  CD   sing N N 24  
ARG CG  HG2  sing N N 25  
ARG CG  HG3  sing N N 26  
ARG CD  NE   sing N N 27  
ARG CD  HD2  sing N N 28  
ARG CD  HD3  sing N N 29  
ARG NE  CZ   sing N N 30  
ARG NE  HE   sing N N 31  
ARG CZ  NH1  sing N N 32  
ARG CZ  NH2  doub N N 33  
ARG NH1 HH11 sing N N 34  
ARG NH1 HH12 sing N N 35  
ARG NH2 HH21 sing N N 36  
ARG NH2 HH22 sing N N 37  
ARG OXT HXT  sing N N 38  
ASN N   CA   sing N N 39  
ASN N   H    sing N N 40  
ASN N   H2   sing N N 41  
ASN CA  C    sing N N 42  
ASN CA  CB   sing N N 43  
ASN CA  HA   sing N N 44  
ASN C   O    doub N N 45  
ASN C   OXT  sing N N 46  
ASN CB  CG   sing N N 47  
ASN CB  HB2  sing N N 48  
ASN CB  HB3  sing N N 49  
ASN CG  OD1  doub N N 50  
ASN CG  ND2  sing N N 51  
ASN ND2 HD21 sing N N 52  
ASN ND2 HD22 sing N N 53  
ASN OXT HXT  sing N N 54  
ASP N   CA   sing N N 55  
ASP N   H    sing N N 56  
ASP N   H2   sing N N 57  
ASP CA  C    sing N N 58  
ASP CA  CB   sing N N 59  
ASP CA  HA   sing N N 60  
ASP C   O    doub N N 61  
ASP C   OXT  sing N N 62  
ASP CB  CG   sing N N 63  
ASP CB  HB2  sing N N 64  
ASP CB  HB3  sing N N 65  
ASP CG  OD1  doub N N 66  
ASP CG  OD2  sing N N 67  
ASP OD2 HD2  sing N N 68  
ASP OXT HXT  sing N N 69  
CYS N   CA   sing N N 70  
CYS N   H    sing N N 71  
CYS N   H2   sing N N 72  
CYS CA  C    sing N N 73  
CYS CA  CB   sing N N 74  
CYS CA  HA   sing N N 75  
CYS C   O    doub N N 76  
CYS C   OXT  sing N N 77  
CYS CB  SG   sing N N 78  
CYS CB  HB2  sing N N 79  
CYS CB  HB3  sing N N 80  
CYS SG  HG   sing N N 81  
CYS OXT HXT  sing N N 82  
GLN N   CA   sing N N 83  
GLN N   H    sing N N 84  
GLN N   H2   sing N N 85  
GLN CA  C    sing N N 86  
GLN CA  CB   sing N N 87  
GLN CA  HA   sing N N 88  
GLN C   O    doub N N 89  
GLN C   OXT  sing N N 90  
GLN CB  CG   sing N N 91  
GLN CB  HB2  sing N N 92  
GLN CB  HB3  sing N N 93  
GLN CG  CD   sing N N 94  
GLN CG  HG2  sing N N 95  
GLN CG  HG3  sing N N 96  
GLN CD  OE1  doub N N 97  
GLN CD  NE2  sing N N 98  
GLN NE2 HE21 sing N N 99  
GLN NE2 HE22 sing N N 100 
GLN OXT HXT  sing N N 101 
GLU N   CA   sing N N 102 
GLU N   H    sing N N 103 
GLU N   H2   sing N N 104 
GLU CA  C    sing N N 105 
GLU CA  CB   sing N N 106 
GLU CA  HA   sing N N 107 
GLU C   O    doub N N 108 
GLU C   OXT  sing N N 109 
GLU CB  CG   sing N N 110 
GLU CB  HB2  sing N N 111 
GLU CB  HB3  sing N N 112 
GLU CG  CD   sing N N 113 
GLU CG  HG2  sing N N 114 
GLU CG  HG3  sing N N 115 
GLU CD  OE1  doub N N 116 
GLU CD  OE2  sing N N 117 
GLU OE2 HE2  sing N N 118 
GLU OXT HXT  sing N N 119 
GLY N   CA   sing N N 120 
GLY N   H    sing N N 121 
GLY N   H2   sing N N 122 
GLY CA  C    sing N N 123 
GLY CA  HA2  sing N N 124 
GLY CA  HA3  sing N N 125 
GLY C   O    doub N N 126 
GLY C   OXT  sing N N 127 
GLY OXT HXT  sing N N 128 
HIS N   CA   sing N N 129 
HIS N   H    sing N N 130 
HIS N   H2   sing N N 131 
HIS CA  C    sing N N 132 
HIS CA  CB   sing N N 133 
HIS CA  HA   sing N N 134 
HIS C   O    doub N N 135 
HIS C   OXT  sing N N 136 
HIS CB  CG   sing N N 137 
HIS CB  HB2  sing N N 138 
HIS CB  HB3  sing N N 139 
HIS CG  ND1  sing Y N 140 
HIS CG  CD2  doub Y N 141 
HIS ND1 CE1  doub Y N 142 
HIS ND1 HD1  sing N N 143 
HIS CD2 NE2  sing Y N 144 
HIS CD2 HD2  sing N N 145 
HIS CE1 NE2  sing Y N 146 
HIS CE1 HE1  sing N N 147 
HIS NE2 HE2  sing N N 148 
HIS OXT HXT  sing N N 149 
HOH O   H1   sing N N 150 
HOH O   H2   sing N N 151 
ILE N   CA   sing N N 152 
ILE N   H    sing N N 153 
ILE N   H2   sing N N 154 
ILE CA  C    sing N N 155 
ILE CA  CB   sing N N 156 
ILE CA  HA   sing N N 157 
ILE C   O    doub N N 158 
ILE C   OXT  sing N N 159 
ILE CB  CG1  sing N N 160 
ILE CB  CG2  sing N N 161 
ILE CB  HB   sing N N 162 
ILE CG1 CD1  sing N N 163 
ILE CG1 HG12 sing N N 164 
ILE CG1 HG13 sing N N 165 
ILE CG2 HG21 sing N N 166 
ILE CG2 HG22 sing N N 167 
ILE CG2 HG23 sing N N 168 
ILE CD1 HD11 sing N N 169 
ILE CD1 HD12 sing N N 170 
ILE CD1 HD13 sing N N 171 
ILE OXT HXT  sing N N 172 
LEU N   CA   sing N N 173 
LEU N   H    sing N N 174 
LEU N   H2   sing N N 175 
LEU CA  C    sing N N 176 
LEU CA  CB   sing N N 177 
LEU CA  HA   sing N N 178 
LEU C   O    doub N N 179 
LEU C   OXT  sing N N 180 
LEU CB  CG   sing N N 181 
LEU CB  HB2  sing N N 182 
LEU CB  HB3  sing N N 183 
LEU CG  CD1  sing N N 184 
LEU CG  CD2  sing N N 185 
LEU CG  HG   sing N N 186 
LEU CD1 HD11 sing N N 187 
LEU CD1 HD12 sing N N 188 
LEU CD1 HD13 sing N N 189 
LEU CD2 HD21 sing N N 190 
LEU CD2 HD22 sing N N 191 
LEU CD2 HD23 sing N N 192 
LEU OXT HXT  sing N N 193 
LYS N   CA   sing N N 194 
LYS N   H    sing N N 195 
LYS N   H2   sing N N 196 
LYS CA  C    sing N N 197 
LYS CA  CB   sing N N 198 
LYS CA  HA   sing N N 199 
LYS C   O    doub N N 200 
LYS C   OXT  sing N N 201 
LYS CB  CG   sing N N 202 
LYS CB  HB2  sing N N 203 
LYS CB  HB3  sing N N 204 
LYS CG  CD   sing N N 205 
LYS CG  HG2  sing N N 206 
LYS CG  HG3  sing N N 207 
LYS CD  CE   sing N N 208 
LYS CD  HD2  sing N N 209 
LYS CD  HD3  sing N N 210 
LYS CE  NZ   sing N N 211 
LYS CE  HE2  sing N N 212 
LYS CE  HE3  sing N N 213 
LYS NZ  HZ1  sing N N 214 
LYS NZ  HZ2  sing N N 215 
LYS NZ  HZ3  sing N N 216 
LYS OXT HXT  sing N N 217 
MET N   CA   sing N N 218 
MET N   H    sing N N 219 
MET N   H2   sing N N 220 
MET CA  C    sing N N 221 
MET CA  CB   sing N N 222 
MET CA  HA   sing N N 223 
MET C   O    doub N N 224 
MET C   OXT  sing N N 225 
MET CB  CG   sing N N 226 
MET CB  HB2  sing N N 227 
MET CB  HB3  sing N N 228 
MET CG  SD   sing N N 229 
MET CG  HG2  sing N N 230 
MET CG  HG3  sing N N 231 
MET SD  CE   sing N N 232 
MET CE  HE1  sing N N 233 
MET CE  HE2  sing N N 234 
MET CE  HE3  sing N N 235 
MET OXT HXT  sing N N 236 
PHE N   CA   sing N N 237 
PHE N   H    sing N N 238 
PHE N   H2   sing N N 239 
PHE CA  C    sing N N 240 
PHE CA  CB   sing N N 241 
PHE CA  HA   sing N N 242 
PHE C   O    doub N N 243 
PHE C   OXT  sing N N 244 
PHE CB  CG   sing N N 245 
PHE CB  HB2  sing N N 246 
PHE CB  HB3  sing N N 247 
PHE CG  CD1  doub Y N 248 
PHE CG  CD2  sing Y N 249 
PHE CD1 CE1  sing Y N 250 
PHE CD1 HD1  sing N N 251 
PHE CD2 CE2  doub Y N 252 
PHE CD2 HD2  sing N N 253 
PHE CE1 CZ   doub Y N 254 
PHE CE1 HE1  sing N N 255 
PHE CE2 CZ   sing Y N 256 
PHE CE2 HE2  sing N N 257 
PHE CZ  HZ   sing N N 258 
PHE OXT HXT  sing N N 259 
PRO N   CA   sing N N 260 
PRO N   CD   sing N N 261 
PRO N   H    sing N N 262 
PRO CA  C    sing N N 263 
PRO CA  CB   sing N N 264 
PRO CA  HA   sing N N 265 
PRO C   O    doub N N 266 
PRO C   OXT  sing N N 267 
PRO CB  CG   sing N N 268 
PRO CB  HB2  sing N N 269 
PRO CB  HB3  sing N N 270 
PRO CG  CD   sing N N 271 
PRO CG  HG2  sing N N 272 
PRO CG  HG3  sing N N 273 
PRO CD  HD2  sing N N 274 
PRO CD  HD3  sing N N 275 
PRO OXT HXT  sing N N 276 
SER N   CA   sing N N 277 
SER N   H    sing N N 278 
SER N   H2   sing N N 279 
SER CA  C    sing N N 280 
SER CA  CB   sing N N 281 
SER CA  HA   sing N N 282 
SER C   O    doub N N 283 
SER C   OXT  sing N N 284 
SER CB  OG   sing N N 285 
SER CB  HB2  sing N N 286 
SER CB  HB3  sing N N 287 
SER OG  HG   sing N N 288 
SER OXT HXT  sing N N 289 
THR N   CA   sing N N 290 
THR N   H    sing N N 291 
THR N   H2   sing N N 292 
THR CA  C    sing N N 293 
THR CA  CB   sing N N 294 
THR CA  HA   sing N N 295 
THR C   O    doub N N 296 
THR C   OXT  sing N N 297 
THR CB  OG1  sing N N 298 
THR CB  CG2  sing N N 299 
THR CB  HB   sing N N 300 
THR OG1 HG1  sing N N 301 
THR CG2 HG21 sing N N 302 
THR CG2 HG22 sing N N 303 
THR CG2 HG23 sing N N 304 
THR OXT HXT  sing N N 305 
TRP N   CA   sing N N 306 
TRP N   H    sing N N 307 
TRP N   H2   sing N N 308 
TRP CA  C    sing N N 309 
TRP CA  CB   sing N N 310 
TRP CA  HA   sing N N 311 
TRP C   O    doub N N 312 
TRP C   OXT  sing N N 313 
TRP CB  CG   sing N N 314 
TRP CB  HB2  sing N N 315 
TRP CB  HB3  sing N N 316 
TRP CG  CD1  doub Y N 317 
TRP CG  CD2  sing Y N 318 
TRP CD1 NE1  sing Y N 319 
TRP CD1 HD1  sing N N 320 
TRP CD2 CE2  doub Y N 321 
TRP CD2 CE3  sing Y N 322 
TRP NE1 CE2  sing Y N 323 
TRP NE1 HE1  sing N N 324 
TRP CE2 CZ2  sing Y N 325 
TRP CE3 CZ3  doub Y N 326 
TRP CE3 HE3  sing N N 327 
TRP CZ2 CH2  doub Y N 328 
TRP CZ2 HZ2  sing N N 329 
TRP CZ3 CH2  sing Y N 330 
TRP CZ3 HZ3  sing N N 331 
TRP CH2 HH2  sing N N 332 
TRP OXT HXT  sing N N 333 
TYR N   CA   sing N N 334 
TYR N   H    sing N N 335 
TYR N   H2   sing N N 336 
TYR CA  C    sing N N 337 
TYR CA  CB   sing N N 338 
TYR CA  HA   sing N N 339 
TYR C   O    doub N N 340 
TYR C   OXT  sing N N 341 
TYR CB  CG   sing N N 342 
TYR CB  HB2  sing N N 343 
TYR CB  HB3  sing N N 344 
TYR CG  CD1  doub Y N 345 
TYR CG  CD2  sing Y N 346 
TYR CD1 CE1  sing Y N 347 
TYR CD1 HD1  sing N N 348 
TYR CD2 CE2  doub Y N 349 
TYR CD2 HD2  sing N N 350 
TYR CE1 CZ   doub Y N 351 
TYR CE1 HE1  sing N N 352 
TYR CE2 CZ   sing Y N 353 
TYR CE2 HE2  sing N N 354 
TYR CZ  OH   sing N N 355 
TYR OH  HH   sing N N 356 
TYR OXT HXT  sing N N 357 
VAL N   CA   sing N N 358 
VAL N   H    sing N N 359 
VAL N   H2   sing N N 360 
VAL CA  C    sing N N 361 
VAL CA  CB   sing N N 362 
VAL CA  HA   sing N N 363 
VAL C   O    doub N N 364 
VAL C   OXT  sing N N 365 
VAL CB  CG1  sing N N 366 
VAL CB  CG2  sing N N 367 
VAL CB  HB   sing N N 368 
VAL CG1 HG11 sing N N 369 
VAL CG1 HG12 sing N N 370 
VAL CG1 HG13 sing N N 371 
VAL CG2 HG21 sing N N 372 
VAL CG2 HG22 sing N N 373 
VAL CG2 HG23 sing N N 374 
VAL OXT HXT  sing N N 375 
# 
_pdbx_entity_nonpoly.entity_id   2 
_pdbx_entity_nonpoly.name        water 
_pdbx_entity_nonpoly.comp_id     HOH 
# 
_pdbx_initial_refinement_model.id               1 
_pdbx_initial_refinement_model.entity_id_list   ? 
_pdbx_initial_refinement_model.type             'experimental model' 
_pdbx_initial_refinement_model.source_name      PDB 
_pdbx_initial_refinement_model.accession_code   3OAI 
_pdbx_initial_refinement_model.details          ? 
# 
_pdbx_struct_assembly_auth_evidence.id                     1 
_pdbx_struct_assembly_auth_evidence.assembly_id            1 
_pdbx_struct_assembly_auth_evidence.experimental_support   'assay for oligomerization' 
_pdbx_struct_assembly_auth_evidence.details                ? 
# 
